data_2OGE
#
_entry.id   2OGE
#
_cell.length_a   71.798
_cell.length_b   143.820
_cell.length_c   81.132
_cell.angle_alpha   90.000
_cell.angle_beta   106.950
_cell.angle_gamma   90.000
#
_symmetry.space_group_name_H-M   'P 1 21 1'
#
loop_
_entity.id
_entity.type
_entity.pdbx_description
1 polymer Transaminase
2 non-polymer 'CHLORIDE ION'
3 non-polymer 'SODIUM ION'
4 non-polymer 1,2-ETHANEDIOL
5 water water
#
_entity_poly.entity_id   1
_entity_poly.type   'polypeptide(L)'
_entity_poly.pdbx_seq_one_letter_code
;MGSSHHHHHHSSENLYFQGHMSSRAETPRVPFLDLKAAYEELRAETDAAIARVLDSGRYLLGPELEGFEAEFAAYCETDH
AVGVNSGMDALQLALRGLGIGPGDEVIVPSHTYIASWLAVSATGATPVPVEPHEDHPTLDPLLVEKAITPRTRALLPVHL
YGHPADMDALRELADRHGLHIVEDAAQAHGARYRGRRIGAGSSVAAFSFYPG(LLP)NLGCFGDGGAVVTGDPELAERLR
MLRNYGSRQKYSHETKGTNSRLDEMQAAVLRIRLAHLDSWNGRRSALAAEYLSGLAGLPGIGLPVTAPDTDPVWHLFTVR
TERRDELRSHLDARGIDTLTHYPVPVHLSPAYAGEAPPEGSLPRAESFARQVLSLPIGPHLERPQALRVIDAVREWAERV
DQA
;
_entity_poly.pdbx_strand_id   A,B,C,D
#
loop_
_chem_comp.id
_chem_comp.type
_chem_comp.name
_chem_comp.formula
CL non-polymer 'CHLORIDE ION' 'Cl -1'
EDO non-polymer 1,2-ETHANEDIOL 'C2 H6 O2'
NA non-polymer 'SODIUM ION' 'Na 1'
#
# COMPACT_ATOMS: atom_id res chain seq x y z
N PRO A 28 9.37 29.41 -43.48
CA PRO A 28 8.81 28.53 -42.47
C PRO A 28 9.37 27.12 -42.63
N ARG A 29 10.14 26.71 -41.63
CA ARG A 29 10.79 25.43 -41.57
C ARG A 29 9.85 24.34 -41.07
N VAL A 30 10.30 23.11 -41.26
CA VAL A 30 9.53 21.99 -40.76
C VAL A 30 10.27 21.58 -39.49
N PRO A 31 9.64 21.76 -38.33
CA PRO A 31 10.32 21.42 -37.09
C PRO A 31 10.28 19.92 -36.86
N PHE A 32 11.24 19.43 -36.11
CA PHE A 32 11.34 18.02 -35.82
C PHE A 32 10.23 17.52 -34.88
N LEU A 33 9.97 18.32 -33.86
CA LEU A 33 8.98 18.00 -32.86
C LEU A 33 8.69 19.21 -31.99
N ASP A 34 7.55 19.83 -32.25
CA ASP A 34 7.14 21.01 -31.54
C ASP A 34 6.56 20.79 -30.15
N LEU A 35 7.38 21.04 -29.13
CA LEU A 35 6.92 20.87 -27.75
C LEU A 35 5.86 21.91 -27.36
N LYS A 36 6.07 23.16 -27.72
CA LYS A 36 5.13 24.21 -27.40
C LYS A 36 3.69 23.91 -27.85
N ALA A 37 3.56 23.34 -29.04
CA ALA A 37 2.27 22.97 -29.63
C ALA A 37 1.51 21.97 -28.78
N ALA A 38 2.26 21.16 -28.01
CA ALA A 38 1.61 20.21 -27.15
C ALA A 38 0.99 20.92 -25.96
N TYR A 39 1.62 22.03 -25.58
CA TYR A 39 1.11 22.80 -24.49
C TYR A 39 -0.08 23.60 -25.01
N GLU A 40 0.16 24.29 -26.11
CA GLU A 40 -0.84 25.10 -26.69
C GLU A 40 -2.12 24.34 -26.95
N GLU A 41 -2.02 23.11 -27.40
CA GLU A 41 -3.27 22.42 -27.65
C GLU A 41 -4.11 22.22 -26.40
N LEU A 42 -3.47 22.10 -25.23
CA LEU A 42 -4.24 21.90 -24.01
C LEU A 42 -3.94 22.97 -22.96
N ARG A 43 -3.64 24.17 -23.44
CA ARG A 43 -3.31 25.31 -22.58
C ARG A 43 -4.17 25.44 -21.35
N ALA A 44 -5.45 25.66 -21.57
CA ALA A 44 -6.33 25.83 -20.43
C ALA A 44 -6.31 24.70 -19.40
N GLU A 45 -6.49 23.47 -19.88
CA GLU A 45 -6.50 22.31 -19.01
C GLU A 45 -5.20 22.19 -18.28
N THR A 46 -4.11 22.42 -19.01
CA THR A 46 -2.78 22.34 -18.44
C THR A 46 -2.58 23.40 -17.37
N ASP A 47 -2.92 24.63 -17.72
CA ASP A 47 -2.78 25.68 -16.73
C ASP A 47 -3.59 25.36 -15.48
N ALA A 48 -4.82 24.87 -15.65
CA ALA A 48 -5.62 24.57 -14.49
C ALA A 48 -5.07 23.47 -13.59
N ALA A 49 -4.56 22.40 -14.18
CA ALA A 49 -4.03 21.31 -13.36
C ALA A 49 -2.86 21.82 -12.52
N ILE A 50 -1.99 22.58 -13.17
CA ILE A 50 -0.85 23.13 -12.48
C ILE A 50 -1.30 24.05 -11.35
N ALA A 51 -2.24 24.92 -11.69
CA ALA A 51 -2.77 25.83 -10.71
C ALA A 51 -3.31 25.03 -9.56
N ARG A 52 -3.91 23.90 -9.91
CA ARG A 52 -4.47 23.05 -8.89
C ARG A 52 -3.44 22.50 -7.97
N VAL A 53 -2.37 22.02 -8.53
CA VAL A 53 -1.34 21.48 -7.71
C VAL A 53 -0.77 22.56 -6.80
N LEU A 54 -0.58 23.72 -7.37
CA LEU A 54 -0.01 24.82 -6.57
C LEU A 54 -0.80 25.09 -5.31
N ASP A 55 -2.10 25.21 -5.53
CA ASP A 55 -3.04 25.48 -4.47
C ASP A 55 -3.18 24.36 -3.49
N SER A 56 -2.85 23.15 -3.89
CA SER A 56 -3.00 22.00 -3.02
C SER A 56 -2.08 22.01 -1.80
N GLY A 57 -0.88 22.59 -1.95
CA GLY A 57 0.08 22.60 -0.86
C GLY A 57 0.73 21.22 -0.69
N ARG A 58 0.46 20.32 -1.65
CA ARG A 58 1.00 18.97 -1.67
C ARG A 58 1.75 18.82 -3.00
N TYR A 59 3.08 18.75 -2.93
CA TYR A 59 3.86 18.70 -4.15
C TYR A 59 4.52 17.38 -4.50
N LEU A 60 4.56 16.48 -3.54
CA LEU A 60 5.17 15.20 -3.76
C LEU A 60 4.36 14.06 -3.17
N LEU A 61 4.38 12.93 -3.84
CA LEU A 61 3.69 11.77 -3.35
C LEU A 61 2.28 12.13 -2.93
N GLY A 62 1.56 12.77 -3.83
CA GLY A 62 0.19 13.17 -3.57
C GLY A 62 -0.82 12.40 -4.41
N PRO A 63 -2.00 12.98 -4.49
CA PRO A 63 -3.12 12.45 -5.23
C PRO A 63 -2.91 12.50 -6.74
N GLU A 64 -2.11 13.45 -7.22
CA GLU A 64 -1.90 13.49 -8.67
C GLU A 64 -1.12 12.28 -9.10
N LEU A 65 -0.11 11.95 -8.30
CA LEU A 65 0.74 10.80 -8.59
C LEU A 65 -0.03 9.50 -8.51
N GLU A 66 -0.88 9.45 -7.51
CA GLU A 66 -1.71 8.27 -7.35
C GLU A 66 -2.67 8.13 -8.50
N GLY A 67 -3.30 9.24 -8.83
CA GLY A 67 -4.23 9.21 -9.94
C GLY A 67 -3.56 8.83 -11.25
N PHE A 68 -2.38 9.42 -11.49
CA PHE A 68 -1.66 9.14 -12.72
C PHE A 68 -1.31 7.66 -12.80
N GLU A 69 -0.75 7.17 -11.71
CA GLU A 69 -0.33 5.80 -11.64
C GLU A 69 -1.49 4.89 -11.95
N ALA A 70 -2.60 5.16 -11.30
CA ALA A 70 -3.77 4.34 -11.52
C ALA A 70 -4.17 4.38 -12.98
N GLU A 71 -4.27 5.59 -13.48
CA GLU A 71 -4.66 5.79 -14.84
C GLU A 71 -3.67 5.18 -15.83
N PHE A 72 -2.37 5.40 -15.59
CA PHE A 72 -1.36 4.85 -16.47
C PHE A 72 -1.33 3.33 -16.43
N ALA A 73 -1.53 2.74 -15.24
CA ALA A 73 -1.56 1.28 -15.09
C ALA A 73 -2.71 0.63 -15.90
N ALA A 74 -3.89 1.25 -15.78
CA ALA A 74 -5.04 0.76 -16.53
C ALA A 74 -4.80 0.90 -18.02
N TYR A 75 -4.18 1.99 -18.41
CA TYR A 75 -3.89 2.22 -19.81
C TYR A 75 -3.00 1.13 -20.36
N CYS A 76 -2.01 0.73 -19.55
CA CYS A 76 -1.07 -0.33 -19.95
C CYS A 76 -1.58 -1.75 -19.73
N GLU A 77 -2.84 -1.84 -19.33
CA GLU A 77 -3.43 -3.17 -19.10
C GLU A 77 -2.70 -3.94 -18.00
N THR A 78 -2.29 -3.23 -16.96
CA THR A 78 -1.60 -3.91 -15.89
C THR A 78 -2.10 -3.39 -14.53
N ASP A 79 -1.53 -3.97 -13.48
CA ASP A 79 -1.91 -3.68 -12.10
C ASP A 79 -1.28 -2.51 -11.41
N HIS A 80 0.00 -2.29 -11.68
CA HIS A 80 0.68 -1.21 -11.00
C HIS A 80 1.54 -0.33 -11.89
N ALA A 81 1.53 0.95 -11.53
CA ALA A 81 2.36 1.94 -12.18
C ALA A 81 3.12 2.63 -11.04
N VAL A 82 4.45 2.66 -11.13
CA VAL A 82 5.25 3.31 -10.11
C VAL A 82 6.00 4.47 -10.74
N GLY A 83 5.53 5.68 -10.46
CA GLY A 83 6.14 6.86 -11.03
C GLY A 83 7.49 7.13 -10.38
N VAL A 84 8.47 7.43 -11.23
CA VAL A 84 9.81 7.74 -10.81
C VAL A 84 10.27 9.01 -11.50
N ASN A 85 11.52 9.37 -11.31
CA ASN A 85 12.08 10.57 -11.88
C ASN A 85 12.46 10.55 -13.35
N SER A 86 12.77 9.39 -13.92
CA SER A 86 13.17 9.40 -15.31
C SER A 86 13.18 8.02 -15.88
N GLY A 87 13.29 7.96 -17.21
CA GLY A 87 13.30 6.67 -17.84
C GLY A 87 14.52 5.91 -17.37
N MET A 88 15.61 6.60 -17.13
CA MET A 88 16.76 5.84 -16.69
C MET A 88 16.56 5.18 -15.34
N ASP A 89 16.03 5.92 -14.37
CA ASP A 89 15.84 5.31 -13.06
C ASP A 89 14.84 4.17 -13.13
N ALA A 90 13.85 4.39 -13.99
CA ALA A 90 12.83 3.38 -14.17
C ALA A 90 13.49 2.03 -14.47
N LEU A 91 14.40 2.04 -15.46
CA LEU A 91 15.10 0.81 -15.86
C LEU A 91 15.98 0.28 -14.74
N GLN A 92 16.71 1.20 -14.13
CA GLN A 92 17.62 0.85 -13.06
C GLN A 92 16.92 0.30 -11.83
N LEU A 93 15.84 0.95 -11.41
CA LEU A 93 15.11 0.48 -10.23
C LEU A 93 14.41 -0.85 -10.51
N ALA A 94 13.99 -1.04 -11.75
CA ALA A 94 13.33 -2.27 -12.13
C ALA A 94 14.35 -3.42 -12.02
N LEU A 95 15.53 -3.20 -12.59
CA LEU A 95 16.55 -4.23 -12.52
C LEU A 95 16.93 -4.46 -11.08
N ARG A 96 17.05 -3.37 -10.33
CA ARG A 96 17.42 -3.45 -8.91
C ARG A 96 16.38 -4.23 -8.13
N GLY A 97 15.13 -3.84 -8.33
CA GLY A 97 14.05 -4.50 -7.64
C GLY A 97 13.98 -5.97 -7.97
N LEU A 98 14.60 -6.36 -9.08
CA LEU A 98 14.59 -7.75 -9.50
C LEU A 98 15.86 -8.45 -9.06
N GLY A 99 16.59 -7.77 -8.20
CA GLY A 99 17.81 -8.32 -7.65
C GLY A 99 19.02 -8.39 -8.59
N ILE A 100 19.01 -7.66 -9.68
CA ILE A 100 20.15 -7.71 -10.58
C ILE A 100 21.29 -6.85 -10.05
N GLY A 101 22.53 -7.35 -10.15
CA GLY A 101 23.66 -6.58 -9.65
C GLY A 101 24.97 -7.14 -10.14
N PRO A 102 26.03 -6.78 -9.43
CA PRO A 102 27.34 -7.26 -9.81
C PRO A 102 27.38 -8.74 -10.05
N GLY A 103 28.10 -9.12 -11.09
CA GLY A 103 28.27 -10.51 -11.49
C GLY A 103 27.14 -10.96 -12.39
N ASP A 104 26.10 -10.15 -12.49
CA ASP A 104 25.00 -10.54 -13.36
C ASP A 104 25.21 -9.97 -14.74
N GLU A 105 24.58 -10.64 -15.71
CA GLU A 105 24.65 -10.17 -17.07
C GLU A 105 23.23 -9.85 -17.48
N VAL A 106 23.06 -8.78 -18.21
CA VAL A 106 21.77 -8.37 -18.70
C VAL A 106 21.95 -8.21 -20.20
N ILE A 107 21.19 -8.95 -20.99
CA ILE A 107 21.36 -8.79 -22.42
C ILE A 107 20.69 -7.48 -22.81
N VAL A 108 21.45 -6.67 -23.53
CA VAL A 108 20.96 -5.39 -24.00
C VAL A 108 21.15 -5.37 -25.49
N PRO A 109 20.46 -4.45 -26.16
CA PRO A 109 20.58 -4.38 -27.60
C PRO A 109 21.81 -3.64 -28.04
N SER A 110 22.44 -4.10 -29.13
CA SER A 110 23.61 -3.36 -29.60
C SER A 110 23.17 -2.02 -30.20
N HIS A 111 21.93 -2.00 -30.70
CA HIS A 111 21.37 -0.82 -31.33
C HIS A 111 20.29 -0.24 -30.46
N THR A 112 20.64 0.83 -29.79
CA THR A 112 19.73 1.50 -28.90
C THR A 112 20.35 2.79 -28.42
N TYR A 113 19.65 3.49 -27.56
CA TYR A 113 20.18 4.71 -26.97
C TYR A 113 21.00 4.32 -25.74
N ILE A 114 22.15 4.95 -25.52
CA ILE A 114 23.07 4.66 -24.44
C ILE A 114 22.44 4.46 -23.04
N ALA A 115 21.39 5.21 -22.73
CA ALA A 115 20.74 5.08 -21.43
C ALA A 115 20.40 3.64 -21.11
N SER A 116 20.04 2.89 -22.14
CA SER A 116 19.67 1.50 -21.95
C SER A 116 20.82 0.76 -21.31
N TRP A 117 22.03 1.06 -21.79
CA TRP A 117 23.16 0.36 -21.19
C TRP A 117 23.50 0.97 -19.86
N LEU A 118 23.40 2.29 -19.79
CA LEU A 118 23.73 2.98 -18.56
C LEU A 118 23.01 2.44 -17.33
N ALA A 119 21.70 2.15 -17.45
CA ALA A 119 20.86 1.62 -16.38
C ALA A 119 21.35 0.27 -15.86
N VAL A 120 21.90 -0.53 -16.76
CA VAL A 120 22.43 -1.82 -16.36
C VAL A 120 23.72 -1.55 -15.59
N SER A 121 24.56 -0.72 -16.20
CA SER A 121 25.85 -0.39 -15.60
C SER A 121 25.69 0.15 -14.22
N ALA A 122 24.69 0.99 -14.06
CA ALA A 122 24.41 1.61 -12.78
C ALA A 122 24.10 0.62 -11.67
N THR A 123 23.60 -0.57 -12.01
CA THR A 123 23.30 -1.52 -10.96
C THR A 123 24.50 -2.36 -10.60
N GLY A 124 25.59 -2.20 -11.33
CA GLY A 124 26.75 -3.02 -11.05
C GLY A 124 26.78 -4.24 -11.98
N ALA A 125 25.65 -4.54 -12.62
CA ALA A 125 25.60 -5.68 -13.53
C ALA A 125 26.31 -5.36 -14.86
N THR A 126 26.52 -6.40 -15.66
CA THR A 126 27.19 -6.32 -16.96
C THR A 126 26.23 -6.40 -18.15
N PRO A 127 26.31 -5.42 -19.04
CA PRO A 127 25.46 -5.40 -20.21
C PRO A 127 26.13 -6.17 -21.31
N VAL A 128 25.36 -7.03 -21.96
CA VAL A 128 25.88 -7.83 -23.05
C VAL A 128 25.02 -7.51 -24.25
N PRO A 129 25.62 -6.86 -25.23
CA PRO A 129 24.96 -6.40 -26.43
C PRO A 129 24.56 -7.47 -27.41
N VAL A 130 23.34 -7.33 -27.91
CA VAL A 130 22.79 -8.24 -28.90
C VAL A 130 22.25 -7.45 -30.09
N GLU A 131 22.68 -7.88 -31.29
CA GLU A 131 22.31 -7.27 -32.58
C GLU A 131 20.81 -7.27 -32.92
N PRO A 132 20.38 -6.27 -33.70
CA PRO A 132 18.97 -6.18 -34.06
C PRO A 132 18.65 -7.14 -35.21
N HIS A 133 17.35 -7.35 -35.43
CA HIS A 133 16.86 -8.20 -36.50
C HIS A 133 17.31 -7.58 -37.80
N GLU A 134 17.46 -8.37 -38.85
CA GLU A 134 17.87 -7.80 -40.12
C GLU A 134 16.82 -6.84 -40.66
N ASP A 135 15.58 -6.95 -40.25
CA ASP A 135 14.58 -6.04 -40.81
C ASP A 135 13.93 -5.09 -39.80
N HIS A 136 14.14 -5.31 -38.52
CA HIS A 136 13.53 -4.53 -37.47
C HIS A 136 14.59 -4.08 -36.51
N PRO A 137 14.49 -2.83 -36.05
CA PRO A 137 15.46 -2.23 -35.15
C PRO A 137 15.47 -2.81 -33.75
N THR A 138 14.81 -3.96 -33.54
CA THR A 138 14.77 -4.55 -32.22
C THR A 138 15.63 -5.81 -32.14
N LEU A 139 15.92 -6.20 -30.90
CA LEU A 139 16.70 -7.37 -30.52
C LEU A 139 16.40 -8.61 -31.37
N ASP A 140 17.42 -9.22 -32.01
CA ASP A 140 17.14 -10.43 -32.78
C ASP A 140 16.98 -11.60 -31.80
N PRO A 141 15.78 -12.15 -31.70
CA PRO A 141 15.59 -13.23 -30.77
C PRO A 141 16.54 -14.39 -31.00
N LEU A 142 16.83 -14.64 -32.26
CA LEU A 142 17.72 -15.74 -32.54
C LEU A 142 19.09 -15.46 -31.95
N LEU A 143 19.54 -14.23 -32.06
CA LEU A 143 20.83 -13.85 -31.53
C LEU A 143 20.85 -13.72 -30.02
N VAL A 144 19.68 -13.54 -29.40
CA VAL A 144 19.62 -13.41 -27.96
C VAL A 144 20.07 -14.70 -27.32
N GLU A 145 19.43 -15.78 -27.76
CA GLU A 145 19.70 -17.12 -27.30
C GLU A 145 21.19 -17.44 -27.24
N LYS A 146 21.94 -17.03 -28.25
CA LYS A 146 23.37 -17.27 -28.31
C LYS A 146 24.16 -16.52 -27.27
N ALA A 147 23.68 -15.33 -26.91
CA ALA A 147 24.32 -14.46 -25.94
C ALA A 147 24.08 -14.88 -24.49
N ILE A 148 23.09 -15.74 -24.28
CA ILE A 148 22.76 -16.19 -22.95
C ILE A 148 23.94 -16.94 -22.33
N THR A 149 24.16 -16.74 -21.03
CA THR A 149 25.21 -17.42 -20.27
C THR A 149 24.67 -17.77 -18.90
N PRO A 150 25.46 -18.49 -18.11
CA PRO A 150 25.01 -18.86 -16.79
C PRO A 150 24.89 -17.64 -15.89
N ARG A 151 25.57 -16.56 -16.25
CA ARG A 151 25.54 -15.29 -15.51
C ARG A 151 24.39 -14.39 -15.98
N THR A 152 23.72 -14.80 -17.03
CA THR A 152 22.63 -14.01 -17.53
C THR A 152 21.46 -14.07 -16.58
N ARG A 153 20.87 -12.91 -16.30
CA ARG A 153 19.72 -12.88 -15.38
C ARG A 153 18.51 -12.18 -15.97
N ALA A 154 18.75 -11.41 -17.04
CA ALA A 154 17.67 -10.65 -17.64
C ALA A 154 17.98 -10.23 -19.05
N LEU A 155 16.87 -10.00 -19.74
CA LEU A 155 16.82 -9.56 -21.10
C LEU A 155 16.34 -8.12 -21.05
N LEU A 156 16.97 -7.27 -21.84
CA LEU A 156 16.55 -5.88 -21.83
C LEU A 156 16.20 -5.42 -23.24
N PRO A 157 15.08 -5.90 -23.76
CA PRO A 157 14.69 -5.48 -25.09
C PRO A 157 14.26 -4.02 -25.03
N VAL A 158 14.47 -3.28 -26.11
CA VAL A 158 14.08 -1.89 -26.24
C VAL A 158 13.12 -1.82 -27.43
N HIS A 159 11.93 -1.25 -27.24
CA HIS A 159 10.98 -1.15 -28.36
C HIS A 159 11.29 0.16 -29.02
N LEU A 160 12.41 0.11 -29.72
CA LEU A 160 12.95 1.27 -30.38
C LEU A 160 12.02 1.95 -31.39
N TYR A 161 12.03 3.28 -31.34
CA TYR A 161 11.29 4.14 -32.25
C TYR A 161 9.78 3.96 -32.19
N GLY A 162 9.34 3.20 -31.21
CA GLY A 162 7.94 2.93 -31.04
C GLY A 162 7.54 1.57 -31.63
N HIS A 163 8.55 0.76 -32.04
CA HIS A 163 8.34 -0.57 -32.61
C HIS A 163 8.57 -1.68 -31.57
N PRO A 164 7.54 -2.48 -31.30
CA PRO A 164 7.70 -3.53 -30.32
C PRO A 164 8.55 -4.69 -30.77
N ALA A 165 9.40 -5.12 -29.87
CA ALA A 165 10.25 -6.26 -30.14
C ALA A 165 9.36 -7.49 -30.17
N ASP A 166 9.90 -8.63 -30.61
CA ASP A 166 9.18 -9.89 -30.69
C ASP A 166 9.05 -10.50 -29.30
N MET A 167 8.09 -9.95 -28.55
CA MET A 167 7.86 -10.36 -27.17
C MET A 167 7.59 -11.84 -26.93
N ASP A 168 6.82 -12.49 -27.83
CA ASP A 168 6.55 -13.91 -27.65
C ASP A 168 7.81 -14.75 -27.70
N ALA A 169 8.69 -14.38 -28.61
CA ALA A 169 9.93 -15.12 -28.75
C ALA A 169 10.84 -14.92 -27.55
N LEU A 170 10.99 -13.66 -27.17
CA LEU A 170 11.82 -13.26 -26.05
C LEU A 170 11.29 -13.86 -24.75
N ARG A 171 9.98 -13.88 -24.63
CA ARG A 171 9.40 -14.44 -23.44
C ARG A 171 9.66 -15.95 -23.40
N GLU A 172 9.55 -16.60 -24.55
CA GLU A 172 9.79 -18.02 -24.62
C GLU A 172 11.18 -18.31 -24.15
N LEU A 173 12.09 -17.55 -24.67
CA LEU A 173 13.49 -17.69 -24.31
C LEU A 173 13.73 -17.48 -22.80
N ALA A 174 13.17 -16.37 -22.30
CA ALA A 174 13.29 -15.97 -20.91
C ALA A 174 12.88 -17.08 -19.96
N ASP A 175 11.74 -17.67 -20.27
CA ASP A 175 11.16 -18.75 -19.50
C ASP A 175 12.03 -19.98 -19.51
N ARG A 176 12.50 -20.28 -20.69
CA ARG A 176 13.34 -21.44 -20.84
C ARG A 176 14.68 -21.22 -20.17
N HIS A 177 15.11 -19.98 -20.02
CA HIS A 177 16.39 -19.80 -19.38
C HIS A 177 16.29 -19.23 -17.98
N GLY A 178 15.08 -19.11 -17.49
CA GLY A 178 14.87 -18.56 -16.17
C GLY A 178 15.36 -17.12 -16.02
N LEU A 179 15.15 -16.31 -17.06
CA LEU A 179 15.58 -14.92 -17.03
C LEU A 179 14.42 -13.96 -16.82
N HIS A 180 14.73 -12.75 -16.34
CA HIS A 180 13.67 -11.77 -16.19
C HIS A 180 13.65 -10.97 -17.47
N ILE A 181 12.61 -10.17 -17.65
CA ILE A 181 12.54 -9.30 -18.80
C ILE A 181 12.07 -7.92 -18.40
N VAL A 182 13.00 -6.96 -18.54
CA VAL A 182 12.69 -5.57 -18.23
C VAL A 182 12.65 -4.83 -19.56
N GLU A 183 11.48 -4.35 -19.93
CA GLU A 183 11.35 -3.64 -21.19
C GLU A 183 11.61 -2.15 -21.14
N ASP A 184 12.36 -1.69 -22.15
CA ASP A 184 12.65 -0.29 -22.33
C ASP A 184 11.60 0.19 -23.33
N ALA A 185 10.51 0.69 -22.73
CA ALA A 185 9.36 1.20 -23.45
C ALA A 185 9.30 2.73 -23.50
N ALA A 186 10.44 3.38 -23.25
CA ALA A 186 10.52 4.84 -23.28
C ALA A 186 10.06 5.47 -24.58
N GLN A 187 10.15 4.74 -25.69
CA GLN A 187 9.73 5.27 -26.98
C GLN A 187 8.49 4.55 -27.49
N ALA A 188 7.80 3.81 -26.58
CA ALA A 188 6.65 3.02 -27.00
C ALA A 188 5.32 3.12 -26.27
N HIS A 189 5.07 4.24 -25.58
CA HIS A 189 3.82 4.44 -24.84
C HIS A 189 2.57 4.16 -25.65
N GLY A 190 1.80 3.16 -25.26
CA GLY A 190 0.58 2.91 -26.00
C GLY A 190 0.69 1.87 -27.10
N ALA A 191 1.90 1.52 -27.49
CA ALA A 191 2.04 0.51 -28.53
C ALA A 191 1.47 -0.83 -28.10
N ARG A 192 1.10 -1.61 -29.11
CA ARG A 192 0.52 -2.91 -28.90
C ARG A 192 1.30 -3.99 -29.59
N TYR A 193 1.39 -5.13 -28.93
CA TYR A 193 2.06 -6.28 -29.47
C TYR A 193 1.04 -7.40 -29.43
N ARG A 194 0.64 -7.83 -30.61
CA ARG A 194 -0.34 -8.89 -30.71
C ARG A 194 -1.60 -8.49 -29.99
N GLY A 195 -1.97 -7.21 -30.15
CA GLY A 195 -3.19 -6.66 -29.54
C GLY A 195 -3.11 -6.18 -28.09
N ARG A 196 -2.03 -6.54 -27.40
CA ARG A 196 -1.88 -6.11 -26.02
C ARG A 196 -0.92 -4.95 -25.87
N ARG A 197 -1.26 -4.04 -24.96
CA ARG A 197 -0.42 -2.90 -24.71
C ARG A 197 0.95 -3.35 -24.22
N ILE A 198 1.95 -2.52 -24.50
CA ILE A 198 3.32 -2.76 -24.04
C ILE A 198 3.21 -2.47 -22.54
N GLY A 199 3.58 -3.42 -21.71
CA GLY A 199 3.50 -3.25 -20.26
C GLY A 199 2.32 -4.05 -19.66
N ALA A 200 1.53 -4.70 -20.52
CA ALA A 200 0.38 -5.47 -20.04
C ALA A 200 0.75 -6.67 -19.18
N GLY A 201 -0.19 -7.03 -18.35
CA GLY A 201 -0.06 -8.17 -17.49
C GLY A 201 1.19 -8.34 -16.64
N SER A 202 1.90 -9.41 -16.94
CA SER A 202 3.09 -9.76 -16.18
C SER A 202 4.35 -9.09 -16.68
N SER A 203 4.17 -8.16 -17.58
CA SER A 203 5.29 -7.41 -18.10
C SER A 203 5.88 -6.55 -16.98
N VAL A 204 7.15 -6.20 -17.20
CA VAL A 204 7.89 -5.27 -16.38
C VAL A 204 8.41 -4.30 -17.43
N ALA A 205 7.79 -3.10 -17.52
CA ALA A 205 8.18 -2.13 -18.55
C ALA A 205 8.50 -0.75 -18.01
N ALA A 206 9.59 -0.16 -18.51
CA ALA A 206 10.00 1.16 -18.07
C ALA A 206 9.68 2.21 -19.13
N PHE A 207 9.22 3.35 -18.63
CA PHE A 207 8.84 4.47 -19.44
C PHE A 207 9.50 5.78 -19.00
N SER A 208 9.65 6.69 -19.98
CA SER A 208 10.19 8.02 -19.80
C SER A 208 9.08 8.99 -20.13
N PHE A 209 9.03 10.08 -19.38
CA PHE A 209 8.05 11.12 -19.57
C PHE A 209 8.78 12.40 -19.92
N TYR A 210 10.00 12.20 -20.39
CA TYR A 210 10.83 13.31 -20.80
C TYR A 210 9.98 14.13 -21.78
N PRO A 211 10.14 15.45 -21.77
CA PRO A 211 9.34 16.31 -22.62
C PRO A 211 9.09 15.89 -24.08
N GLY A 212 10.11 15.37 -24.76
CA GLY A 212 10.01 14.94 -26.16
C GLY A 212 9.50 13.52 -26.41
N1 LLP A 213 15.98 4.58 -23.27
C2 LLP A 213 15.38 5.05 -24.35
C2' LLP A 213 15.24 4.17 -25.58
C3 LLP A 213 14.88 6.35 -24.37
O3 LLP A 213 14.28 6.83 -25.47
C4 LLP A 213 15.02 7.16 -23.23
C4' LLP A 213 14.48 8.53 -23.26
C5 LLP A 213 15.68 6.61 -22.10
C6 LLP A 213 16.13 5.30 -22.17
C5' LLP A 213 15.91 7.42 -20.85
OP4 LLP A 213 14.70 7.97 -20.40
P LLP A 213 15.08 9.36 -19.68
OP1 LLP A 213 13.79 9.90 -18.94
OP2 LLP A 213 15.58 10.42 -20.75
OP3 LLP A 213 16.26 9.13 -18.62
N LLP A 213 9.06 12.80 -25.37
CA LLP A 213 8.56 11.45 -25.55
CB LLP A 213 8.73 10.59 -24.29
CG LLP A 213 10.17 10.57 -23.77
CD LLP A 213 11.18 9.86 -24.69
CE LLP A 213 12.61 10.01 -24.15
NZ LLP A 213 13.42 8.79 -24.21
C LLP A 213 7.12 11.46 -26.04
O LLP A 213 6.50 12.52 -26.09
N ASN A 214 6.59 10.30 -26.43
CA ASN A 214 5.21 10.21 -26.94
C ASN A 214 4.23 10.76 -25.93
N LEU A 215 4.52 10.42 -24.68
CA LEU A 215 3.78 10.88 -23.52
C LEU A 215 4.83 11.63 -22.72
N GLY A 216 4.80 12.98 -22.77
CA GLY A 216 5.81 13.74 -22.05
C GLY A 216 5.25 14.85 -21.16
N CYS A 217 6.14 15.40 -20.31
CA CYS A 217 5.72 16.47 -19.42
C CYS A 217 6.57 17.68 -19.62
N PHE A 218 6.68 18.46 -18.55
CA PHE A 218 7.46 19.67 -18.57
C PHE A 218 8.68 19.55 -17.69
N GLY A 219 9.21 18.35 -17.61
CA GLY A 219 10.39 18.14 -16.80
C GLY A 219 10.81 16.72 -16.96
N ASP A 220 11.65 16.23 -16.09
CA ASP A 220 12.01 14.82 -16.23
C ASP A 220 10.92 13.98 -15.55
N GLY A 221 10.73 12.75 -15.99
CA GLY A 221 9.72 11.91 -15.34
C GLY A 221 9.83 10.51 -15.90
N GLY A 222 9.26 9.55 -15.19
CA GLY A 222 9.30 8.18 -15.67
C GLY A 222 8.40 7.27 -14.84
N ALA A 223 8.35 6.01 -15.27
CA ALA A 223 7.54 5.02 -14.58
C ALA A 223 7.89 3.62 -14.96
N VAL A 224 7.62 2.74 -13.99
CA VAL A 224 7.76 1.30 -14.08
C VAL A 224 6.34 0.73 -13.90
N VAL A 225 5.91 -0.13 -14.82
CA VAL A 225 4.60 -0.76 -14.74
C VAL A 225 4.87 -2.22 -14.53
N THR A 226 4.03 -2.86 -13.73
CA THR A 226 4.24 -4.26 -13.48
C THR A 226 2.99 -4.88 -12.91
N GLY A 227 2.89 -6.18 -13.09
CA GLY A 227 1.77 -6.94 -12.57
C GLY A 227 2.15 -7.66 -11.27
N ASP A 228 3.39 -7.51 -10.85
CA ASP A 228 3.93 -8.14 -9.65
C ASP A 228 3.89 -7.20 -8.47
N PRO A 229 3.02 -7.53 -7.51
CA PRO A 229 2.76 -6.79 -6.29
C PRO A 229 3.98 -6.64 -5.37
N GLU A 230 4.82 -7.65 -5.34
CA GLU A 230 6.00 -7.57 -4.50
C GLU A 230 7.00 -6.58 -5.12
N LEU A 231 7.12 -6.65 -6.47
CA LEU A 231 8.00 -5.77 -7.23
C LEU A 231 7.49 -4.36 -7.16
N ALA A 232 6.18 -4.22 -7.25
CA ALA A 232 5.63 -2.89 -7.17
C ALA A 232 6.00 -2.23 -5.83
N GLU A 233 5.93 -3.01 -4.74
CA GLU A 233 6.23 -2.55 -3.38
C GLU A 233 7.68 -2.16 -3.25
N ARG A 234 8.57 -3.04 -3.74
CA ARG A 234 9.99 -2.71 -3.66
C ARG A 234 10.28 -1.41 -4.42
N LEU A 235 9.61 -1.20 -5.57
CA LEU A 235 9.85 0.01 -6.34
C LEU A 235 9.39 1.25 -5.59
N ARG A 236 8.25 1.16 -4.91
CA ARG A 236 7.76 2.31 -4.19
C ARG A 236 8.75 2.67 -3.10
N MET A 237 9.44 1.65 -2.60
CA MET A 237 10.41 1.84 -1.55
C MET A 237 11.74 2.35 -2.06
N LEU A 238 12.21 1.70 -3.10
CA LEU A 238 13.47 2.06 -3.72
C LEU A 238 13.48 3.48 -4.24
N ARG A 239 12.33 3.98 -4.67
CA ARG A 239 12.31 5.35 -5.18
C ARG A 239 12.16 6.33 -4.04
N ASN A 240 11.97 5.80 -2.85
CA ASN A 240 11.74 6.65 -1.71
C ASN A 240 12.59 6.37 -0.48
N TYR A 241 13.89 6.36 -0.70
CA TYR A 241 14.80 6.16 0.39
C TYR A 241 14.64 4.82 1.08
N GLY A 242 14.06 3.84 0.36
CA GLY A 242 13.81 2.50 0.90
C GLY A 242 12.79 2.50 2.06
N SER A 243 11.84 3.42 1.98
CA SER A 243 10.83 3.59 3.00
C SER A 243 9.40 3.53 2.52
N ARG A 244 8.55 2.92 3.37
CA ARG A 244 7.13 2.84 3.11
C ARG A 244 6.37 3.39 4.31
N GLN A 245 7.10 4.17 5.09
CA GLN A 245 6.56 4.80 6.29
C GLN A 245 7.56 5.81 6.80
N LYS A 246 7.08 7.02 7.08
CA LYS A 246 7.94 8.08 7.59
C LYS A 246 8.78 7.59 8.73
N TYR A 247 10.06 7.98 8.68
CA TYR A 247 11.00 7.63 9.72
C TYR A 247 11.42 6.18 9.68
N SER A 248 10.95 5.45 8.70
CA SER A 248 11.33 4.06 8.65
C SER A 248 12.08 3.75 7.35
N HIS A 249 13.19 3.04 7.44
CA HIS A 249 13.95 2.69 6.26
C HIS A 249 14.32 1.20 6.29
N GLU A 250 13.45 0.36 5.71
CA GLU A 250 13.67 -1.08 5.69
C GLU A 250 14.81 -1.52 4.78
N THR A 251 15.02 -0.82 3.69
CA THR A 251 16.09 -1.20 2.80
C THR A 251 16.77 0.07 2.37
N LYS A 252 17.84 -0.08 1.62
CA LYS A 252 18.52 1.09 1.12
C LYS A 252 17.68 1.60 -0.03
N GLY A 253 17.87 2.83 -0.42
CA GLY A 253 17.04 3.30 -1.51
C GLY A 253 17.52 4.64 -1.99
N THR A 254 16.71 5.25 -2.87
CA THR A 254 17.06 6.54 -3.42
C THR A 254 15.90 7.48 -3.51
N ASN A 255 16.19 8.60 -4.19
CA ASN A 255 15.22 9.63 -4.41
C ASN A 255 14.91 9.64 -5.88
N SER A 256 13.82 9.04 -6.31
CA SER A 256 13.47 9.07 -7.73
C SER A 256 11.95 9.13 -7.85
N ARG A 257 11.47 10.36 -7.77
CA ARG A 257 10.05 10.56 -7.80
C ARG A 257 9.60 11.44 -8.95
N LEU A 258 8.29 11.34 -9.22
CA LEU A 258 7.57 12.09 -10.23
C LEU A 258 6.70 13.09 -9.46
N ASP A 259 7.01 14.40 -9.59
CA ASP A 259 6.32 15.52 -8.91
C ASP A 259 4.82 15.57 -9.17
N GLU A 260 4.08 16.17 -8.25
CA GLU A 260 2.64 16.30 -8.41
C GLU A 260 2.31 17.10 -9.65
N MET A 261 3.08 18.18 -9.88
CA MET A 261 2.92 19.06 -11.03
C MET A 261 2.99 18.32 -12.34
N GLN A 262 4.08 17.58 -12.50
CA GLN A 262 4.29 16.80 -13.71
C GLN A 262 3.21 15.73 -13.84
N ALA A 263 2.96 15.03 -12.76
CA ALA A 263 1.92 13.99 -12.78
C ALA A 263 0.56 14.57 -13.19
N ALA A 264 0.25 15.76 -12.71
CA ALA A 264 -1.03 16.36 -13.05
C ALA A 264 -1.13 16.58 -14.54
N VAL A 265 -0.06 17.10 -15.11
CA VAL A 265 -0.02 17.33 -16.53
C VAL A 265 -0.11 16.01 -17.29
N LEU A 266 0.62 15.02 -16.78
CA LEU A 266 0.65 13.71 -17.41
C LEU A 266 -0.74 13.10 -17.57
N ARG A 267 -1.58 13.38 -16.59
CA ARG A 267 -2.93 12.88 -16.58
C ARG A 267 -3.74 13.39 -17.76
N ILE A 268 -3.48 14.64 -18.10
CA ILE A 268 -4.16 15.25 -19.25
C ILE A 268 -3.61 14.66 -20.56
N ARG A 269 -2.30 14.66 -20.69
CA ARG A 269 -1.69 14.11 -21.87
C ARG A 269 -2.12 12.66 -22.11
N LEU A 270 -2.16 11.88 -21.02
CA LEU A 270 -2.53 10.48 -21.09
C LEU A 270 -3.89 10.30 -21.73
N ALA A 271 -4.80 11.23 -21.39
CA ALA A 271 -6.13 11.19 -21.94
C ALA A 271 -6.10 11.40 -23.44
N HIS A 272 -5.04 12.01 -23.95
CA HIS A 272 -4.97 12.22 -25.39
C HIS A 272 -4.00 11.32 -26.10
N LEU A 273 -3.29 10.54 -25.34
CA LEU A 273 -2.29 9.68 -25.90
C LEU A 273 -2.69 8.87 -27.14
N ASP A 274 -3.78 8.13 -27.05
CA ASP A 274 -4.21 7.34 -28.18
C ASP A 274 -4.45 8.18 -29.39
N SER A 275 -5.10 9.29 -29.19
CA SER A 275 -5.36 10.16 -30.31
C SER A 275 -4.08 10.74 -30.91
N TRP A 276 -3.19 11.23 -30.06
CA TRP A 276 -1.95 11.77 -30.59
C TRP A 276 -1.17 10.67 -31.32
N ASN A 277 -1.08 9.48 -30.71
CA ASN A 277 -0.34 8.45 -31.42
C ASN A 277 -0.97 8.16 -32.78
N GLY A 278 -2.30 8.28 -32.83
CA GLY A 278 -3.06 8.05 -34.05
C GLY A 278 -2.61 9.00 -35.15
N ARG A 279 -2.37 10.23 -34.72
CA ARG A 279 -1.89 11.23 -35.64
C ARG A 279 -0.56 10.79 -36.22
N ARG A 280 0.33 10.32 -35.34
CA ARG A 280 1.63 9.85 -35.75
C ARG A 280 1.52 8.72 -36.81
N SER A 281 0.64 7.75 -36.54
CA SER A 281 0.42 6.64 -37.44
C SER A 281 -0.04 7.12 -38.82
N ALA A 282 -0.92 8.11 -38.81
CA ALA A 282 -1.44 8.68 -40.05
C ALA A 282 -0.27 9.25 -40.86
N LEU A 283 0.58 10.01 -40.16
CA LEU A 283 1.76 10.60 -40.78
C LEU A 283 2.66 9.50 -41.28
N ALA A 284 2.86 8.47 -40.43
CA ALA A 284 3.71 7.38 -40.85
C ALA A 284 3.23 6.70 -42.16
N ALA A 285 1.91 6.59 -42.31
CA ALA A 285 1.33 5.96 -43.49
C ALA A 285 1.70 6.74 -44.76
N GLU A 286 1.71 8.07 -44.62
CA GLU A 286 2.05 8.99 -45.69
C GLU A 286 3.48 8.78 -46.13
N TYR A 287 4.39 8.83 -45.16
CA TYR A 287 5.80 8.63 -45.42
C TYR A 287 6.04 7.27 -46.11
N LEU A 288 5.46 6.20 -45.55
CA LEU A 288 5.63 4.87 -46.09
C LEU A 288 5.13 4.73 -47.50
N SER A 289 4.09 5.48 -47.78
CA SER A 289 3.50 5.47 -49.10
C SER A 289 4.29 6.38 -50.04
N GLY A 290 4.47 7.63 -49.61
CA GLY A 290 5.19 8.58 -50.45
C GLY A 290 6.66 8.27 -50.62
N LEU A 291 7.26 7.55 -49.69
CA LEU A 291 8.67 7.28 -49.82
C LEU A 291 8.94 5.96 -50.49
N ALA A 292 7.89 5.23 -50.78
CA ALA A 292 8.07 3.94 -51.40
C ALA A 292 8.85 4.00 -52.71
N GLY A 293 9.63 2.94 -52.94
CA GLY A 293 10.45 2.70 -54.12
C GLY A 293 11.54 3.68 -54.45
N LEU A 294 11.92 4.52 -53.50
CA LEU A 294 12.98 5.49 -53.75
C LEU A 294 14.36 4.85 -53.68
N PRO A 295 15.19 5.24 -54.63
CA PRO A 295 16.53 4.71 -54.65
C PRO A 295 17.29 5.20 -53.43
N GLY A 296 17.98 4.30 -52.76
CA GLY A 296 18.79 4.64 -51.57
C GLY A 296 18.04 4.99 -50.30
N ILE A 297 16.73 4.79 -50.28
CA ILE A 297 15.95 5.10 -49.09
C ILE A 297 15.34 3.84 -48.49
N GLY A 298 15.94 3.36 -47.40
CA GLY A 298 15.50 2.19 -46.67
C GLY A 298 14.42 2.61 -45.66
N LEU A 299 13.24 2.01 -45.78
CA LEU A 299 12.10 2.32 -44.94
C LEU A 299 11.91 1.36 -43.78
N PRO A 300 11.24 1.85 -42.72
CA PRO A 300 10.96 1.07 -41.54
C PRO A 300 9.95 -0.03 -41.83
N VAL A 301 10.20 -1.20 -41.26
CA VAL A 301 9.35 -2.34 -41.45
C VAL A 301 8.50 -2.55 -40.22
N THR A 302 7.19 -2.63 -40.41
CA THR A 302 6.36 -2.85 -39.25
C THR A 302 6.24 -4.36 -39.01
N ALA A 303 6.64 -4.81 -37.82
CA ALA A 303 6.57 -6.23 -37.52
C ALA A 303 5.13 -6.72 -37.52
N PRO A 304 4.99 -8.01 -37.80
CA PRO A 304 3.68 -8.61 -37.84
C PRO A 304 2.99 -8.58 -36.48
N ASP A 305 1.69 -8.33 -36.53
CA ASP A 305 0.85 -8.27 -35.34
C ASP A 305 1.34 -7.28 -34.31
N THR A 306 1.70 -6.09 -34.77
CA THR A 306 2.14 -5.06 -33.88
C THR A 306 1.48 -3.75 -34.29
N ASP A 307 1.36 -2.87 -33.31
CA ASP A 307 0.80 -1.56 -33.48
C ASP A 307 1.81 -0.56 -32.95
N PRO A 308 2.71 -0.16 -33.82
CA PRO A 308 3.74 0.78 -33.50
C PRO A 308 3.17 2.16 -33.20
N VAL A 309 3.92 2.96 -32.41
CA VAL A 309 3.51 4.31 -32.01
C VAL A 309 4.33 5.45 -32.60
N TRP A 310 5.27 5.07 -33.46
CA TRP A 310 6.11 6.00 -34.21
C TRP A 310 6.62 7.16 -33.39
N HIS A 311 7.39 6.84 -32.35
CA HIS A 311 7.97 7.88 -31.55
C HIS A 311 8.93 8.62 -32.47
N LEU A 312 9.56 7.84 -33.38
CA LEU A 312 10.51 8.30 -34.40
C LEU A 312 10.29 7.61 -35.74
N PHE A 313 10.36 8.41 -36.82
CA PHE A 313 10.22 7.88 -38.17
C PHE A 313 11.61 7.90 -38.80
N THR A 314 12.18 6.73 -38.92
CA THR A 314 13.53 6.58 -39.40
C THR A 314 13.66 5.95 -40.76
N VAL A 315 14.65 6.48 -41.46
CA VAL A 315 15.00 6.01 -42.77
C VAL A 315 16.50 5.74 -42.75
N ARG A 316 16.97 4.90 -43.65
CA ARG A 316 18.38 4.54 -43.73
C ARG A 316 18.90 4.75 -45.14
N THR A 317 20.06 5.30 -45.25
CA THR A 317 20.63 5.51 -46.54
C THR A 317 22.13 5.54 -46.37
N GLU A 318 22.83 5.15 -47.43
CA GLU A 318 24.25 5.17 -47.32
C GLU A 318 24.82 6.57 -47.40
N ARG A 319 24.03 7.50 -47.93
CA ARG A 319 24.47 8.88 -48.02
C ARG A 319 23.75 9.80 -47.05
N ARG A 320 23.68 9.29 -45.82
CA ARG A 320 23.02 9.94 -44.72
C ARG A 320 23.39 11.40 -44.53
N ASP A 321 24.68 11.68 -44.41
CA ASP A 321 25.04 13.04 -44.20
C ASP A 321 24.53 13.96 -45.31
N GLU A 322 24.64 13.49 -46.54
CA GLU A 322 24.18 14.26 -47.69
C GLU A 322 22.69 14.54 -47.65
N LEU A 323 21.93 13.48 -47.40
CA LEU A 323 20.49 13.66 -47.35
C LEU A 323 20.13 14.68 -46.26
N ARG A 324 20.76 14.56 -45.09
CA ARG A 324 20.50 15.47 -43.99
C ARG A 324 20.68 16.92 -44.39
N SER A 325 21.79 17.18 -45.07
CA SER A 325 22.10 18.53 -45.50
C SER A 325 21.10 19.04 -46.51
N HIS A 326 20.72 18.16 -47.41
CA HIS A 326 19.77 18.52 -48.40
C HIS A 326 18.49 18.88 -47.68
N LEU A 327 18.06 18.05 -46.75
CA LEU A 327 16.83 18.36 -46.02
C LEU A 327 16.99 19.69 -45.31
N ASP A 328 18.14 19.86 -44.69
CA ASP A 328 18.38 21.11 -43.99
C ASP A 328 18.21 22.27 -45.00
N ALA A 329 18.84 22.13 -46.17
CA ALA A 329 18.74 23.14 -47.21
C ALA A 329 17.31 23.42 -47.62
N ARG A 330 16.48 22.38 -47.58
CA ARG A 330 15.08 22.47 -47.93
C ARG A 330 14.21 22.96 -46.76
N GLY A 331 14.85 23.42 -45.68
CA GLY A 331 14.15 23.94 -44.50
C GLY A 331 13.48 22.89 -43.62
N ILE A 332 14.04 21.68 -43.65
CA ILE A 332 13.49 20.59 -42.87
C ILE A 332 14.42 20.24 -41.72
N ASP A 333 13.90 20.28 -40.50
CA ASP A 333 14.70 19.94 -39.33
C ASP A 333 14.73 18.42 -39.10
N THR A 334 15.92 17.84 -38.91
CA THR A 334 16.02 16.41 -38.62
C THR A 334 16.92 16.14 -37.41
N LEU A 335 16.91 14.90 -36.91
CA LEU A 335 17.74 14.45 -35.80
C LEU A 335 18.26 13.07 -36.19
N THR A 336 19.28 12.58 -35.50
CA THR A 336 19.82 11.27 -35.83
C THR A 336 19.76 10.41 -34.57
N HIS A 337 19.16 9.22 -34.68
CA HIS A 337 19.03 8.32 -33.55
C HIS A 337 19.54 6.94 -33.91
N TYR A 338 20.84 6.65 -33.73
CA TYR A 338 21.88 7.50 -33.17
C TYR A 338 23.15 7.46 -34.02
N PRO A 339 23.86 8.59 -34.08
CA PRO A 339 25.07 8.65 -34.89
C PRO A 339 26.22 7.77 -34.38
N VAL A 340 26.25 7.48 -33.07
CA VAL A 340 27.28 6.66 -32.47
C VAL A 340 26.71 5.44 -31.79
N PRO A 341 27.10 4.27 -32.29
CA PRO A 341 26.64 3.03 -31.68
C PRO A 341 27.21 2.96 -30.27
N VAL A 342 26.37 2.54 -29.33
CA VAL A 342 26.78 2.46 -27.92
C VAL A 342 28.18 1.90 -27.68
N HIS A 343 28.48 0.76 -28.31
CA HIS A 343 29.76 0.12 -28.15
C HIS A 343 30.98 0.98 -28.52
N LEU A 344 30.76 2.04 -29.28
CA LEU A 344 31.83 2.92 -29.73
C LEU A 344 31.86 4.25 -29.01
N SER A 345 30.97 4.42 -28.04
CA SER A 345 31.02 5.68 -27.34
C SER A 345 32.13 5.61 -26.31
N PRO A 346 32.84 6.72 -26.15
CA PRO A 346 33.92 6.77 -25.20
C PRO A 346 33.45 6.31 -23.83
N ALA A 347 32.17 6.54 -23.55
CA ALA A 347 31.63 6.12 -22.29
C ALA A 347 31.79 4.62 -22.07
N TYR A 348 31.97 3.85 -23.13
CA TYR A 348 32.10 2.42 -22.92
C TYR A 348 33.47 1.88 -23.32
N ALA A 349 34.40 2.82 -23.39
CA ALA A 349 35.78 2.52 -23.72
C ALA A 349 36.32 1.41 -22.83
N GLY A 350 37.01 0.47 -23.47
CA GLY A 350 37.64 -0.66 -22.83
C GLY A 350 36.67 -1.70 -22.32
N GLU A 351 35.39 -1.54 -22.61
CA GLU A 351 34.49 -2.52 -22.08
C GLU A 351 33.56 -3.19 -23.05
N ALA A 352 33.49 -2.69 -24.25
CA ALA A 352 32.60 -3.26 -25.23
C ALA A 352 33.35 -3.91 -26.35
N PRO A 353 32.62 -4.62 -27.17
CA PRO A 353 33.22 -5.27 -28.30
C PRO A 353 33.87 -4.26 -29.24
N PRO A 354 34.85 -4.75 -29.99
CA PRO A 354 35.57 -3.95 -30.94
C PRO A 354 34.79 -3.60 -32.20
N GLU A 355 35.10 -2.42 -32.68
CA GLU A 355 34.49 -1.96 -33.87
C GLU A 355 34.63 -3.09 -34.89
N GLY A 356 33.56 -3.27 -35.63
CA GLY A 356 33.49 -4.29 -36.64
C GLY A 356 32.83 -5.51 -36.04
N SER A 357 32.88 -5.63 -34.72
CA SER A 357 32.27 -6.77 -34.07
C SER A 357 30.74 -6.69 -33.90
N LEU A 358 30.17 -5.53 -34.21
CA LEU A 358 28.74 -5.33 -34.12
C LEU A 358 28.28 -4.55 -35.34
N PRO A 359 28.54 -5.12 -36.51
CA PRO A 359 28.23 -4.54 -37.80
C PRO A 359 26.78 -4.07 -37.96
N ARG A 360 25.83 -4.76 -37.37
CA ARG A 360 24.48 -4.26 -37.58
C ARG A 360 24.27 -2.90 -36.96
N ALA A 361 24.68 -2.75 -35.68
CA ALA A 361 24.54 -1.50 -34.94
C ALA A 361 25.33 -0.36 -35.59
N GLU A 362 26.49 -0.74 -36.11
CA GLU A 362 27.42 0.13 -36.80
C GLU A 362 26.82 0.69 -38.08
N SER A 363 26.23 -0.18 -38.90
CA SER A 363 25.62 0.25 -40.15
C SER A 363 24.41 1.16 -39.90
N PHE A 364 23.66 0.79 -38.84
CA PHE A 364 22.48 1.53 -38.43
C PHE A 364 22.90 2.94 -38.08
N ALA A 365 23.89 3.05 -37.19
CA ALA A 365 24.43 4.35 -36.74
C ALA A 365 24.88 5.21 -37.90
N ARG A 366 25.47 4.59 -38.89
CA ARG A 366 25.92 5.43 -39.98
C ARG A 366 24.88 5.71 -41.06
N GLN A 367 23.78 4.96 -41.10
CA GLN A 367 22.79 5.20 -42.15
C GLN A 367 21.48 5.83 -41.70
N VAL A 368 21.21 5.79 -40.42
CA VAL A 368 19.97 6.30 -39.93
C VAL A 368 19.74 7.81 -39.81
N LEU A 369 18.51 8.19 -40.16
CA LEU A 369 18.07 9.57 -40.07
C LEU A 369 16.60 9.59 -39.64
N SER A 370 16.20 10.50 -38.75
CA SER A 370 14.82 10.62 -38.27
C SER A 370 14.13 11.79 -38.97
N LEU A 371 12.97 11.54 -39.59
CA LEU A 371 12.22 12.56 -40.30
C LEU A 371 11.19 13.20 -39.37
N PRO A 372 10.86 14.47 -39.52
CA PRO A 372 9.87 15.03 -38.63
C PRO A 372 8.57 14.21 -38.51
N ILE A 373 8.13 14.04 -37.26
CA ILE A 373 6.93 13.31 -36.92
C ILE A 373 6.45 13.79 -35.56
N GLY A 374 5.14 13.83 -35.38
CA GLY A 374 4.56 14.26 -34.13
C GLY A 374 3.09 14.51 -34.32
N PRO A 375 2.42 14.65 -33.19
CA PRO A 375 0.98 14.90 -33.17
C PRO A 375 0.64 16.33 -33.54
N HIS A 376 1.65 17.17 -33.78
CA HIS A 376 1.40 18.55 -34.14
C HIS A 376 1.95 18.87 -35.52
N LEU A 377 2.38 17.82 -36.23
CA LEU A 377 2.89 17.99 -37.58
C LEU A 377 1.74 17.75 -38.55
N GLU A 378 1.49 18.68 -39.46
CA GLU A 378 0.40 18.55 -40.42
C GLU A 378 0.76 17.86 -41.73
N ARG A 379 -0.23 17.18 -42.31
CA ARG A 379 -0.13 16.42 -43.56
C ARG A 379 0.71 17.07 -44.66
N PRO A 380 0.41 18.32 -44.94
CA PRO A 380 1.13 19.02 -45.98
C PRO A 380 2.61 19.20 -45.62
N GLN A 381 2.92 19.34 -44.32
CA GLN A 381 4.28 19.48 -43.84
C GLN A 381 5.03 18.18 -44.13
N ALA A 382 4.36 17.09 -43.79
CA ALA A 382 4.92 15.78 -44.05
C ALA A 382 5.12 15.60 -45.55
N LEU A 383 4.16 16.08 -46.36
CA LEU A 383 4.27 15.95 -47.79
C LEU A 383 5.47 16.72 -48.35
N ARG A 384 5.77 17.83 -47.69
CA ARG A 384 6.87 18.70 -48.01
C ARG A 384 8.16 17.93 -47.76
N VAL A 385 8.17 17.22 -46.65
CA VAL A 385 9.35 16.45 -46.32
C VAL A 385 9.56 15.40 -47.41
N ILE A 386 8.46 14.72 -47.81
CA ILE A 386 8.50 13.71 -48.86
C ILE A 386 9.05 14.31 -50.17
N ASP A 387 8.61 15.54 -50.49
CA ASP A 387 9.09 16.18 -51.71
C ASP A 387 10.61 16.28 -51.75
N ALA A 388 11.16 16.74 -50.63
CA ALA A 388 12.59 16.93 -50.44
C ALA A 388 13.35 15.62 -50.46
N VAL A 389 12.89 14.62 -49.71
CA VAL A 389 13.59 13.32 -49.71
C VAL A 389 13.59 12.72 -51.11
N ARG A 390 12.45 12.88 -51.76
CA ARG A 390 12.25 12.39 -53.11
C ARG A 390 13.23 13.06 -54.08
N GLU A 391 13.23 14.37 -54.05
CA GLU A 391 14.10 15.14 -54.90
C GLU A 391 15.52 14.62 -54.80
N TRP A 392 15.97 14.49 -53.55
CA TRP A 392 17.30 14.01 -53.24
C TRP A 392 17.53 12.61 -53.76
N ALA A 393 16.60 11.73 -53.45
CA ALA A 393 16.75 10.35 -53.90
C ALA A 393 16.81 10.27 -55.41
N GLU A 394 16.10 11.19 -56.05
CA GLU A 394 16.07 11.22 -57.50
C GLU A 394 17.18 12.08 -58.11
N ARG A 395 17.99 12.69 -57.23
CA ARG A 395 19.12 13.53 -57.63
C ARG A 395 20.22 12.64 -58.16
N PRO B 28 -7.74 26.19 15.49
CA PRO B 28 -6.70 26.07 14.46
C PRO B 28 -5.38 25.66 15.10
N ARG B 29 -4.89 24.48 14.74
CA ARG B 29 -3.63 23.98 15.28
C ARG B 29 -2.43 24.78 14.78
N VAL B 30 -1.30 24.52 15.40
CA VAL B 30 -0.08 25.15 14.99
C VAL B 30 0.60 24.13 14.07
N PRO B 31 0.72 24.49 12.79
CA PRO B 31 1.33 23.61 11.82
C PRO B 31 2.83 23.61 12.01
N PHE B 32 3.42 22.49 11.64
CA PHE B 32 4.85 22.31 11.76
C PHE B 32 5.61 23.20 10.78
N LEU B 33 5.14 23.21 9.53
CA LEU B 33 5.75 23.99 8.46
C LEU B 33 4.79 24.08 7.28
N ASP B 34 4.16 25.24 7.15
CA ASP B 34 3.20 25.51 6.09
C ASP B 34 3.78 25.80 4.72
N LEU B 35 3.80 24.79 3.87
CA LEU B 35 4.33 24.96 2.53
C LEU B 35 3.47 25.89 1.71
N LYS B 36 2.17 25.72 1.89
CA LYS B 36 1.22 26.54 1.16
C LYS B 36 1.47 28.03 1.36
N ALA B 37 1.78 28.44 2.58
CA ALA B 37 2.05 29.84 2.88
C ALA B 37 3.17 30.43 2.03
N ALA B 38 4.16 29.59 1.69
CA ALA B 38 5.29 30.04 0.90
C ALA B 38 4.86 30.40 -0.49
N TYR B 39 3.91 29.64 -0.99
CA TYR B 39 3.40 29.91 -2.33
C TYR B 39 2.56 31.19 -2.29
N GLU B 40 1.63 31.23 -1.34
CA GLU B 40 0.76 32.37 -1.19
C GLU B 40 1.48 33.71 -1.12
N GLU B 41 2.47 33.80 -0.24
CA GLU B 41 3.24 35.01 -0.07
C GLU B 41 3.81 35.60 -1.37
N LEU B 42 4.14 34.71 -2.31
CA LEU B 42 4.71 35.14 -3.58
C LEU B 42 3.90 34.63 -4.76
N ARG B 43 2.62 34.38 -4.49
CA ARG B 43 1.69 33.85 -5.46
C ARG B 43 1.82 34.43 -6.85
N ALA B 44 1.72 35.74 -6.97
CA ALA B 44 1.80 36.39 -8.27
C ALA B 44 3.10 36.13 -8.99
N GLU B 45 4.20 36.47 -8.34
CA GLU B 45 5.46 36.26 -9.00
C GLU B 45 5.67 34.81 -9.35
N THR B 46 5.26 33.95 -8.44
CA THR B 46 5.41 32.54 -8.66
C THR B 46 4.64 32.11 -9.89
N ASP B 47 3.38 32.52 -9.94
CA ASP B 47 2.51 32.17 -11.05
C ASP B 47 3.09 32.51 -12.41
N ALA B 48 3.67 33.70 -12.47
CA ALA B 48 4.29 34.28 -13.66
C ALA B 48 5.56 33.56 -14.06
N ALA B 49 6.32 33.15 -13.07
CA ALA B 49 7.55 32.45 -13.33
C ALA B 49 7.19 31.18 -14.11
N ILE B 50 6.22 30.44 -13.55
CA ILE B 50 5.75 29.20 -14.17
C ILE B 50 5.19 29.42 -15.58
N ALA B 51 4.34 30.44 -15.70
CA ALA B 51 3.76 30.80 -16.99
C ALA B 51 4.85 31.07 -18.03
N ARG B 52 5.88 31.80 -17.60
CA ARG B 52 6.99 32.09 -18.50
C ARG B 52 7.60 30.80 -19.03
N VAL B 53 7.89 29.88 -18.12
CA VAL B 53 8.46 28.60 -18.52
C VAL B 53 7.58 27.82 -19.49
N LEU B 54 6.30 27.69 -19.15
CA LEU B 54 5.39 26.98 -20.03
C LEU B 54 5.49 27.56 -21.42
N ASP B 55 5.35 28.86 -21.45
CA ASP B 55 5.40 29.56 -22.70
C ASP B 55 6.73 29.45 -23.43
N SER B 56 7.84 29.37 -22.72
CA SER B 56 9.15 29.26 -23.34
C SER B 56 9.29 28.07 -24.26
N GLY B 57 8.61 26.98 -23.97
CA GLY B 57 8.79 25.83 -24.82
C GLY B 57 10.13 25.12 -24.56
N ARG B 58 10.86 25.53 -23.52
CA ARG B 58 12.14 24.93 -23.14
C ARG B 58 11.98 24.50 -21.70
N TYR B 59 11.98 23.18 -21.45
CA TYR B 59 11.73 22.68 -20.11
C TYR B 59 12.90 22.15 -19.32
N LEU B 60 14.02 21.86 -19.98
CA LEU B 60 15.20 21.35 -19.30
C LEU B 60 16.48 21.96 -19.80
N LEU B 61 17.43 22.15 -18.88
CA LEU B 61 18.73 22.72 -19.22
C LEU B 61 18.57 24.02 -20.00
N GLY B 62 17.79 24.94 -19.46
CA GLY B 62 17.53 26.20 -20.10
C GLY B 62 18.08 27.39 -19.34
N PRO B 63 17.52 28.54 -19.68
CA PRO B 63 17.89 29.82 -19.11
C PRO B 63 17.64 29.95 -17.62
N GLU B 64 16.51 29.43 -17.17
CA GLU B 64 16.13 29.45 -15.77
C GLU B 64 17.17 28.70 -14.95
N LEU B 65 17.53 27.52 -15.41
CA LEU B 65 18.53 26.75 -14.68
C LEU B 65 19.84 27.55 -14.65
N GLU B 66 20.27 28.07 -15.81
CA GLU B 66 21.50 28.84 -15.87
C GLU B 66 21.49 30.04 -14.95
N GLY B 67 20.36 30.75 -14.95
CA GLY B 67 20.17 31.94 -14.12
C GLY B 67 20.19 31.56 -12.65
N PHE B 68 19.37 30.57 -12.31
CA PHE B 68 19.35 30.14 -10.93
C PHE B 68 20.75 29.75 -10.48
N GLU B 69 21.45 28.95 -11.29
CA GLU B 69 22.78 28.52 -10.92
C GLU B 69 23.69 29.70 -10.67
N ALA B 70 23.60 30.66 -11.56
CA ALA B 70 24.44 31.82 -11.40
C ALA B 70 24.16 32.51 -10.08
N GLU B 71 22.87 32.74 -9.87
CA GLU B 71 22.42 33.41 -8.67
C GLU B 71 22.81 32.67 -7.39
N PHE B 72 22.60 31.36 -7.40
CA PHE B 72 22.92 30.54 -6.25
C PHE B 72 24.40 30.50 -5.90
N ALA B 73 25.26 30.33 -6.93
CA ALA B 73 26.71 30.29 -6.73
C ALA B 73 27.14 31.59 -6.07
N ALA B 74 26.64 32.68 -6.61
CA ALA B 74 26.95 33.99 -6.08
C ALA B 74 26.50 34.08 -4.62
N TYR B 75 25.24 33.72 -4.39
CA TYR B 75 24.69 33.74 -3.05
C TYR B 75 25.57 33.01 -2.07
N CYS B 76 26.05 31.86 -2.53
CA CYS B 76 26.91 30.99 -1.73
C CYS B 76 28.36 31.45 -1.66
N GLU B 77 28.68 32.55 -2.33
CA GLU B 77 30.04 33.08 -2.35
C GLU B 77 31.01 32.09 -2.95
N THR B 78 30.62 31.53 -4.09
CA THR B 78 31.47 30.57 -4.79
C THR B 78 31.37 30.79 -6.29
N ASP B 79 32.12 30.00 -7.04
CA ASP B 79 32.14 30.16 -8.48
C ASP B 79 31.13 29.36 -9.27
N HIS B 80 30.77 28.19 -8.79
CA HIS B 80 29.88 27.39 -9.59
C HIS B 80 28.77 26.67 -8.82
N ALA B 81 27.64 26.55 -9.49
CA ALA B 81 26.50 25.83 -8.96
C ALA B 81 26.03 24.86 -10.04
N VAL B 82 25.86 23.61 -9.65
CA VAL B 82 25.38 22.60 -10.57
C VAL B 82 24.04 22.05 -10.09
N GLY B 83 22.98 22.51 -10.74
CA GLY B 83 21.65 22.06 -10.38
C GLY B 83 21.38 20.63 -10.80
N VAL B 84 20.82 19.87 -9.86
CA VAL B 84 20.49 18.46 -10.05
C VAL B 84 19.09 18.14 -9.54
N ASN B 85 18.76 16.86 -9.56
CA ASN B 85 17.44 16.42 -9.19
C ASN B 85 17.10 16.42 -7.70
N SER B 86 18.10 16.18 -6.87
CA SER B 86 17.83 16.11 -5.46
C SER B 86 19.09 16.30 -4.65
N GLY B 87 18.90 16.46 -3.36
CA GLY B 87 20.02 16.61 -2.43
C GLY B 87 20.78 15.29 -2.36
N MET B 88 20.07 14.17 -2.44
CA MET B 88 20.79 12.92 -2.42
C MET B 88 21.67 12.81 -3.65
N ASP B 89 21.13 13.18 -4.83
CA ASP B 89 21.95 13.15 -6.03
C ASP B 89 23.14 14.08 -5.96
N ALA B 90 22.90 15.25 -5.36
CA ALA B 90 23.95 16.23 -5.24
C ALA B 90 25.14 15.65 -4.48
N LEU B 91 24.84 15.01 -3.37
CA LEU B 91 25.85 14.39 -2.53
C LEU B 91 26.54 13.29 -3.28
N GLN B 92 25.72 12.45 -3.87
CA GLN B 92 26.26 11.35 -4.62
C GLN B 92 27.13 11.76 -5.80
N LEU B 93 26.64 12.73 -6.59
CA LEU B 93 27.40 13.17 -7.75
C LEU B 93 28.71 13.87 -7.35
N ALA B 94 28.69 14.58 -6.22
CA ALA B 94 29.89 15.26 -5.73
C ALA B 94 30.96 14.24 -5.44
N LEU B 95 30.58 13.20 -4.71
CA LEU B 95 31.51 12.12 -4.36
C LEU B 95 32.07 11.46 -5.61
N ARG B 96 31.18 11.09 -6.54
CA ARG B 96 31.57 10.44 -7.79
C ARG B 96 32.54 11.33 -8.54
N GLY B 97 32.22 12.61 -8.57
CA GLY B 97 33.04 13.56 -9.27
C GLY B 97 34.43 13.62 -8.68
N LEU B 98 34.52 13.30 -7.39
CA LEU B 98 35.80 13.34 -6.73
C LEU B 98 36.50 12.00 -6.81
N GLY B 99 35.94 11.13 -7.62
CA GLY B 99 36.53 9.82 -7.82
C GLY B 99 36.30 8.85 -6.70
N ILE B 100 35.39 9.18 -5.82
CA ILE B 100 35.09 8.29 -4.71
C ILE B 100 34.21 7.10 -5.09
N GLY B 101 34.55 5.90 -4.61
CA GLY B 101 33.73 4.76 -4.97
C GLY B 101 34.10 3.46 -4.27
N PRO B 102 33.86 2.35 -4.98
CA PRO B 102 34.13 1.05 -4.44
C PRO B 102 35.53 0.95 -3.89
N GLY B 103 35.60 0.40 -2.68
CA GLY B 103 36.86 0.22 -1.99
C GLY B 103 37.20 1.47 -1.20
N ASP B 104 36.39 2.50 -1.35
CA ASP B 104 36.64 3.72 -0.62
C ASP B 104 35.71 3.86 0.59
N GLU B 105 36.22 4.59 1.57
CA GLU B 105 35.50 4.85 2.78
C GLU B 105 35.24 6.36 2.91
N VAL B 106 34.07 6.67 3.41
CA VAL B 106 33.70 8.05 3.63
C VAL B 106 33.15 8.14 5.03
N ILE B 107 33.82 9.00 5.83
CA ILE B 107 33.45 9.25 7.22
C ILE B 107 32.20 10.11 7.27
N VAL B 108 31.13 9.56 7.86
CA VAL B 108 29.85 10.25 8.00
C VAL B 108 29.48 10.46 9.45
N PRO B 109 28.52 11.31 9.72
CA PRO B 109 28.14 11.47 11.11
C PRO B 109 27.21 10.35 11.53
N SER B 110 27.32 9.93 12.78
CA SER B 110 26.43 8.90 13.29
C SER B 110 25.04 9.50 13.49
N HIS B 111 24.98 10.82 13.68
CA HIS B 111 23.72 11.52 13.87
C HIS B 111 23.45 12.38 12.63
N THR B 112 22.53 11.94 11.77
CA THR B 112 22.18 12.66 10.57
C THR B 112 21.01 11.99 9.91
N TYR B 113 20.53 12.54 8.81
CA TYR B 113 19.43 11.92 8.10
C TYR B 113 20.02 10.84 7.22
N ILE B 114 19.38 9.69 7.18
CA ILE B 114 19.84 8.55 6.41
C ILE B 114 20.38 8.81 5.03
N ALA B 115 19.80 9.76 4.30
CA ALA B 115 20.24 10.05 2.93
C ALA B 115 21.74 10.32 2.85
N SER B 116 22.27 10.90 3.93
CA SER B 116 23.70 11.22 4.03
C SER B 116 24.56 9.99 3.81
N TRP B 117 24.17 8.86 4.43
CA TRP B 117 24.91 7.61 4.28
C TRP B 117 24.53 6.99 2.96
N LEU B 118 23.24 7.08 2.62
CA LEU B 118 22.75 6.53 1.35
C LEU B 118 23.50 7.05 0.14
N ALA B 119 23.77 8.35 0.15
CA ALA B 119 24.50 8.96 -0.93
C ALA B 119 25.85 8.29 -1.14
N VAL B 120 26.50 7.96 -0.01
CA VAL B 120 27.81 7.32 0.00
C VAL B 120 27.70 5.91 -0.55
N SER B 121 26.72 5.17 -0.02
CA SER B 121 26.48 3.82 -0.46
C SER B 121 26.26 3.76 -1.97
N ALA B 122 25.40 4.66 -2.46
CA ALA B 122 25.11 4.72 -3.87
C ALA B 122 26.36 4.77 -4.74
N THR B 123 27.47 5.31 -4.26
CA THR B 123 28.68 5.38 -5.07
C THR B 123 29.46 4.08 -5.06
N GLY B 124 29.16 3.23 -4.11
CA GLY B 124 29.89 2.00 -4.04
C GLY B 124 30.85 2.01 -2.88
N ALA B 125 31.07 3.22 -2.34
CA ALA B 125 31.95 3.42 -1.19
C ALA B 125 31.21 3.05 0.09
N THR B 126 31.93 3.07 1.20
CA THR B 126 31.34 2.71 2.47
C THR B 126 31.28 3.84 3.47
N PRO B 127 30.10 4.07 4.00
CA PRO B 127 30.00 5.13 4.99
C PRO B 127 30.57 4.64 6.31
N VAL B 128 31.40 5.45 6.97
CA VAL B 128 31.99 5.11 8.26
C VAL B 128 31.55 6.18 9.26
N PRO B 129 30.71 5.81 10.22
CA PRO B 129 30.18 6.75 11.16
C PRO B 129 31.09 7.23 12.28
N VAL B 130 31.02 8.53 12.50
CA VAL B 130 31.76 9.20 13.56
C VAL B 130 30.75 10.04 14.32
N GLU B 131 30.84 10.03 15.65
CA GLU B 131 29.91 10.75 16.50
C GLU B 131 29.91 12.27 16.41
N PRO B 132 28.78 12.85 16.75
CA PRO B 132 28.71 14.29 16.76
C PRO B 132 29.22 14.74 18.09
N HIS B 133 29.13 16.04 18.32
CA HIS B 133 29.49 16.59 19.60
C HIS B 133 28.39 16.16 20.57
N GLU B 134 28.66 16.29 21.85
CA GLU B 134 27.71 15.93 22.87
C GLU B 134 26.40 16.70 22.77
N ASP B 135 26.50 18.02 22.61
CA ASP B 135 25.34 18.90 22.53
C ASP B 135 25.28 19.77 21.30
N HIS B 136 25.86 19.29 20.20
CA HIS B 136 25.87 20.00 18.92
C HIS B 136 25.70 18.91 17.89
N PRO B 137 24.64 19.03 17.06
CA PRO B 137 24.30 18.03 16.08
C PRO B 137 25.22 17.92 14.89
N THR B 138 26.49 18.24 15.11
CA THR B 138 27.51 18.18 14.07
C THR B 138 28.69 17.25 14.42
N LEU B 139 29.27 16.69 13.36
CA LEU B 139 30.41 15.78 13.44
C LEU B 139 31.48 16.29 14.40
N ASP B 140 31.88 15.47 15.40
CA ASP B 140 32.91 15.90 16.34
C ASP B 140 34.33 15.77 15.76
N PRO B 141 34.95 16.92 15.46
CA PRO B 141 36.27 16.87 14.89
C PRO B 141 37.28 16.02 15.66
N LEU B 142 37.14 15.97 16.99
CA LEU B 142 38.05 15.19 17.82
C LEU B 142 37.94 13.68 17.66
N LEU B 143 36.82 13.17 17.13
CA LEU B 143 36.65 11.73 16.99
C LEU B 143 36.88 11.19 15.58
N VAL B 144 37.21 12.10 14.67
CA VAL B 144 37.43 11.72 13.27
C VAL B 144 38.66 10.89 12.98
N GLU B 145 39.79 11.44 13.35
CA GLU B 145 41.08 10.80 13.14
C GLU B 145 41.05 9.31 13.39
N LYS B 146 40.50 8.95 14.54
CA LYS B 146 40.40 7.57 14.96
C LYS B 146 39.68 6.71 13.93
N ALA B 147 38.84 7.30 13.08
CA ALA B 147 38.12 6.50 12.09
C ALA B 147 38.82 6.49 10.73
N ILE B 148 39.84 7.31 10.61
CA ILE B 148 40.52 7.33 9.33
C ILE B 148 41.30 6.04 9.10
N THR B 149 41.14 5.51 7.90
CA THR B 149 41.85 4.32 7.51
C THR B 149 42.50 4.59 6.19
N PRO B 150 43.12 3.56 5.65
CA PRO B 150 43.78 3.66 4.38
C PRO B 150 42.79 3.77 3.24
N ARG B 151 41.51 3.43 3.48
CA ARG B 151 40.50 3.53 2.41
C ARG B 151 39.73 4.84 2.43
N THR B 152 39.96 5.65 3.47
CA THR B 152 39.29 6.91 3.64
C THR B 152 39.63 7.91 2.56
N ARG B 153 38.60 8.40 1.86
CA ARG B 153 38.85 9.38 0.81
C ARG B 153 38.25 10.75 1.09
N ALA B 154 37.26 10.79 1.98
CA ALA B 154 36.60 12.03 2.29
C ALA B 154 35.87 11.99 3.61
N LEU B 155 35.48 13.19 4.01
CA LEU B 155 34.72 13.47 5.21
C LEU B 155 33.41 14.05 4.72
N LEU B 156 32.29 13.62 5.29
CA LEU B 156 31.00 14.14 4.88
C LEU B 156 30.27 14.78 6.05
N PRO B 157 30.73 15.97 6.45
CA PRO B 157 30.08 16.66 7.53
C PRO B 157 28.70 17.11 7.10
N VAL B 158 27.77 17.19 8.06
CA VAL B 158 26.40 17.63 7.83
C VAL B 158 26.09 18.84 8.69
N HIS B 159 25.60 19.91 8.05
CA HIS B 159 25.25 21.13 8.79
C HIS B 159 23.79 20.99 9.19
N LEU B 160 23.62 20.02 10.10
CA LEU B 160 22.36 19.58 10.63
C LEU B 160 21.50 20.63 11.29
N TYR B 161 20.22 20.63 10.93
CA TYR B 161 19.23 21.55 11.48
C TYR B 161 19.50 23.02 11.14
N GLY B 162 20.52 23.27 10.32
CA GLY B 162 20.85 24.62 9.96
C GLY B 162 22.07 25.15 10.70
N HIS B 163 22.68 24.29 11.51
CA HIS B 163 23.85 24.65 12.27
C HIS B 163 25.12 24.14 11.63
N PRO B 164 26.06 25.03 11.35
CA PRO B 164 27.29 24.58 10.71
C PRO B 164 28.21 23.77 11.62
N ALA B 165 28.86 22.79 10.98
CA ALA B 165 29.83 21.93 11.62
C ALA B 165 31.11 22.76 11.69
N ASP B 166 32.07 22.31 12.50
CA ASP B 166 33.34 23.00 12.72
C ASP B 166 34.28 22.88 11.53
N MET B 167 34.02 23.65 10.49
CA MET B 167 34.80 23.59 9.27
C MET B 167 36.31 23.74 9.37
N ASP B 168 36.78 24.68 10.18
CA ASP B 168 38.21 24.88 10.31
C ASP B 168 38.91 23.60 10.77
N ALA B 169 38.42 23.04 11.86
CA ALA B 169 39.00 21.81 12.36
C ALA B 169 38.90 20.68 11.35
N LEU B 170 37.76 20.59 10.68
CA LEU B 170 37.56 19.54 9.70
C LEU B 170 38.50 19.63 8.50
N ARG B 171 38.68 20.83 7.96
CA ARG B 171 39.57 21.07 6.81
C ARG B 171 41.00 20.76 7.15
N GLU B 172 41.36 21.19 8.34
CA GLU B 172 42.69 20.96 8.87
C GLU B 172 42.96 19.48 8.86
N LEU B 173 42.07 18.75 9.53
CA LEU B 173 42.14 17.31 9.61
C LEU B 173 42.15 16.69 8.24
N ALA B 174 41.25 17.17 7.39
CA ALA B 174 41.16 16.65 6.05
C ALA B 174 42.46 16.86 5.30
N ASP B 175 42.99 18.09 5.42
CA ASP B 175 44.24 18.47 4.76
C ASP B 175 45.39 17.61 5.24
N ARG B 176 45.38 17.30 6.51
CA ARG B 176 46.40 16.47 7.08
C ARG B 176 46.35 15.04 6.54
N HIS B 177 45.15 14.55 6.22
CA HIS B 177 44.98 13.20 5.71
C HIS B 177 44.79 13.04 4.22
N GLY B 178 44.88 14.13 3.49
CA GLY B 178 44.71 14.01 2.06
C GLY B 178 43.29 13.57 1.69
N LEU B 179 42.34 14.04 2.49
CA LEU B 179 40.96 13.70 2.22
C LEU B 179 40.19 14.85 1.62
N HIS B 180 39.15 14.50 0.87
CA HIS B 180 38.27 15.51 0.33
C HIS B 180 37.16 15.77 1.34
N ILE B 181 36.43 16.88 1.21
CA ILE B 181 35.31 17.18 2.09
C ILE B 181 34.05 17.53 1.28
N VAL B 182 32.98 16.76 1.40
CA VAL B 182 31.72 17.05 0.71
C VAL B 182 30.75 17.39 1.83
N GLU B 183 30.28 18.61 1.87
CA GLU B 183 29.38 19.01 2.96
C GLU B 183 27.92 18.74 2.64
N ASP B 184 27.18 18.25 3.63
CA ASP B 184 25.77 18.04 3.39
C ASP B 184 25.12 19.28 3.93
N ALA B 185 24.80 20.19 3.00
CA ALA B 185 24.21 21.45 3.40
C ALA B 185 22.72 21.55 3.11
N ALA B 186 22.07 20.40 2.99
CA ALA B 186 20.64 20.36 2.67
C ALA B 186 19.73 21.13 3.65
N GLN B 187 20.20 21.28 4.88
CA GLN B 187 19.40 21.99 5.87
C GLN B 187 20.07 23.29 6.27
N ALA B 188 21.03 23.75 5.46
CA ALA B 188 21.74 24.96 5.85
C ALA B 188 21.88 26.08 4.82
N HIS B 189 20.95 26.18 3.88
CA HIS B 189 21.09 27.26 2.90
C HIS B 189 21.22 28.64 3.54
N GLY B 190 22.29 29.34 3.17
CA GLY B 190 22.54 30.70 3.63
C GLY B 190 23.21 30.83 4.95
N ALA B 191 23.46 29.72 5.62
CA ALA B 191 24.13 29.84 6.92
C ALA B 191 25.57 30.30 6.75
N ARG B 192 26.12 30.82 7.84
CA ARG B 192 27.50 31.28 7.82
C ARG B 192 28.29 30.63 8.90
N TYR B 193 29.53 30.44 8.51
CA TYR B 193 30.52 29.86 9.38
C TYR B 193 31.67 30.81 9.38
N ARG B 194 31.88 31.40 10.54
CA ARG B 194 32.95 32.36 10.64
C ARG B 194 32.74 33.42 9.59
N GLY B 195 31.50 33.88 9.47
CA GLY B 195 31.13 34.92 8.55
C GLY B 195 31.03 34.49 7.10
N ARG B 196 31.51 33.29 6.75
CA ARG B 196 31.43 32.86 5.36
C ARG B 196 30.20 32.03 5.10
N ARG B 197 29.60 32.18 3.92
CA ARG B 197 28.42 31.38 3.61
C ARG B 197 28.79 29.92 3.52
N ILE B 198 27.86 29.06 3.87
CA ILE B 198 28.09 27.63 3.73
C ILE B 198 28.18 27.41 2.23
N GLY B 199 29.24 26.73 1.78
CA GLY B 199 29.40 26.50 0.36
C GLY B 199 30.39 27.50 -0.28
N ALA B 200 30.91 28.42 0.53
CA ALA B 200 31.85 29.46 0.08
C ALA B 200 33.22 28.97 -0.44
N GLY B 201 33.75 29.74 -1.39
CA GLY B 201 35.06 29.51 -1.99
C GLY B 201 35.37 28.11 -2.51
N SER B 202 36.32 27.44 -1.86
CA SER B 202 36.74 26.10 -2.24
C SER B 202 35.90 24.96 -1.64
N SER B 203 34.84 25.28 -0.94
CA SER B 203 34.02 24.24 -0.40
C SER B 203 33.39 23.46 -1.55
N VAL B 204 32.89 22.29 -1.18
CA VAL B 204 32.14 21.40 -2.04
C VAL B 204 30.95 21.10 -1.14
N ALA B 205 29.80 21.68 -1.47
CA ALA B 205 28.61 21.50 -0.68
C ALA B 205 27.41 21.16 -1.53
N ALA B 206 26.62 20.25 -0.99
CA ALA B 206 25.38 19.79 -1.63
C ALA B 206 24.17 20.32 -0.87
N PHE B 207 23.17 20.73 -1.65
CA PHE B 207 21.92 21.28 -1.14
C PHE B 207 20.78 20.51 -1.75
N SER B 208 19.66 20.57 -1.04
CA SER B 208 18.38 19.99 -1.42
C SER B 208 17.41 21.16 -1.55
N PHE B 209 16.53 21.10 -2.55
CA PHE B 209 15.51 22.10 -2.78
C PHE B 209 14.15 21.49 -2.62
N TYR B 210 14.11 20.38 -1.90
CA TYR B 210 12.87 19.66 -1.59
C TYR B 210 11.94 20.70 -0.96
N PRO B 211 10.66 20.63 -1.30
CA PRO B 211 9.67 21.60 -0.83
C PRO B 211 9.75 22.10 0.59
N GLY B 212 10.03 21.17 1.53
CA GLY B 212 10.13 21.48 2.94
C GLY B 212 11.47 22.06 3.38
N1 LLP B 213 20.68 15.18 3.69
C2 LLP B 213 20.05 15.96 4.52
C2' LLP B 213 20.71 16.40 5.81
C3 LLP B 213 18.79 16.41 4.23
O3 LLP B 213 18.14 17.21 5.09
C4 LLP B 213 18.16 16.01 3.02
C4' LLP B 213 16.81 16.49 2.68
C5 LLP B 213 18.88 15.15 2.17
C6 LLP B 213 20.14 14.75 2.56
C5' LLP B 213 18.29 14.62 0.88
OP4 LLP B 213 18.04 15.68 -0.02
P LLP B 213 16.78 15.25 -0.91
OP1 LLP B 213 16.44 16.49 -1.84
OP2 LLP B 213 15.53 14.91 0.01
OP3 LLP B 213 17.14 13.97 -1.81
N LLP B 213 12.47 22.19 2.50
CA LLP B 213 13.76 22.73 2.94
CB LLP B 213 14.86 22.38 1.96
CG LLP B 213 14.96 20.88 1.71
CD LLP B 213 15.49 20.07 2.87
CE LLP B 213 15.39 18.57 2.57
NZ LLP B 213 16.49 17.79 3.14
C LLP B 213 13.74 24.25 3.11
O LLP B 213 12.78 24.90 2.73
N ASN B 214 14.81 24.86 3.66
CA ASN B 214 14.81 26.31 3.81
C ASN B 214 14.66 27.02 2.48
N LEU B 215 15.23 26.45 1.43
CA LEU B 215 15.12 26.99 0.10
C LEU B 215 14.46 25.83 -0.61
N GLY B 216 13.16 25.98 -0.90
CA GLY B 216 12.45 24.88 -1.53
C GLY B 216 11.64 25.27 -2.72
N CYS B 217 11.23 24.25 -3.49
CA CYS B 217 10.42 24.44 -4.71
C CYS B 217 9.12 23.64 -4.66
N PHE B 218 8.58 23.25 -5.81
CA PHE B 218 7.36 22.48 -5.86
C PHE B 218 7.61 21.08 -6.40
N GLY B 219 8.76 20.54 -6.03
CA GLY B 219 9.14 19.20 -6.46
C GLY B 219 10.50 18.88 -5.91
N ASP B 220 11.12 17.83 -6.41
CA ASP B 220 12.45 17.48 -5.95
C ASP B 220 13.45 18.38 -6.66
N GLY B 221 14.56 18.71 -6.02
CA GLY B 221 15.53 19.57 -6.68
C GLY B 221 16.80 19.57 -5.87
N GLY B 222 17.93 19.88 -6.48
CA GLY B 222 19.14 19.85 -5.67
C GLY B 222 20.21 20.61 -6.39
N ALA B 223 21.38 20.71 -5.76
CA ALA B 223 22.50 21.41 -6.35
C ALA B 223 23.83 21.16 -5.65
N VAL B 224 24.87 21.24 -6.44
CA VAL B 224 26.21 21.12 -5.90
C VAL B 224 26.95 22.44 -6.23
N VAL B 225 27.57 23.05 -5.22
CA VAL B 225 28.31 24.28 -5.46
C VAL B 225 29.78 23.97 -5.22
N THR B 226 30.64 24.60 -6.01
CA THR B 226 32.05 24.38 -5.88
C THR B 226 32.84 25.53 -6.53
N GLY B 227 34.07 25.73 -6.08
CA GLY B 227 34.90 26.75 -6.66
C GLY B 227 35.90 26.10 -7.62
N ASP B 228 35.65 24.85 -7.89
CA ASP B 228 36.48 24.06 -8.76
C ASP B 228 35.81 23.89 -10.11
N PRO B 229 36.42 24.54 -11.08
CA PRO B 229 35.98 24.54 -12.47
C PRO B 229 35.96 23.15 -13.10
N GLU B 230 36.93 22.32 -12.71
CA GLU B 230 36.98 20.97 -13.24
C GLU B 230 35.85 20.11 -12.65
N LEU B 231 35.68 20.17 -11.34
CA LEU B 231 34.63 19.41 -10.72
C LEU B 231 33.30 19.87 -11.28
N ALA B 232 33.15 21.18 -11.44
CA ALA B 232 31.90 21.72 -11.98
C ALA B 232 31.56 21.10 -13.35
N GLU B 233 32.57 21.03 -14.20
CA GLU B 233 32.42 20.49 -15.53
C GLU B 233 32.06 19.03 -15.45
N ARG B 234 32.73 18.30 -14.55
CA ARG B 234 32.43 16.88 -14.42
C ARG B 234 30.96 16.64 -14.03
N LEU B 235 30.48 17.46 -13.08
CA LEU B 235 29.13 17.36 -12.57
C LEU B 235 28.11 17.67 -13.65
N ARG B 236 28.39 18.68 -14.45
CA ARG B 236 27.44 19.00 -15.51
C ARG B 236 27.25 17.82 -16.45
N MET B 237 28.34 17.10 -16.61
CA MET B 237 28.33 15.94 -17.46
C MET B 237 27.67 14.76 -16.77
N LEU B 238 28.10 14.48 -15.53
CA LEU B 238 27.54 13.37 -14.75
C LEU B 238 26.01 13.43 -14.64
N ARG B 239 25.48 14.64 -14.56
CA ARG B 239 24.04 14.83 -14.43
C ARG B 239 23.29 14.74 -15.76
N ASN B 240 24.07 14.68 -16.85
CA ASN B 240 23.47 14.66 -18.15
C ASN B 240 23.94 13.53 -19.03
N TYR B 241 23.94 12.32 -18.50
CA TYR B 241 24.35 11.19 -19.31
C TYR B 241 25.77 11.25 -19.79
N GLY B 242 26.62 11.95 -19.06
CA GLY B 242 28.04 12.08 -19.40
C GLY B 242 28.24 12.86 -20.67
N SER B 243 27.33 13.78 -20.93
CA SER B 243 27.39 14.56 -22.15
C SER B 243 27.39 16.07 -21.95
N ARG B 244 28.13 16.76 -22.84
CA ARG B 244 28.26 18.21 -22.89
C ARG B 244 28.01 18.68 -24.30
N GLN B 245 27.46 17.78 -25.11
CA GLN B 245 27.18 18.06 -26.50
C GLN B 245 26.36 16.94 -27.10
N LYS B 246 25.35 17.32 -27.90
CA LYS B 246 24.46 16.38 -28.55
C LYS B 246 25.21 15.28 -29.28
N TYR B 247 24.80 14.05 -29.02
CA TYR B 247 25.35 12.84 -29.61
C TYR B 247 26.62 12.36 -28.95
N SER B 248 27.17 13.14 -28.06
CA SER B 248 28.40 12.75 -27.44
C SER B 248 28.25 12.37 -25.99
N HIS B 249 28.80 11.20 -25.63
CA HIS B 249 28.81 10.67 -24.28
C HIS B 249 30.24 10.27 -23.99
N GLU B 250 30.98 11.24 -23.45
CA GLU B 250 32.40 11.11 -23.12
C GLU B 250 32.71 10.18 -21.96
N THR B 251 31.80 10.13 -21.02
CA THR B 251 31.93 9.32 -19.84
C THR B 251 30.56 8.83 -19.42
N LYS B 252 30.52 7.81 -18.57
CA LYS B 252 29.25 7.31 -18.13
C LYS B 252 28.61 8.40 -17.29
N GLY B 253 27.29 8.45 -17.25
CA GLY B 253 26.60 9.48 -16.48
C GLY B 253 25.19 9.05 -16.20
N THR B 254 24.42 9.92 -15.58
CA THR B 254 23.03 9.58 -15.29
C THR B 254 22.10 10.72 -15.65
N ASN B 255 20.85 10.63 -15.21
CA ASN B 255 19.87 11.66 -15.44
C ASN B 255 19.57 12.31 -14.09
N SER B 256 20.06 13.52 -13.84
CA SER B 256 19.78 14.14 -12.57
C SER B 256 19.79 15.65 -12.78
N ARG B 257 18.63 16.16 -13.19
CA ARG B 257 18.50 17.57 -13.49
C ARG B 257 17.43 18.33 -12.72
N LEU B 258 17.65 19.63 -12.59
CA LEU B 258 16.71 20.50 -11.94
C LEU B 258 15.90 21.14 -13.07
N ASP B 259 14.60 20.92 -13.07
CA ASP B 259 13.70 21.41 -14.11
C ASP B 259 13.67 22.91 -14.25
N GLU B 260 13.38 23.37 -15.47
CA GLU B 260 13.26 24.79 -15.74
C GLU B 260 12.23 25.47 -14.81
N MET B 261 11.06 24.82 -14.66
CA MET B 261 9.93 25.29 -13.83
C MET B 261 10.35 25.46 -12.38
N GLN B 262 11.04 24.45 -11.86
CA GLN B 262 11.50 24.49 -10.49
C GLN B 262 12.58 25.53 -10.29
N ALA B 263 13.49 25.62 -11.25
CA ALA B 263 14.55 26.59 -11.16
C ALA B 263 14.02 28.03 -11.17
N ALA B 264 13.00 28.31 -11.99
CA ALA B 264 12.45 29.65 -12.04
C ALA B 264 11.87 30.06 -10.69
N VAL B 265 11.16 29.12 -10.05
CA VAL B 265 10.56 29.35 -8.73
C VAL B 265 11.63 29.60 -7.70
N LEU B 266 12.69 28.81 -7.83
CA LEU B 266 13.81 28.93 -6.93
C LEU B 266 14.53 30.29 -7.04
N ARG B 267 14.53 30.92 -8.22
CA ARG B 267 15.18 32.22 -8.31
C ARG B 267 14.41 33.23 -7.46
N ILE B 268 13.10 33.10 -7.48
CA ILE B 268 12.26 33.97 -6.69
C ILE B 268 12.49 33.71 -5.20
N ARG B 269 12.44 32.44 -4.84
CA ARG B 269 12.63 32.10 -3.45
C ARG B 269 14.00 32.51 -2.96
N LEU B 270 15.00 32.33 -3.81
CA LEU B 270 16.35 32.66 -3.39
C LEU B 270 16.44 34.10 -2.98
N ALA B 271 15.70 34.94 -3.71
CA ALA B 271 15.69 36.36 -3.47
C ALA B 271 15.10 36.71 -2.12
N HIS B 272 14.34 35.81 -1.54
CA HIS B 272 13.78 36.08 -0.24
C HIS B 272 14.40 35.23 0.86
N LEU B 273 15.43 34.45 0.51
CA LEU B 273 16.05 33.55 1.45
C LEU B 273 16.52 34.15 2.77
N ASP B 274 17.33 35.18 2.64
CA ASP B 274 17.88 35.88 3.78
C ASP B 274 16.76 36.40 4.66
N SER B 275 15.72 36.90 4.00
CA SER B 275 14.58 37.42 4.71
C SER B 275 13.88 36.35 5.51
N TRP B 276 13.56 35.25 4.82
CA TRP B 276 12.87 34.13 5.42
C TRP B 276 13.69 33.48 6.51
N ASN B 277 15.00 33.32 6.27
CA ASN B 277 15.83 32.75 7.32
C ASN B 277 15.82 33.68 8.53
N GLY B 278 15.79 35.01 8.26
CA GLY B 278 15.75 36.00 9.35
C GLY B 278 14.54 35.76 10.23
N ARG B 279 13.44 35.39 9.60
CA ARG B 279 12.23 35.10 10.38
C ARG B 279 12.41 33.87 11.26
N ARG B 280 13.10 32.86 10.74
CA ARG B 280 13.33 31.68 11.55
C ARG B 280 14.22 32.03 12.73
N SER B 281 15.24 32.89 12.49
CA SER B 281 16.15 33.27 13.58
C SER B 281 15.42 33.97 14.73
N ALA B 282 14.52 34.86 14.35
CA ALA B 282 13.77 35.56 15.36
C ALA B 282 12.94 34.61 16.19
N LEU B 283 12.29 33.64 15.53
CA LEU B 283 11.46 32.67 16.25
C LEU B 283 12.32 31.84 17.18
N ALA B 284 13.51 31.46 16.68
CA ALA B 284 14.48 30.66 17.42
C ALA B 284 14.83 31.40 18.73
N ALA B 285 15.15 32.70 18.57
CA ALA B 285 15.48 33.54 19.72
C ALA B 285 14.29 33.58 20.69
N GLU B 286 13.10 33.60 20.12
CA GLU B 286 11.91 33.61 20.92
C GLU B 286 11.83 32.32 21.75
N TYR B 287 12.09 31.20 21.09
CA TYR B 287 12.06 29.91 21.76
C TYR B 287 13.12 29.79 22.84
N LEU B 288 14.30 30.23 22.49
CA LEU B 288 15.38 30.14 23.43
C LEU B 288 15.07 30.89 24.70
N SER B 289 14.53 32.06 24.51
CA SER B 289 14.16 32.92 25.59
C SER B 289 13.04 32.33 26.46
N GLY B 290 11.90 32.02 25.84
CA GLY B 290 10.76 31.49 26.60
C GLY B 290 10.92 30.11 27.21
N LEU B 291 11.84 29.33 26.67
CA LEU B 291 12.06 28.00 27.16
C LEU B 291 13.25 27.97 28.08
N ALA B 292 13.71 29.15 28.42
CA ALA B 292 14.85 29.22 29.33
C ALA B 292 14.39 28.76 30.71
N GLY B 293 15.29 28.12 31.46
CA GLY B 293 15.03 27.65 32.80
C GLY B 293 14.19 26.38 32.92
N LEU B 294 14.19 25.55 31.89
CA LEU B 294 13.45 24.29 31.94
C LEU B 294 14.45 23.15 31.93
N PRO B 295 14.96 22.87 33.11
CA PRO B 295 15.96 21.84 33.32
C PRO B 295 15.80 20.53 32.56
N GLY B 296 14.58 20.01 32.42
CA GLY B 296 14.44 18.75 31.69
C GLY B 296 14.51 18.86 30.17
N ILE B 297 14.31 20.07 29.66
CA ILE B 297 14.32 20.36 28.24
C ILE B 297 15.64 20.86 27.76
N GLY B 298 16.34 20.08 26.95
CA GLY B 298 17.63 20.52 26.42
C GLY B 298 17.43 21.45 25.22
N LEU B 299 18.01 22.64 25.27
CA LEU B 299 17.83 23.60 24.20
C LEU B 299 18.99 23.52 23.22
N PRO B 300 18.72 23.78 21.95
CA PRO B 300 19.77 23.73 20.95
C PRO B 300 20.84 24.80 21.17
N VAL B 301 22.08 24.43 20.95
CA VAL B 301 23.21 25.32 21.13
C VAL B 301 23.76 25.90 19.83
N THR B 302 23.96 27.21 19.83
CA THR B 302 24.50 27.88 18.69
C THR B 302 26.01 27.92 18.85
N ALA B 303 26.77 27.21 18.03
CA ALA B 303 28.20 27.24 18.18
C ALA B 303 28.71 28.65 17.96
N PRO B 304 29.84 28.93 18.57
CA PRO B 304 30.41 30.24 18.39
C PRO B 304 30.91 30.42 16.96
N ASP B 305 30.81 31.64 16.43
CA ASP B 305 31.27 31.94 15.08
C ASP B 305 30.39 31.39 13.98
N THR B 306 29.17 31.08 14.32
CA THR B 306 28.26 30.57 13.33
C THR B 306 26.99 31.37 13.35
N ASP B 307 26.34 31.35 12.19
CA ASP B 307 25.06 31.98 11.93
C ASP B 307 24.13 30.91 11.37
N PRO B 308 23.48 30.20 12.29
CA PRO B 308 22.56 29.13 11.91
C PRO B 308 21.35 29.66 11.16
N VAL B 309 20.69 28.79 10.39
CA VAL B 309 19.51 29.19 9.62
C VAL B 309 18.27 28.48 10.14
N TRP B 310 18.48 27.76 11.22
CA TRP B 310 17.37 27.11 11.88
C TRP B 310 16.34 26.43 10.98
N HIS B 311 16.77 25.45 10.21
CA HIS B 311 15.85 24.72 9.35
C HIS B 311 14.87 23.94 10.26
N LEU B 312 15.38 23.61 11.45
CA LEU B 312 14.66 22.87 12.49
C LEU B 312 15.06 23.36 13.87
N PHE B 313 14.05 23.53 14.73
CA PHE B 313 14.26 23.97 16.12
C PHE B 313 14.10 22.75 17.00
N THR B 314 15.22 22.24 17.46
CA THR B 314 15.18 21.02 18.23
C THR B 314 15.54 21.15 19.70
N VAL B 315 14.74 20.46 20.50
CA VAL B 315 14.92 20.41 21.96
C VAL B 315 15.06 18.95 22.33
N ARG B 316 15.73 18.68 23.43
CA ARG B 316 15.91 17.32 23.82
C ARG B 316 15.37 16.99 25.17
N THR B 317 14.79 15.84 25.25
CA THR B 317 14.30 15.46 26.53
C THR B 317 14.00 13.99 26.60
N GLU B 318 14.29 13.44 27.74
CA GLU B 318 13.92 12.07 27.88
C GLU B 318 12.40 12.27 27.96
N ARG B 319 11.58 11.34 27.51
CA ARG B 319 10.14 11.59 27.59
C ARG B 319 9.56 12.48 26.51
N ARG B 320 10.28 12.59 25.39
CA ARG B 320 9.81 13.39 24.26
C ARG B 320 8.50 12.86 23.69
N ASP B 321 8.29 11.53 23.77
CA ASP B 321 7.05 10.98 23.23
C ASP B 321 5.86 11.47 24.01
N GLU B 322 6.08 11.67 25.31
CA GLU B 322 5.01 12.16 26.15
C GLU B 322 4.78 13.61 25.81
N LEU B 323 5.88 14.38 25.73
CA LEU B 323 5.75 15.79 25.42
C LEU B 323 4.98 16.01 24.13
N ARG B 324 5.36 15.22 23.14
CA ARG B 324 4.71 15.33 21.86
C ARG B 324 3.22 15.09 21.99
N SER B 325 2.88 14.13 22.85
CA SER B 325 1.50 13.79 23.08
C SER B 325 0.80 15.01 23.59
N HIS B 326 1.42 15.57 24.62
CA HIS B 326 0.94 16.77 25.26
C HIS B 326 0.72 17.88 24.25
N LEU B 327 1.74 18.12 23.42
CA LEU B 327 1.60 19.17 22.43
C LEU B 327 0.48 18.89 21.47
N ASP B 328 0.41 17.64 21.01
CA ASP B 328 -0.64 17.30 20.09
C ASP B 328 -1.97 17.75 20.67
N ALA B 329 -2.23 17.24 21.88
CA ALA B 329 -3.45 17.55 22.61
C ALA B 329 -3.71 19.04 22.67
N ARG B 330 -2.62 19.78 22.77
CA ARG B 330 -2.72 21.22 22.83
C ARG B 330 -2.82 21.85 21.45
N GLY B 331 -3.01 21.00 20.44
CA GLY B 331 -3.17 21.41 19.04
C GLY B 331 -1.90 21.87 18.33
N ILE B 332 -0.76 21.33 18.77
CA ILE B 332 0.52 21.68 18.17
C ILE B 332 1.15 20.50 17.44
N ASP B 333 1.46 20.72 16.16
CA ASP B 333 2.10 19.69 15.36
C ASP B 333 3.59 19.73 15.58
N THR B 334 4.18 18.56 15.76
CA THR B 334 5.63 18.48 15.93
C THR B 334 6.16 17.29 15.15
N LEU B 335 7.48 17.20 15.01
CA LEU B 335 8.09 16.09 14.30
C LEU B 335 9.32 15.66 15.08
N THR B 336 9.91 14.54 14.72
CA THR B 336 11.11 14.10 15.39
C THR B 336 12.19 13.81 14.35
N HIS B 337 13.29 14.53 14.42
CA HIS B 337 14.36 14.32 13.46
C HIS B 337 15.64 13.97 14.18
N TYR B 338 15.95 12.68 14.29
CA TYR B 338 15.17 11.57 13.76
C TYR B 338 14.98 10.51 14.83
N PRO B 339 13.88 9.75 14.77
CA PRO B 339 13.61 8.75 15.77
C PRO B 339 14.52 7.53 15.77
N VAL B 340 15.02 7.12 14.62
CA VAL B 340 15.90 5.96 14.55
C VAL B 340 17.27 6.41 14.05
N PRO B 341 18.35 6.19 14.83
CA PRO B 341 19.66 6.60 14.37
C PRO B 341 19.98 5.71 13.22
N VAL B 342 20.69 6.26 12.24
CA VAL B 342 21.04 5.52 11.04
C VAL B 342 21.57 4.12 11.27
N HIS B 343 22.54 3.95 12.17
CA HIS B 343 23.11 2.63 12.40
C HIS B 343 22.10 1.56 12.77
N LEU B 344 20.99 1.98 13.34
CA LEU B 344 19.95 1.05 13.75
C LEU B 344 18.85 0.86 12.73
N SER B 345 18.86 1.55 11.59
CA SER B 345 17.80 1.30 10.66
C SER B 345 18.09 -0.03 9.99
N PRO B 346 17.05 -0.72 9.59
CA PRO B 346 17.23 -1.99 8.94
C PRO B 346 18.07 -1.87 7.68
N ALA B 347 17.99 -0.72 7.02
CA ALA B 347 18.76 -0.55 5.79
C ALA B 347 20.24 -0.79 5.98
N TYR B 348 20.74 -0.45 7.18
CA TYR B 348 22.15 -0.57 7.49
C TYR B 348 22.51 -1.54 8.58
N ALA B 349 21.65 -1.62 9.58
CA ALA B 349 21.95 -2.48 10.69
C ALA B 349 22.95 -3.61 10.42
N GLY B 350 22.77 -4.38 9.34
CA GLY B 350 23.69 -5.46 9.03
C GLY B 350 25.19 -5.07 8.88
N GLU B 351 25.43 -3.79 8.63
CA GLU B 351 26.76 -3.31 8.40
C GLU B 351 27.25 -2.15 9.26
N ALA B 352 26.46 -1.72 10.21
CA ALA B 352 26.86 -0.61 11.04
C ALA B 352 27.19 -1.09 12.44
N PRO B 353 27.70 -0.19 13.30
CA PRO B 353 28.03 -0.57 14.65
C PRO B 353 26.80 -0.94 15.46
N PRO B 354 27.00 -1.85 16.41
CA PRO B 354 25.94 -2.35 17.26
C PRO B 354 25.31 -1.29 18.13
N GLU B 355 24.08 -1.58 18.53
CA GLU B 355 23.36 -0.68 19.38
C GLU B 355 24.12 -0.56 20.68
N GLY B 356 24.24 0.67 21.15
CA GLY B 356 24.94 0.99 22.39
C GLY B 356 26.36 1.45 22.19
N SER B 357 26.86 1.27 20.97
CA SER B 357 28.21 1.65 20.61
C SER B 357 28.33 3.07 20.04
N LEU B 358 27.18 3.74 19.82
CA LEU B 358 27.14 5.12 19.32
C LEU B 358 26.13 5.89 20.18
N PRO B 359 26.49 6.05 21.46
CA PRO B 359 25.67 6.67 22.47
C PRO B 359 25.16 8.07 22.15
N ARG B 360 25.92 8.85 21.41
CA ARG B 360 25.46 10.19 21.10
C ARG B 360 24.30 10.15 20.10
N ALA B 361 24.55 9.47 18.98
CA ALA B 361 23.53 9.33 17.97
C ALA B 361 22.28 8.74 18.61
N GLU B 362 22.49 7.74 19.49
CA GLU B 362 21.41 7.05 20.20
C GLU B 362 20.64 7.98 21.12
N SER B 363 21.37 8.76 21.90
CA SER B 363 20.73 9.69 22.79
C SER B 363 19.93 10.74 22.01
N PHE B 364 20.52 11.31 20.95
CA PHE B 364 19.79 12.30 20.13
C PHE B 364 18.52 11.68 19.57
N ALA B 365 18.64 10.47 19.02
CA ALA B 365 17.49 9.79 18.43
C ALA B 365 16.34 9.62 19.40
N ARG B 366 16.70 9.28 20.62
CA ARG B 366 15.71 9.07 21.64
C ARG B 366 15.18 10.35 22.30
N GLN B 367 15.92 11.44 22.24
CA GLN B 367 15.47 12.65 22.90
C GLN B 367 14.93 13.79 22.09
N VAL B 368 15.30 13.84 20.82
CA VAL B 368 14.86 14.96 20.00
C VAL B 368 13.39 15.12 19.72
N LEU B 369 13.06 16.38 19.62
CA LEU B 369 11.74 16.83 19.28
C LEU B 369 11.88 18.17 18.58
N SER B 370 11.26 18.30 17.40
CA SER B 370 11.32 19.53 16.66
C SER B 370 10.06 20.32 16.87
N LEU B 371 10.23 21.60 17.20
CA LEU B 371 9.10 22.48 17.41
C LEU B 371 8.83 23.25 16.14
N PRO B 372 7.57 23.60 15.91
CA PRO B 372 7.22 24.33 14.71
C PRO B 372 8.07 25.58 14.52
N ILE B 373 8.57 25.72 13.31
CA ILE B 373 9.41 26.84 12.93
C ILE B 373 9.39 27.00 11.40
N GLY B 374 9.51 28.24 10.92
CA GLY B 374 9.47 28.54 9.49
C GLY B 374 9.11 30.00 9.26
N PRO B 375 9.31 30.46 8.01
CA PRO B 375 9.04 31.84 7.64
C PRO B 375 7.56 32.19 7.67
N HIS B 376 6.73 31.21 7.92
CA HIS B 376 5.32 31.53 7.94
C HIS B 376 4.67 31.27 9.28
N LEU B 377 5.50 31.12 10.31
CA LEU B 377 5.03 30.90 11.66
C LEU B 377 5.08 32.26 12.34
N GLU B 378 4.03 32.64 13.05
CA GLU B 378 4.01 33.93 13.70
C GLU B 378 4.35 33.84 15.18
N ARG B 379 4.83 34.95 15.74
CA ARG B 379 5.24 35.08 17.14
C ARG B 379 4.23 34.53 18.14
N PRO B 380 2.96 34.87 17.91
CA PRO B 380 1.89 34.42 18.77
C PRO B 380 1.74 32.92 18.81
N GLN B 381 1.82 32.29 17.62
CA GLN B 381 1.74 30.84 17.50
C GLN B 381 2.89 30.20 18.28
N ALA B 382 4.07 30.79 18.10
CA ALA B 382 5.22 30.29 18.82
C ALA B 382 5.05 30.42 20.34
N LEU B 383 4.39 31.51 20.78
CA LEU B 383 4.16 31.76 22.20
C LEU B 383 3.30 30.62 22.73
N ARG B 384 2.35 30.27 21.90
CA ARG B 384 1.45 29.21 22.23
C ARG B 384 2.22 27.90 22.41
N VAL B 385 3.21 27.68 21.54
CA VAL B 385 4.02 26.48 21.64
C VAL B 385 4.81 26.46 22.94
N ILE B 386 5.39 27.60 23.24
CA ILE B 386 6.17 27.74 24.45
C ILE B 386 5.31 27.45 25.68
N ASP B 387 4.13 28.06 25.72
CA ASP B 387 3.25 27.82 26.86
C ASP B 387 2.99 26.34 27.10
N ALA B 388 2.62 25.64 26.03
CA ALA B 388 2.35 24.21 26.16
C ALA B 388 3.57 23.45 26.62
N VAL B 389 4.74 23.80 26.09
CA VAL B 389 5.98 23.14 26.50
C VAL B 389 6.23 23.43 27.98
N ARG B 390 6.13 24.70 28.34
CA ARG B 390 6.35 25.06 29.74
C ARG B 390 5.42 24.30 30.67
N GLU B 391 4.13 24.26 30.32
CA GLU B 391 3.15 23.56 31.15
C GLU B 391 3.47 22.09 31.35
N TRP B 392 3.88 21.42 30.28
CA TRP B 392 4.22 20.03 30.36
C TRP B 392 5.39 19.84 31.29
N ALA B 393 6.40 20.64 31.03
CA ALA B 393 7.60 20.55 31.83
C ALA B 393 7.28 20.80 33.28
N GLU B 394 6.39 21.74 33.49
CA GLU B 394 5.98 22.08 34.83
C GLU B 394 5.17 20.95 35.45
N ARG B 395 4.28 20.37 34.68
CA ARG B 395 3.51 19.27 35.21
C ARG B 395 4.49 18.16 35.49
N VAL B 396 5.11 17.70 34.41
CA VAL B 396 6.10 16.65 34.42
C VAL B 396 7.36 17.13 35.11
N PRO C 28 -39.72 3.46 34.36
CA PRO C 28 -38.66 3.31 33.39
C PRO C 28 -37.37 2.95 34.10
N ARG C 29 -36.94 1.74 33.81
CA ARG C 29 -35.73 1.21 34.41
C ARG C 29 -34.49 1.95 33.94
N VAL C 30 -33.39 1.68 34.64
CA VAL C 30 -32.14 2.28 34.25
C VAL C 30 -31.46 1.24 33.31
N PRO C 31 -31.28 1.61 32.04
CA PRO C 31 -30.67 0.70 31.08
C PRO C 31 -29.20 0.47 31.40
N PHE C 32 -28.68 -0.70 31.05
CA PHE C 32 -27.28 -0.96 31.30
C PHE C 32 -26.40 -0.18 30.30
N LEU C 33 -26.90 -0.08 29.07
CA LEU C 33 -26.19 0.61 28.01
C LEU C 33 -27.03 0.73 26.75
N ASP C 34 -27.65 1.88 26.59
CA ASP C 34 -28.52 2.20 25.47
C ASP C 34 -27.80 2.45 24.15
N LEU C 35 -27.86 1.47 23.28
CA LEU C 35 -27.25 1.57 21.98
C LEU C 35 -28.00 2.53 21.07
N LYS C 36 -29.33 2.47 21.14
CA LYS C 36 -30.16 3.33 20.31
C LYS C 36 -29.80 4.81 20.52
N ALA C 37 -29.52 5.15 21.79
CA ALA C 37 -29.18 6.49 22.20
C ALA C 37 -27.99 7.06 21.43
N ALA C 38 -27.06 6.17 21.10
CA ALA C 38 -25.87 6.56 20.35
C ALA C 38 -26.21 6.88 18.89
N TYR C 39 -27.25 6.25 18.36
CA TYR C 39 -27.66 6.55 16.98
C TYR C 39 -28.39 7.87 17.04
N GLU C 40 -29.30 7.93 17.99
CA GLU C 40 -30.09 9.11 18.19
C GLU C 40 -29.23 10.35 18.29
N GLU C 41 -28.32 10.36 19.25
CA GLU C 41 -27.51 11.55 19.35
C GLU C 41 -26.95 12.02 18.01
N LEU C 42 -26.56 11.09 17.13
CA LEU C 42 -25.97 11.43 15.84
C LEU C 42 -26.78 11.01 14.62
N ARG C 43 -28.08 11.02 14.79
CA ARG C 43 -28.98 10.59 13.76
C ARG C 43 -28.70 11.08 12.34
N ALA C 44 -28.74 12.38 12.16
CA ALA C 44 -28.52 12.93 10.83
C ALA C 44 -27.22 12.56 10.18
N GLU C 45 -26.11 12.77 10.90
CA GLU C 45 -24.76 12.47 10.37
C GLU C 45 -24.67 11.00 9.97
N THR C 46 -25.19 10.18 10.87
CA THR C 46 -25.20 8.75 10.71
C THR C 46 -25.98 8.32 9.49
N ASP C 47 -27.20 8.83 9.36
CA ASP C 47 -28.01 8.48 8.21
C ASP C 47 -27.31 8.88 6.94
N ALA C 48 -26.71 10.07 7.03
CA ALA C 48 -26.00 10.63 5.91
C ALA C 48 -24.77 9.83 5.52
N ALA C 49 -24.03 9.36 6.51
CA ALA C 49 -22.83 8.59 6.21
C ALA C 49 -23.20 7.27 5.51
N ILE C 50 -24.29 6.64 5.95
CA ILE C 50 -24.75 5.39 5.40
C ILE C 50 -25.26 5.56 3.97
N ALA C 51 -25.99 6.66 3.78
CA ALA C 51 -26.54 7.01 2.48
C ALA C 51 -25.41 7.20 1.48
N ARG C 52 -24.39 7.91 1.94
CA ARG C 52 -23.22 8.16 1.14
C ARG C 52 -22.62 6.85 0.64
N VAL C 53 -22.43 5.90 1.56
CA VAL C 53 -21.85 4.62 1.19
C VAL C 53 -22.72 3.87 0.16
N LEU C 54 -24.02 3.84 0.44
CA LEU C 54 -24.96 3.16 -0.44
C LEU C 54 -24.84 3.64 -1.86
N ASP C 55 -24.81 4.96 -1.98
CA ASP C 55 -24.68 5.61 -3.26
C ASP C 55 -23.33 5.43 -3.91
N SER C 56 -22.30 5.10 -3.13
CA SER C 56 -20.97 4.96 -3.69
C SER C 56 -20.77 3.76 -4.59
N GLY C 57 -21.58 2.72 -4.41
CA GLY C 57 -21.40 1.53 -5.19
C GLY C 57 -20.16 0.74 -4.75
N ARG C 58 -19.52 1.15 -3.65
CA ARG C 58 -18.35 0.49 -3.11
C ARG C 58 -18.63 0.14 -1.66
N TYR C 59 -18.73 -1.17 -1.40
CA TYR C 59 -19.08 -1.72 -0.11
C TYR C 59 -18.01 -2.33 0.78
N LEU C 60 -16.89 -2.75 0.18
CA LEU C 60 -15.77 -3.35 0.89
C LEU C 60 -14.45 -2.77 0.43
N LEU C 61 -13.51 -2.68 1.35
CA LEU C 61 -12.19 -2.17 1.04
C LEU C 61 -12.20 -0.92 0.16
N GLY C 62 -12.94 0.09 0.58
CA GLY C 62 -13.01 1.35 -0.18
C GLY C 62 -12.47 2.54 0.64
N PRO C 63 -12.94 3.72 0.28
CA PRO C 63 -12.53 4.96 0.90
C PRO C 63 -12.93 5.13 2.37
N GLU C 64 -14.10 4.64 2.76
CA GLU C 64 -14.48 4.80 4.15
C GLU C 64 -13.51 4.08 5.09
N LEU C 65 -13.16 2.84 4.73
CA LEU C 65 -12.25 2.05 5.54
C LEU C 65 -10.90 2.75 5.60
N GLU C 66 -10.44 3.22 4.45
CA GLU C 66 -9.17 3.89 4.44
C GLU C 66 -9.15 5.10 5.32
N GLY C 67 -10.20 5.92 5.24
CA GLY C 67 -10.29 7.14 6.05
C GLY C 67 -10.33 6.80 7.54
N PHE C 68 -11.18 5.83 7.87
CA PHE C 68 -11.33 5.36 9.24
C PHE C 68 -10.02 4.84 9.76
N GLU C 69 -9.30 4.04 8.95
CA GLU C 69 -8.03 3.50 9.37
C GLU C 69 -7.01 4.62 9.61
N ALA C 70 -6.97 5.60 8.72
CA ALA C 70 -6.02 6.67 8.94
C ALA C 70 -6.35 7.49 10.20
N GLU C 71 -7.64 7.74 10.38
CA GLU C 71 -8.10 8.50 11.51
C GLU C 71 -7.87 7.78 12.82
N PHE C 72 -8.14 6.48 12.81
CA PHE C 72 -7.97 5.69 14.03
C PHE C 72 -6.49 5.55 14.40
N ALA C 73 -5.64 5.32 13.40
CA ALA C 73 -4.20 5.20 13.62
C ALA C 73 -3.67 6.47 14.25
N ALA C 74 -4.12 7.59 13.65
CA ALA C 74 -3.73 8.90 14.11
C ALA C 74 -4.18 9.06 15.54
N TYR C 75 -5.43 8.69 15.81
CA TYR C 75 -6.00 8.76 17.16
C TYR C 75 -5.17 7.95 18.15
N CYS C 76 -4.76 6.77 17.71
CA CYS C 76 -3.97 5.87 18.54
C CYS C 76 -2.50 6.23 18.63
N GLU C 77 -2.12 7.33 17.97
CA GLU C 77 -0.73 7.74 18.02
C GLU C 77 0.19 6.69 17.39
N THR C 78 -0.26 6.13 16.28
CA THR C 78 0.54 5.14 15.61
C THR C 78 0.49 5.26 14.08
N ASP C 79 1.24 4.42 13.38
CA ASP C 79 1.30 4.51 11.93
C ASP C 79 0.24 3.78 11.14
N HIS C 80 -0.22 2.64 11.66
CA HIS C 80 -1.22 1.89 10.92
C HIS C 80 -2.35 1.31 11.75
N ALA C 81 -3.51 1.19 11.10
CA ALA C 81 -4.69 0.60 11.66
C ALA C 81 -5.21 -0.28 10.55
N VAL C 82 -5.47 -1.53 10.88
CA VAL C 82 -5.97 -2.51 9.93
C VAL C 82 -7.34 -2.96 10.39
N GLY C 83 -8.38 -2.50 9.71
CA GLY C 83 -9.73 -2.88 10.10
C GLY C 83 -10.08 -4.30 9.71
N VAL C 84 -10.67 -5.01 10.65
CA VAL C 84 -11.08 -6.37 10.46
C VAL C 84 -12.51 -6.60 10.93
N ASN C 85 -12.93 -7.86 10.95
CA ASN C 85 -14.30 -8.20 11.30
C ASN C 85 -14.68 -8.16 12.76
N SER C 86 -13.73 -8.43 13.65
CA SER C 86 -14.12 -8.45 15.04
C SER C 86 -12.91 -8.26 15.90
N GLY C 87 -13.14 -8.03 17.20
CA GLY C 87 -12.02 -7.88 18.15
C GLY C 87 -11.32 -9.23 18.24
N MET C 88 -12.10 -10.30 18.14
CA MET C 88 -11.52 -11.63 18.21
C MET C 88 -10.56 -11.88 17.03
N ASP C 89 -10.94 -11.47 15.83
CA ASP C 89 -10.09 -11.63 14.66
C ASP C 89 -8.87 -10.71 14.75
N ALA C 90 -9.07 -9.50 15.29
CA ALA C 90 -7.97 -8.57 15.44
C ALA C 90 -6.86 -9.23 16.31
N LEU C 91 -7.25 -9.83 17.41
CA LEU C 91 -6.31 -10.50 18.29
C LEU C 91 -5.65 -11.67 17.56
N GLN C 92 -6.46 -12.55 17.01
CA GLN C 92 -5.95 -13.71 16.31
C GLN C 92 -5.08 -13.41 15.11
N LEU C 93 -5.41 -12.39 14.29
CA LEU C 93 -4.60 -12.07 13.11
C LEU C 93 -3.29 -11.42 13.53
N ALA C 94 -3.32 -10.70 14.65
CA ALA C 94 -2.13 -10.05 15.18
C ALA C 94 -1.12 -11.11 15.54
N LEU C 95 -1.56 -12.08 16.29
CA LEU C 95 -0.70 -13.16 16.73
C LEU C 95 -0.14 -13.94 15.55
N ARG C 96 -1.01 -14.19 14.56
CA ARG C 96 -0.71 -14.91 13.33
C ARG C 96 0.33 -14.16 12.55
N GLY C 97 0.16 -12.83 12.50
CA GLY C 97 1.08 -11.97 11.79
C GLY C 97 2.43 -11.95 12.47
N LEU C 98 2.44 -12.28 13.76
CA LEU C 98 3.67 -12.31 14.51
C LEU C 98 4.28 -13.70 14.48
N GLY C 99 3.66 -14.57 13.68
CA GLY C 99 4.11 -15.95 13.51
C GLY C 99 3.78 -16.88 14.66
N ILE C 100 2.83 -16.48 15.50
CA ILE C 100 2.48 -17.32 16.64
C ILE C 100 1.55 -18.44 16.25
N GLY C 101 1.84 -19.68 16.66
CA GLY C 101 0.97 -20.78 16.28
C GLY C 101 1.15 -22.00 17.15
N PRO C 102 0.89 -23.16 16.57
CA PRO C 102 1.02 -24.43 17.24
C PRO C 102 2.39 -24.61 17.89
N GLY C 103 2.38 -25.15 19.09
CA GLY C 103 3.64 -25.37 19.77
C GLY C 103 4.02 -24.15 20.56
N ASP C 104 3.42 -23.02 20.22
CA ASP C 104 3.71 -21.80 20.93
C ASP C 104 2.74 -21.57 22.08
N GLU C 105 3.17 -20.80 23.03
CA GLU C 105 2.32 -20.47 24.16
C GLU C 105 2.23 -18.94 24.22
N VAL C 106 1.07 -18.46 24.66
CA VAL C 106 0.81 -17.04 24.82
C VAL C 106 0.31 -16.82 26.23
N ILE C 107 0.97 -15.98 27.01
CA ILE C 107 0.52 -15.75 28.37
C ILE C 107 -0.70 -14.83 28.38
N VAL C 108 -1.78 -15.28 29.00
CA VAL C 108 -3.00 -14.49 29.06
C VAL C 108 -3.40 -14.27 30.51
N PRO C 109 -4.25 -13.27 30.76
CA PRO C 109 -4.69 -13.02 32.10
C PRO C 109 -5.74 -14.06 32.45
N SER C 110 -5.73 -14.46 33.72
CA SER C 110 -6.69 -15.45 34.22
C SER C 110 -8.05 -14.81 34.36
N HIS C 111 -8.01 -13.49 34.53
CA HIS C 111 -9.21 -12.66 34.66
C HIS C 111 -9.38 -11.81 33.37
N THR C 112 -10.33 -12.20 32.52
CA THR C 112 -10.61 -11.55 31.26
C THR C 112 -11.84 -12.18 30.61
N TYR C 113 -12.21 -11.66 29.44
CA TYR C 113 -13.33 -12.20 28.72
C TYR C 113 -12.79 -13.42 27.98
N ILE C 114 -13.58 -14.47 27.85
CA ILE C 114 -13.09 -15.67 27.19
C ILE C 114 -12.49 -15.45 25.81
N ALA C 115 -13.00 -14.49 25.09
CA ALA C 115 -12.48 -14.24 23.75
C ALA C 115 -10.97 -14.06 23.70
N SER C 116 -10.42 -13.44 24.73
CA SER C 116 -8.97 -13.22 24.81
C SER C 116 -8.24 -14.56 24.66
N TRP C 117 -8.77 -15.62 25.30
CA TRP C 117 -8.16 -16.94 25.21
C TRP C 117 -8.55 -17.61 23.91
N LEU C 118 -9.78 -17.39 23.46
CA LEU C 118 -10.19 -18.02 22.20
C LEU C 118 -9.34 -17.60 21.00
N ALA C 119 -8.92 -16.34 21.01
CA ALA C 119 -8.10 -15.78 19.94
C ALA C 119 -6.75 -16.50 19.88
N VAL C 120 -6.23 -16.84 21.06
CA VAL C 120 -4.95 -17.53 21.12
C VAL C 120 -5.13 -18.95 20.56
N SER C 121 -6.09 -19.65 21.15
CA SER C 121 -6.42 -21.00 20.75
C SER C 121 -6.69 -21.14 19.27
N ALA C 122 -7.33 -20.13 18.70
CA ALA C 122 -7.63 -20.20 17.29
C ALA C 122 -6.37 -20.18 16.45
N THR C 123 -5.22 -19.78 16.99
CA THR C 123 -4.04 -19.79 16.13
C THR C 123 -3.32 -21.12 16.24
N GLY C 124 -3.79 -21.94 17.16
CA GLY C 124 -3.15 -23.23 17.36
C GLY C 124 -2.27 -23.15 18.59
N ALA C 125 -1.92 -21.93 18.98
CA ALA C 125 -1.08 -21.76 20.15
C ALA C 125 -1.88 -22.03 21.41
N THR C 126 -1.18 -22.04 22.54
CA THR C 126 -1.80 -22.31 23.82
C THR C 126 -1.77 -21.13 24.80
N PRO C 127 -2.96 -20.78 25.31
CA PRO C 127 -3.10 -19.69 26.26
C PRO C 127 -2.70 -20.17 27.64
N VAL C 128 -1.81 -19.44 28.29
CA VAL C 128 -1.30 -19.76 29.61
C VAL C 128 -1.67 -18.64 30.58
N PRO C 129 -2.70 -18.89 31.40
CA PRO C 129 -3.22 -17.91 32.33
C PRO C 129 -2.26 -17.43 33.39
N VAL C 130 -2.26 -16.12 33.61
CA VAL C 130 -1.45 -15.49 34.64
C VAL C 130 -2.41 -14.56 35.38
N GLU C 131 -2.33 -14.56 36.70
CA GLU C 131 -3.23 -13.74 37.50
C GLU C 131 -3.02 -12.24 37.41
N PRO C 132 -4.11 -11.55 37.66
CA PRO C 132 -4.08 -10.11 37.64
C PRO C 132 -3.63 -9.64 39.01
N HIS C 133 -3.64 -8.34 39.21
CA HIS C 133 -3.28 -7.81 40.50
C HIS C 133 -4.40 -8.15 41.45
N GLU C 134 -4.14 -8.02 42.74
CA GLU C 134 -5.17 -8.29 43.73
C GLU C 134 -6.45 -7.45 43.56
N ASP C 135 -6.27 -6.15 43.32
CA ASP C 135 -7.36 -5.19 43.15
C ASP C 135 -7.34 -4.36 41.88
N HIS C 136 -6.65 -4.84 40.85
CA HIS C 136 -6.58 -4.16 39.57
C HIS C 136 -6.72 -5.27 38.55
N PRO C 137 -7.79 -5.17 37.78
CA PRO C 137 -8.19 -6.17 36.82
C PRO C 137 -7.24 -6.40 35.66
N THR C 138 -5.97 -6.11 35.86
CA THR C 138 -4.97 -6.28 34.82
C THR C 138 -3.88 -7.26 35.23
N LEU C 139 -3.30 -7.89 34.19
CA LEU C 139 -2.22 -8.87 34.28
C LEU C 139 -1.16 -8.38 35.24
N ASP C 140 -0.87 -9.15 36.29
CA ASP C 140 0.15 -8.77 37.29
C ASP C 140 1.54 -9.11 36.77
N PRO C 141 2.28 -8.07 36.40
CA PRO C 141 3.59 -8.26 35.84
C PRO C 141 4.51 -9.11 36.70
N LEU C 142 4.35 -8.98 38.01
CA LEU C 142 5.19 -9.70 38.92
C LEU C 142 4.97 -11.20 38.85
N LEU C 143 3.80 -11.60 38.34
CA LEU C 143 3.48 -13.00 38.25
C LEU C 143 3.81 -13.65 36.91
N VAL C 144 4.22 -12.85 35.93
CA VAL C 144 4.52 -13.35 34.58
C VAL C 144 5.69 -14.31 34.38
N GLU C 145 6.88 -13.82 34.70
CA GLU C 145 8.10 -14.58 34.55
C GLU C 145 7.99 -16.05 34.85
N LYS C 146 7.42 -16.34 35.99
CA LYS C 146 7.24 -17.69 36.47
C LYS C 146 6.48 -18.56 35.48
N ALA C 147 5.59 -17.95 34.72
CA ALA C 147 4.80 -18.72 33.75
C ALA C 147 5.50 -18.89 32.40
N ILE C 148 6.56 -18.15 32.24
CA ILE C 148 7.30 -18.22 31.01
C ILE C 148 7.92 -19.58 30.78
N THR C 149 7.92 -20.02 29.52
CA THR C 149 8.52 -21.27 29.14
C THR C 149 9.28 -21.07 27.85
N PRO C 150 9.90 -22.13 27.37
CA PRO C 150 10.64 -22.04 26.13
C PRO C 150 9.69 -21.93 24.97
N ARG C 151 8.42 -22.26 25.25
CA ARG C 151 7.40 -22.19 24.23
C ARG C 151 6.75 -20.80 24.16
N THR C 152 6.85 -20.04 25.26
CA THR C 152 6.27 -18.72 25.33
C THR C 152 6.77 -17.82 24.21
N ARG C 153 5.84 -17.25 23.45
CA ARG C 153 6.18 -16.35 22.34
C ARG C 153 5.62 -14.95 22.54
N ALA C 154 4.61 -14.83 23.40
CA ALA C 154 4.03 -13.54 23.61
C ALA C 154 3.27 -13.40 24.91
N LEU C 155 2.97 -12.15 25.25
CA LEU C 155 2.18 -11.78 26.41
C LEU C 155 0.94 -11.12 25.83
N LEU C 156 -0.21 -11.44 26.40
CA LEU C 156 -1.43 -10.86 25.93
C LEU C 156 -2.17 -10.14 27.06
N PRO C 157 -1.66 -8.96 27.45
CA PRO C 157 -2.26 -8.16 28.49
C PRO C 157 -3.59 -7.58 27.97
N VAL C 158 -4.59 -7.51 28.85
CA VAL C 158 -5.91 -6.99 28.54
C VAL C 158 -6.19 -5.77 29.42
N HIS C 159 -6.54 -4.64 28.80
CA HIS C 159 -6.82 -3.41 29.55
C HIS C 159 -8.29 -3.47 29.88
N LEU C 160 -8.62 -4.38 30.77
CA LEU C 160 -9.99 -4.67 31.17
C LEU C 160 -10.76 -3.48 31.74
N TYR C 161 -12.02 -3.40 31.34
CA TYR C 161 -12.97 -2.38 31.80
C TYR C 161 -12.61 -0.96 31.40
N GLY C 162 -11.54 -0.81 30.60
CA GLY C 162 -11.07 0.50 30.16
C GLY C 162 -9.86 0.98 30.99
N HIS C 163 -9.33 0.08 31.81
CA HIS C 163 -8.19 0.34 32.69
C HIS C 163 -6.90 -0.27 32.14
N PRO C 164 -5.93 0.59 31.85
CA PRO C 164 -4.70 0.10 31.27
C PRO C 164 -3.85 -0.80 32.15
N ALA C 165 -3.23 -1.80 31.53
CA ALA C 165 -2.35 -2.70 32.26
C ALA C 165 -1.00 -1.98 32.43
N ASP C 166 -0.18 -2.43 33.36
CA ASP C 166 1.12 -1.80 33.59
C ASP C 166 2.08 -2.09 32.44
N MET C 167 1.86 -1.39 31.33
CA MET C 167 2.64 -1.56 30.11
C MET C 167 4.15 -1.37 30.25
N ASP C 168 4.60 -0.46 31.09
CA ASP C 168 6.05 -0.32 31.22
C ASP C 168 6.72 -1.58 31.76
N ALA C 169 6.17 -2.08 32.86
CA ALA C 169 6.66 -3.29 33.48
C ALA C 169 6.49 -4.51 32.57
N LEU C 170 5.42 -4.51 31.76
CA LEU C 170 5.22 -5.65 30.87
C LEU C 170 6.21 -5.66 29.70
N ARG C 171 6.50 -4.49 29.17
CA ARG C 171 7.44 -4.41 28.07
C ARG C 171 8.84 -4.80 28.50
N GLU C 172 9.20 -4.42 29.71
CA GLU C 172 10.51 -4.77 30.18
C GLU C 172 10.67 -6.27 30.26
N LEU C 173 9.67 -6.92 30.82
CA LEU C 173 9.73 -8.36 30.91
C LEU C 173 9.83 -8.94 29.50
N ALA C 174 8.88 -8.50 28.68
CA ALA C 174 8.80 -8.94 27.32
C ALA C 174 10.13 -8.77 26.60
N ASP C 175 10.71 -7.58 26.74
CA ASP C 175 11.99 -7.32 26.09
C ASP C 175 13.01 -8.31 26.60
N ARG C 176 13.01 -8.45 27.92
CA ARG C 176 13.94 -9.35 28.54
C ARG C 176 13.76 -10.80 28.14
N HIS C 177 12.53 -11.18 27.87
CA HIS C 177 12.32 -12.55 27.46
C HIS C 177 12.18 -12.71 25.96
N GLY C 178 12.49 -11.67 25.21
CA GLY C 178 12.37 -11.75 23.76
C GLY C 178 10.95 -12.14 23.34
N LEU C 179 9.97 -11.57 24.03
CA LEU C 179 8.59 -11.86 23.72
C LEU C 179 7.85 -10.72 23.03
N HIS C 180 6.86 -11.08 22.23
CA HIS C 180 6.01 -10.11 21.59
C HIS C 180 4.93 -9.72 22.59
N ILE C 181 4.23 -8.63 22.34
CA ILE C 181 3.17 -8.22 23.23
C ILE C 181 1.99 -7.81 22.37
N VAL C 182 0.88 -8.49 22.53
CA VAL C 182 -0.30 -8.15 21.77
C VAL C 182 -1.29 -7.68 22.81
N GLU C 183 -1.72 -6.44 22.73
CA GLU C 183 -2.65 -5.94 23.72
C GLU C 183 -4.10 -6.11 23.31
N ASP C 184 -4.91 -6.54 24.28
CA ASP C 184 -6.34 -6.66 24.05
C ASP C 184 -6.93 -5.35 24.55
N ALA C 185 -7.15 -4.42 23.64
CA ALA C 185 -7.67 -3.10 24.00
C ALA C 185 -9.13 -2.89 23.60
N ALA C 186 -9.86 -4.00 23.48
CA ALA C 186 -11.24 -3.97 23.09
C ALA C 186 -12.13 -3.14 24.02
N GLN C 187 -11.71 -3.01 25.28
CA GLN C 187 -12.48 -2.23 26.24
C GLN C 187 -11.77 -0.93 26.61
N ALA C 188 -10.75 -0.54 25.81
CA ALA C 188 -9.99 0.65 26.18
C ALA C 188 -9.72 1.69 25.12
N HIS C 189 -10.61 1.86 24.16
CA HIS C 189 -10.33 2.84 23.14
C HIS C 189 -10.06 4.24 23.69
N GLY C 190 -8.92 4.80 23.30
CA GLY C 190 -8.57 6.16 23.68
C GLY C 190 -7.96 6.31 25.06
N ALA C 191 -7.89 5.22 25.83
CA ALA C 191 -7.29 5.31 27.16
C ALA C 191 -5.82 5.69 27.02
N ARG C 192 -5.22 6.21 28.11
CA ARG C 192 -3.83 6.58 28.09
C ARG C 192 -3.12 5.91 29.22
N TYR C 193 -1.87 5.63 28.93
CA TYR C 193 -0.96 5.01 29.84
C TYR C 193 0.29 5.88 29.78
N ARG C 194 0.64 6.43 30.92
CA ARG C 194 1.77 7.34 30.98
C ARG C 194 1.72 8.40 29.90
N GLY C 195 0.55 8.98 29.73
CA GLY C 195 0.40 10.07 28.79
C GLY C 195 0.24 9.70 27.34
N ARG C 196 0.41 8.43 27.02
CA ARG C 196 0.25 8.07 25.62
C ARG C 196 -0.98 7.21 25.39
N ARG C 197 -1.55 7.34 24.20
CA ARG C 197 -2.72 6.54 23.84
C ARG C 197 -2.40 5.06 23.79
N ILE C 198 -3.39 4.26 24.22
CA ILE C 198 -3.25 2.82 24.17
C ILE C 198 -3.18 2.54 22.67
N GLY C 199 -2.13 1.85 22.25
CA GLY C 199 -1.93 1.56 20.83
C GLY C 199 -0.83 2.42 20.19
N ALA C 200 -0.27 3.32 21.00
CA ALA C 200 0.77 4.24 20.55
C ALA C 200 2.09 3.57 20.15
N GLY C 201 2.77 4.24 19.21
CA GLY C 201 4.09 3.87 18.72
C GLY C 201 4.36 2.44 18.28
N SER C 202 5.16 1.72 19.04
CA SER C 202 5.48 0.36 18.65
C SER C 202 4.52 -0.68 19.23
N SER C 203 3.46 -0.24 19.92
CA SER C 203 2.52 -1.22 20.44
C SER C 203 1.84 -1.97 19.31
N VAL C 204 1.24 -3.11 19.65
CA VAL C 204 0.45 -3.94 18.75
C VAL C 204 -0.81 -4.13 19.56
N ALA C 205 -1.88 -3.45 19.17
CA ALA C 205 -3.10 -3.54 19.96
C ALA C 205 -4.31 -3.82 19.11
N ALA C 206 -5.15 -4.68 19.67
CA ALA C 206 -6.37 -5.12 19.03
C ALA C 206 -7.58 -4.49 19.71
N PHE C 207 -8.53 -4.05 18.87
CA PHE C 207 -9.74 -3.41 19.31
C PHE C 207 -10.94 -4.06 18.65
N SER C 208 -12.07 -3.89 19.32
CA SER C 208 -13.37 -4.35 18.87
C SER C 208 -14.26 -3.13 18.63
N PHE C 209 -15.13 -3.18 17.60
CA PHE C 209 -16.08 -2.12 17.29
C PHE C 209 -17.51 -2.66 17.41
N TYR C 210 -17.62 -3.74 18.18
CA TYR C 210 -18.87 -4.39 18.49
C TYR C 210 -19.81 -3.29 19.05
N PRO C 211 -21.09 -3.32 18.66
CA PRO C 211 -22.01 -2.29 19.07
C PRO C 211 -21.91 -1.73 20.46
N GLY C 212 -21.73 -2.61 21.44
CA GLY C 212 -21.63 -2.22 22.82
C GLY C 212 -20.26 -1.73 23.27
N1 LLP C 213 -11.62 -9.13 24.26
C2 LLP C 213 -12.22 -8.26 25.03
C2' LLP C 213 -11.57 -7.82 26.34
C3 LLP C 213 -13.46 -7.75 24.66
O3 LLP C 213 -14.11 -6.86 25.44
C4 LLP C 213 -14.05 -8.17 23.45
C4' LLP C 213 -15.36 -7.63 23.03
C5 LLP C 213 -13.36 -9.13 22.67
C6 LLP C 213 -12.14 -9.58 23.13
C5' LLP C 213 -13.94 -9.68 21.38
OP4 LLP C 213 -14.13 -8.65 20.44
P LLP C 213 -15.37 -9.08 19.47
OP1 LLP C 213 -15.50 -7.94 18.38
OP2 LLP C 213 -16.72 -9.18 20.32
OP3 LLP C 213 -15.06 -10.46 18.74
N LLP C 213 -19.24 -1.70 22.42
CA LLP C 213 -17.94 -1.20 22.91
CB LLP C 213 -16.73 -1.67 22.10
CG LLP C 213 -16.68 -3.18 21.90
CD LLP C 213 -16.57 -3.99 23.18
CE LLP C 213 -16.75 -5.50 22.93
NZ LLP C 213 -15.74 -6.37 23.56
C LLP C 213 -17.93 0.32 23.05
O LLP C 213 -18.86 1.00 22.61
N ASN C 214 -16.90 0.90 23.66
CA ASN C 214 -16.85 2.36 23.82
C ASN C 214 -16.99 3.07 22.49
N LEU C 215 -16.36 2.47 21.47
CA LEU C 215 -16.37 2.93 20.09
C LEU C 215 -16.99 1.75 19.36
N GLY C 216 -18.27 1.89 19.02
CA GLY C 216 -18.99 0.78 18.38
C GLY C 216 -19.77 1.14 17.14
N CYS C 217 -20.15 0.10 16.40
CA CYS C 217 -20.89 0.36 15.18
C CYS C 217 -22.25 -0.32 15.19
N PHE C 218 -22.74 -0.70 14.00
CA PHE C 218 -24.02 -1.35 13.88
C PHE C 218 -23.87 -2.78 13.38
N GLY C 219 -22.76 -3.42 13.77
CA GLY C 219 -22.46 -4.79 13.39
C GLY C 219 -21.15 -5.22 14.03
N ASP C 220 -20.58 -6.31 13.58
CA ASP C 220 -19.30 -6.72 14.15
C ASP C 220 -18.18 -5.89 13.54
N GLY C 221 -17.07 -5.75 14.23
CA GLY C 221 -15.97 -4.99 13.65
C GLY C 221 -14.77 -5.00 14.56
N GLY C 222 -13.62 -4.68 14.01
CA GLY C 222 -12.42 -4.65 14.84
C GLY C 222 -11.27 -4.05 14.07
N ALA C 223 -10.11 -3.98 14.72
CA ALA C 223 -8.94 -3.44 14.08
C ALA C 223 -7.68 -3.76 14.87
N VAL C 224 -6.55 -3.84 14.17
CA VAL C 224 -5.31 -4.04 14.85
C VAL C 224 -4.55 -2.77 14.54
N VAL C 225 -3.87 -2.17 15.53
CA VAL C 225 -3.08 -0.97 15.24
C VAL C 225 -1.63 -1.36 15.42
N THR C 226 -0.75 -0.80 14.58
CA THR C 226 0.67 -1.11 14.67
C THR C 226 1.55 -0.04 14.07
N GLY C 227 2.78 -0.01 14.56
CA GLY C 227 3.75 0.95 14.06
C GLY C 227 4.77 0.22 13.17
N ASP C 228 4.53 -1.06 12.92
CA ASP C 228 5.42 -1.86 12.10
C ASP C 228 4.83 -2.06 10.70
N PRO C 229 5.44 -1.43 9.67
CA PRO C 229 4.98 -1.50 8.29
C PRO C 229 4.84 -2.92 7.70
N GLU C 230 5.69 -3.83 8.15
CA GLU C 230 5.63 -5.19 7.65
C GLU C 230 4.44 -5.95 8.22
N LEU C 231 4.22 -5.77 9.52
CA LEU C 231 3.12 -6.41 10.18
C LEU C 231 1.82 -5.87 9.59
N ALA C 232 1.79 -4.56 9.36
CA ALA C 232 0.58 -3.98 8.80
C ALA C 232 0.22 -4.68 7.49
N GLU C 233 1.22 -4.84 6.61
CA GLU C 233 1.04 -5.50 5.31
C GLU C 233 0.55 -6.95 5.47
N ARG C 234 1.21 -7.68 6.37
CA ARG C 234 0.82 -9.05 6.64
C ARG C 234 -0.66 -9.07 7.01
N LEU C 235 -1.04 -8.19 7.92
CA LEU C 235 -2.43 -8.09 8.38
C LEU C 235 -3.42 -7.79 7.24
N ARG C 236 -3.05 -6.87 6.35
CA ARG C 236 -3.92 -6.50 5.24
C ARG C 236 -4.14 -7.70 4.33
N MET C 237 -3.13 -8.55 4.28
CA MET C 237 -3.14 -9.74 3.48
C MET C 237 -3.89 -10.86 4.16
N LEU C 238 -3.61 -11.09 5.45
CA LEU C 238 -4.28 -12.15 6.20
C LEU C 238 -5.78 -11.99 6.22
N ARG C 239 -6.24 -10.75 6.29
CA ARG C 239 -7.65 -10.44 6.34
C ARG C 239 -8.34 -10.49 4.99
N ASN C 240 -7.54 -10.63 3.94
CA ASN C 240 -8.07 -10.65 2.59
C ASN C 240 -7.53 -11.78 1.74
N TYR C 241 -7.76 -13.02 2.18
CA TYR C 241 -7.34 -14.21 1.46
C TYR C 241 -5.87 -14.28 1.07
N GLY C 242 -5.02 -13.70 1.92
CA GLY C 242 -3.57 -13.65 1.72
C GLY C 242 -3.17 -12.88 0.45
N SER C 243 -4.02 -11.93 0.08
CA SER C 243 -3.82 -11.17 -1.12
C SER C 243 -3.70 -9.65 -0.95
N ARG C 244 -2.88 -9.06 -1.83
CA ARG C 244 -2.66 -7.63 -1.89
C ARG C 244 -2.84 -7.17 -3.34
N GLN C 245 -3.49 -8.07 -4.10
CA GLN C 245 -3.81 -7.87 -5.50
C GLN C 245 -4.77 -8.91 -6.00
N LYS C 246 -5.79 -8.48 -6.74
CA LYS C 246 -6.80 -9.38 -7.32
C LYS C 246 -6.19 -10.57 -8.01
N TYR C 247 -6.72 -11.75 -7.75
CA TYR C 247 -6.23 -12.97 -8.37
C TYR C 247 -4.91 -13.46 -7.81
N SER C 248 -4.31 -12.70 -6.90
CA SER C 248 -3.06 -13.10 -6.33
C SER C 248 -3.19 -13.47 -4.86
N HIS C 249 -2.69 -14.65 -4.51
CA HIS C 249 -2.72 -15.13 -3.14
C HIS C 249 -1.29 -15.59 -2.77
N GLU C 250 -0.54 -14.65 -2.18
CA GLU C 250 0.83 -14.86 -1.80
C GLU C 250 1.02 -15.75 -0.61
N THR C 251 0.03 -15.73 0.26
CA THR C 251 0.07 -16.52 1.47
C THR C 251 -1.32 -16.96 1.75
N LYS C 252 -1.49 -17.81 2.75
CA LYS C 252 -2.80 -18.23 3.11
C LYS C 252 -3.40 -17.05 3.85
N GLY C 253 -4.71 -16.91 3.86
CA GLY C 253 -5.34 -15.81 4.56
C GLY C 253 -6.79 -16.17 4.76
N THR C 254 -7.55 -15.26 5.35
CA THR C 254 -8.95 -15.52 5.58
C THR C 254 -9.77 -14.34 5.12
N ASN C 255 -11.02 -14.31 5.53
CA ASN C 255 -11.92 -13.23 5.21
C ASN C 255 -12.25 -12.54 6.52
N SER C 256 -11.68 -11.38 6.79
CA SER C 256 -11.96 -10.65 8.04
C SER C 256 -11.84 -9.16 7.79
N ARG C 257 -12.92 -8.57 7.28
CA ARG C 257 -12.91 -7.15 6.95
C ARG C 257 -13.95 -6.32 7.66
N LEU C 258 -13.72 -5.01 7.62
CA LEU C 258 -14.64 -4.05 8.21
C LEU C 258 -15.37 -3.37 7.06
N ASP C 259 -16.68 -3.56 7.00
CA ASP C 259 -17.52 -3.02 5.93
C ASP C 259 -17.51 -1.52 5.79
N GLU C 260 -17.67 -1.05 4.56
CA GLU C 260 -17.67 0.41 4.33
C GLU C 260 -18.71 1.12 5.21
N MET C 261 -19.89 0.51 5.33
CA MET C 261 -20.94 1.12 6.12
C MET C 261 -20.47 1.31 7.54
N GLN C 262 -19.99 0.23 8.15
CA GLN C 262 -19.53 0.33 9.53
C GLN C 262 -18.39 1.34 9.66
N ALA C 263 -17.45 1.26 8.71
CA ALA C 263 -16.35 2.22 8.71
C ALA C 263 -16.86 3.67 8.67
N ALA C 264 -17.82 3.97 7.79
CA ALA C 264 -18.36 5.32 7.70
C ALA C 264 -18.89 5.79 9.05
N VAL C 265 -19.72 4.97 9.66
CA VAL C 265 -20.29 5.30 10.95
C VAL C 265 -19.21 5.47 12.00
N LEU C 266 -18.23 4.59 11.95
CA LEU C 266 -17.15 4.66 12.92
C LEU C 266 -16.35 5.93 12.79
N ARG C 267 -16.30 6.53 11.61
CA ARG C 267 -15.52 7.75 11.47
C ARG C 267 -16.20 8.86 12.25
N ILE C 268 -17.54 8.79 12.26
CA ILE C 268 -18.32 9.77 12.99
C ILE C 268 -18.17 9.54 14.50
N ARG C 269 -18.34 8.29 14.90
CA ARG C 269 -18.22 7.93 16.29
C ARG C 269 -16.86 8.28 16.89
N LEU C 270 -15.83 8.07 16.09
CA LEU C 270 -14.49 8.35 16.53
C LEU C 270 -14.39 9.82 16.90
N ALA C 271 -14.93 10.67 16.00
CA ALA C 271 -14.93 12.10 16.18
C ALA C 271 -15.50 12.51 17.52
N HIS C 272 -16.41 11.72 18.08
CA HIS C 272 -16.96 12.03 19.40
C HIS C 272 -16.44 11.16 20.52
N LEU C 273 -15.49 10.26 20.22
CA LEU C 273 -14.94 9.34 21.22
C LEU C 273 -14.44 9.94 22.53
N ASP C 274 -13.57 10.94 22.42
CA ASP C 274 -13.06 11.54 23.63
C ASP C 274 -14.16 12.18 24.47
N SER C 275 -15.12 12.77 23.78
CA SER C 275 -16.28 13.42 24.38
C SER C 275 -17.12 12.40 25.13
N TRP C 276 -17.42 11.31 24.43
CA TRP C 276 -18.21 10.26 25.05
C TRP C 276 -17.44 9.63 26.21
N ASN C 277 -16.16 9.36 26.01
CA ASN C 277 -15.35 8.80 27.06
C ASN C 277 -15.35 9.74 28.27
N GLY C 278 -15.24 11.06 28.02
CA GLY C 278 -15.23 12.01 29.10
C GLY C 278 -16.49 11.83 29.94
N ARG C 279 -17.60 11.56 29.23
CA ARG C 279 -18.87 11.36 29.92
C ARG C 279 -18.79 10.20 30.91
N ARG C 280 -18.17 9.13 30.45
CA ARG C 280 -17.99 7.95 31.29
C ARG C 280 -17.19 8.28 32.54
N SER C 281 -16.08 9.00 32.34
CA SER C 281 -15.23 9.38 33.45
C SER C 281 -15.99 10.20 34.49
N ALA C 282 -16.85 11.10 34.02
CA ALA C 282 -17.60 11.91 34.97
C ALA C 282 -18.54 11.00 35.78
N LEU C 283 -19.22 10.10 35.07
CA LEU C 283 -20.14 9.19 35.72
C LEU C 283 -19.40 8.30 36.72
N ALA C 284 -18.18 7.90 36.35
CA ALA C 284 -17.39 7.06 37.21
C ALA C 284 -17.00 7.88 38.45
N ALA C 285 -16.63 9.15 38.25
CA ALA C 285 -16.30 9.94 39.42
C ALA C 285 -17.53 10.11 40.32
N GLU C 286 -18.71 10.17 39.71
CA GLU C 286 -19.98 10.29 40.41
C GLU C 286 -20.19 9.10 41.33
N TYR C 287 -19.96 7.91 40.77
CA TYR C 287 -20.11 6.69 41.50
C TYR C 287 -19.11 6.54 42.64
N LEU C 288 -17.85 6.83 42.35
CA LEU C 288 -16.83 6.67 43.35
C LEU C 288 -17.13 7.59 44.47
N SER C 289 -17.72 8.71 44.11
CA SER C 289 -18.09 9.70 45.08
C SER C 289 -19.26 9.19 45.94
N GLY C 290 -20.35 8.85 45.25
CA GLY C 290 -21.55 8.38 45.89
C GLY C 290 -21.46 7.03 46.58
N LEU C 291 -20.42 6.28 46.27
CA LEU C 291 -20.28 4.96 46.85
C LEU C 291 -19.23 4.88 47.92
N ALA C 292 -18.65 6.02 48.21
CA ALA C 292 -17.62 6.12 49.22
C ALA C 292 -18.17 5.77 50.60
N GLY C 293 -17.31 5.20 51.42
CA GLY C 293 -17.69 4.84 52.76
C GLY C 293 -18.52 3.58 52.90
N LEU C 294 -18.44 2.65 51.96
CA LEU C 294 -19.19 1.42 52.03
C LEU C 294 -18.20 0.25 52.13
N PRO C 295 -17.87 -0.11 53.37
CA PRO C 295 -16.92 -1.15 53.70
C PRO C 295 -17.03 -2.48 52.96
N GLY C 296 -18.23 -2.91 52.64
CA GLY C 296 -18.39 -4.16 51.95
C GLY C 296 -18.43 -3.99 50.44
N ILE C 297 -18.46 -2.76 49.97
CA ILE C 297 -18.52 -2.51 48.54
C ILE C 297 -17.17 -2.11 48.00
N GLY C 298 -16.53 -2.99 47.24
CA GLY C 298 -15.22 -2.68 46.68
C GLY C 298 -15.33 -1.81 45.43
N LEU C 299 -14.66 -0.67 45.47
CA LEU C 299 -14.70 0.23 44.35
C LEU C 299 -13.49 0.05 43.44
N PRO C 300 -13.68 0.34 42.16
CA PRO C 300 -12.63 0.23 41.16
C PRO C 300 -11.49 1.20 41.45
N VAL C 301 -10.28 0.68 41.27
CA VAL C 301 -9.09 1.49 41.51
C VAL C 301 -8.46 1.99 40.24
N THR C 302 -8.12 3.25 40.25
CA THR C 302 -7.47 3.82 39.11
C THR C 302 -5.97 3.79 39.36
N ALA C 303 -5.23 3.11 38.51
CA ALA C 303 -3.79 3.05 38.71
C ALA C 303 -3.13 4.36 38.35
N PRO C 304 -2.02 4.63 38.99
CA PRO C 304 -1.31 5.86 38.71
C PRO C 304 -0.78 5.88 37.28
N ASP C 305 -0.68 7.06 36.69
CA ASP C 305 -0.16 7.12 35.34
C ASP C 305 -1.07 6.49 34.32
N THR C 306 -2.36 6.48 34.63
CA THR C 306 -3.33 5.93 33.69
C THR C 306 -4.54 6.83 33.59
N ASP C 307 -5.16 6.83 32.40
CA ASP C 307 -6.38 7.56 32.11
C ASP C 307 -7.35 6.54 31.56
N PRO C 308 -8.14 5.91 32.43
CA PRO C 308 -9.12 4.90 32.05
C PRO C 308 -10.26 5.53 31.27
N VAL C 309 -10.94 4.71 30.49
CA VAL C 309 -12.07 5.15 29.70
C VAL C 309 -13.38 4.50 30.13
N TRP C 310 -13.32 3.84 31.28
CA TRP C 310 -14.50 3.25 31.88
C TRP C 310 -15.49 2.59 30.96
N HIS C 311 -15.03 1.59 30.23
CA HIS C 311 -15.96 0.86 29.38
C HIS C 311 -17.00 0.20 30.29
N LEU C 312 -16.54 -0.13 31.50
CA LEU C 312 -17.37 -0.75 32.52
C LEU C 312 -16.99 -0.23 33.88
N PHE C 313 -18.00 -0.03 34.72
CA PHE C 313 -17.78 0.44 36.09
C PHE C 313 -18.09 -0.74 37.00
N THR C 314 -17.06 -1.34 37.58
CA THR C 314 -17.34 -2.50 38.38
C THR C 314 -17.08 -2.34 39.87
N VAL C 315 -17.97 -2.96 40.65
CA VAL C 315 -17.85 -2.96 42.10
C VAL C 315 -17.73 -4.43 42.50
N ARG C 316 -17.20 -4.68 43.68
CA ARG C 316 -17.05 -6.05 44.15
C ARG C 316 -17.64 -6.20 45.55
N THR C 317 -18.35 -7.30 45.71
CA THR C 317 -18.95 -7.58 46.99
C THR C 317 -19.24 -9.06 47.11
N GLU C 318 -19.11 -9.56 48.31
CA GLU C 318 -19.45 -10.94 48.53
C GLU C 318 -20.96 -10.74 48.58
N ARG C 319 -21.79 -11.64 48.09
CA ARG C 319 -23.23 -11.39 48.06
C ARG C 319 -23.63 -10.59 46.83
N ARG C 320 -22.78 -10.61 45.78
CA ARG C 320 -23.07 -9.90 44.55
C ARG C 320 -24.45 -10.25 43.97
N ASP C 321 -24.81 -11.52 44.10
CA ASP C 321 -26.09 -11.96 43.59
C ASP C 321 -27.22 -11.23 44.31
N GLU C 322 -27.10 -11.09 45.61
CA GLU C 322 -28.12 -10.35 46.36
C GLU C 322 -28.18 -8.91 45.88
N LEU C 323 -27.02 -8.26 45.86
CA LEU C 323 -26.96 -6.90 45.39
C LEU C 323 -27.66 -6.81 44.03
N ARG C 324 -27.30 -7.75 43.14
CA ARG C 324 -27.90 -7.78 41.80
C ARG C 324 -29.43 -7.85 41.84
N SER C 325 -29.94 -8.70 42.70
CA SER C 325 -31.37 -8.86 42.84
C SER C 325 -32.00 -7.56 43.35
N HIS C 326 -31.30 -6.98 44.31
CA HIS C 326 -31.78 -5.73 44.86
C HIS C 326 -31.91 -4.71 43.75
N LEU C 327 -30.82 -4.47 43.00
CA LEU C 327 -30.89 -3.51 41.91
C LEU C 327 -32.00 -3.79 40.94
N ASP C 328 -32.15 -5.07 40.62
CA ASP C 328 -33.17 -5.51 39.68
C ASP C 328 -34.54 -5.10 40.20
N ALA C 329 -34.75 -5.39 41.49
CA ALA C 329 -35.99 -5.00 42.11
C ALA C 329 -36.20 -3.47 41.99
N ARG C 330 -35.14 -2.69 42.23
CA ARG C 330 -35.21 -1.24 42.15
C ARG C 330 -35.27 -0.66 40.73
N GLY C 331 -35.48 -1.54 39.73
CA GLY C 331 -35.56 -1.13 38.32
C GLY C 331 -34.21 -0.80 37.69
N ILE C 332 -33.18 -1.50 38.18
CA ILE C 332 -31.86 -1.24 37.64
C ILE C 332 -31.21 -2.39 36.88
N ASP C 333 -30.91 -2.19 35.60
CA ASP C 333 -30.24 -3.23 34.83
C ASP C 333 -28.73 -3.26 35.08
N THR C 334 -28.19 -4.47 35.20
CA THR C 334 -26.77 -4.70 35.40
C THR C 334 -26.37 -5.91 34.56
N LEU C 335 -25.07 -6.16 34.49
CA LEU C 335 -24.50 -7.28 33.77
C LEU C 335 -23.32 -7.63 34.61
N THR C 336 -22.83 -8.87 34.49
CA THR C 336 -21.69 -9.34 35.26
C THR C 336 -20.53 -9.69 34.32
N HIS C 337 -19.37 -9.11 34.61
CA HIS C 337 -18.18 -9.33 33.79
C HIS C 337 -17.04 -9.90 34.59
N TYR C 338 -16.95 -11.23 34.70
CA TYR C 338 -17.82 -12.27 34.15
C TYR C 338 -18.11 -13.26 35.27
N PRO C 339 -19.30 -13.84 35.32
CA PRO C 339 -19.57 -14.74 36.43
C PRO C 339 -18.72 -16.01 36.41
N VAL C 340 -18.30 -16.47 35.24
CA VAL C 340 -17.48 -17.69 35.18
C VAL C 340 -16.04 -17.39 34.77
N PRO C 341 -15.08 -17.75 35.62
CA PRO C 341 -13.71 -17.50 35.26
C PRO C 341 -13.40 -18.35 34.05
N VAL C 342 -12.52 -17.84 33.18
CA VAL C 342 -12.17 -18.57 31.98
C VAL C 342 -11.72 -20.01 32.21
N HIS C 343 -10.82 -20.21 33.15
CA HIS C 343 -10.33 -21.55 33.39
C HIS C 343 -11.39 -22.55 33.78
N LEU C 344 -12.52 -22.04 34.27
CA LEU C 344 -13.61 -22.89 34.69
C LEU C 344 -14.69 -23.05 33.64
N SER C 345 -14.56 -22.42 32.47
CA SER C 345 -15.63 -22.60 31.49
C SER C 345 -15.49 -23.95 30.81
N PRO C 346 -16.62 -24.55 30.50
CA PRO C 346 -16.59 -25.83 29.83
C PRO C 346 -15.75 -25.81 28.56
N ALA C 347 -15.65 -24.65 27.91
CA ALA C 347 -14.83 -24.53 26.70
C ALA C 347 -13.35 -24.86 26.93
N TYR C 348 -12.84 -24.63 28.15
CA TYR C 348 -11.44 -24.89 28.44
C TYR C 348 -11.25 -26.11 29.33
N ALA C 349 -12.28 -26.94 29.35
CA ALA C 349 -12.32 -28.14 30.13
C ALA C 349 -11.11 -29.03 29.92
N GLY C 350 -10.50 -29.41 31.02
CA GLY C 350 -9.37 -30.29 30.92
C GLY C 350 -8.18 -29.68 30.24
N GLU C 351 -8.11 -28.35 30.21
CA GLU C 351 -6.95 -27.74 29.59
C GLU C 351 -6.40 -26.62 30.47
N ALA C 352 -7.14 -26.28 31.49
CA ALA C 352 -6.71 -25.20 32.35
C ALA C 352 -6.56 -25.61 33.81
N PRO C 353 -5.90 -24.74 34.58
CA PRO C 353 -5.68 -24.97 36.00
C PRO C 353 -6.98 -25.25 36.72
N PRO C 354 -6.83 -26.05 37.76
CA PRO C 354 -7.94 -26.49 38.57
C PRO C 354 -8.58 -25.41 39.41
N GLU C 355 -9.85 -25.62 39.67
CA GLU C 355 -10.54 -24.65 40.48
C GLU C 355 -9.80 -24.52 41.79
N GLY C 356 -9.66 -23.29 42.27
CA GLY C 356 -8.97 -23.05 43.53
C GLY C 356 -7.52 -22.66 43.35
N SER C 357 -7.02 -22.89 42.15
CA SER C 357 -5.65 -22.56 41.87
C SER C 357 -5.43 -21.17 41.25
N LEU C 358 -6.49 -20.43 40.95
CA LEU C 358 -6.41 -19.07 40.36
C LEU C 358 -7.34 -18.18 41.19
N PRO C 359 -7.04 -18.10 42.49
CA PRO C 359 -7.81 -17.37 43.48
C PRO C 359 -8.33 -15.99 43.10
N ARG C 360 -7.47 -15.20 42.45
CA ARG C 360 -7.82 -13.86 42.04
C ARG C 360 -8.93 -13.87 41.00
N ALA C 361 -8.72 -14.63 39.92
CA ALA C 361 -9.75 -14.73 38.89
C ALA C 361 -11.08 -15.22 39.48
N GLU C 362 -10.97 -16.20 40.38
CA GLU C 362 -12.12 -16.80 41.01
C GLU C 362 -12.85 -15.81 41.90
N SER C 363 -12.07 -15.01 42.62
CA SER C 363 -12.67 -13.99 43.49
C SER C 363 -13.38 -12.93 42.66
N PHE C 364 -12.69 -12.44 41.64
CA PHE C 364 -13.28 -11.44 40.80
C PHE C 364 -14.59 -11.98 40.28
N ALA C 365 -14.51 -13.20 39.69
CA ALA C 365 -15.66 -13.88 39.12
C ALA C 365 -16.87 -13.94 40.05
N ARG C 366 -16.61 -14.22 41.32
CA ARG C 366 -17.73 -14.29 42.25
C ARG C 366 -18.15 -12.96 42.87
N GLN C 367 -17.30 -11.92 42.81
CA GLN C 367 -17.66 -10.65 43.44
C GLN C 367 -18.08 -9.51 42.54
N VAL C 368 -17.60 -9.47 41.32
CA VAL C 368 -17.94 -8.36 40.45
C VAL C 368 -19.38 -8.25 40.01
N LEU C 369 -19.73 -7.00 39.76
CA LEU C 369 -21.01 -6.57 39.28
C LEU C 369 -20.79 -5.22 38.60
N SER C 370 -21.31 -5.08 37.37
CA SER C 370 -21.16 -3.86 36.60
C SER C 370 -22.40 -2.99 36.74
N LEU C 371 -22.20 -1.71 37.06
CA LEU C 371 -23.27 -0.74 37.24
C LEU C 371 -23.45 0.02 35.94
N PRO C 372 -24.67 0.44 35.66
CA PRO C 372 -24.90 1.18 34.42
C PRO C 372 -23.90 2.29 34.22
N ILE C 373 -23.39 2.35 33.00
CA ILE C 373 -22.42 3.37 32.59
C ILE C 373 -22.39 3.50 31.07
N GLY C 374 -22.29 4.73 30.56
CA GLY C 374 -22.27 4.92 29.13
C GLY C 374 -22.34 6.39 28.80
N PRO C 375 -22.09 6.76 27.56
CA PRO C 375 -22.16 8.16 27.23
C PRO C 375 -23.59 8.70 27.19
N HIS C 376 -24.58 7.84 27.36
CA HIS C 376 -25.95 8.30 27.32
C HIS C 376 -26.69 8.12 28.63
N LEU C 377 -25.92 7.80 29.65
CA LEU C 377 -26.48 7.65 30.96
C LEU C 377 -26.43 9.01 31.63
N GLU C 378 -27.54 9.44 32.21
CA GLU C 378 -27.57 10.74 32.88
C GLU C 378 -27.25 10.70 34.36
N ARG C 379 -26.68 11.80 34.84
CA ARG C 379 -26.32 11.90 36.24
C ARG C 379 -27.42 11.51 37.22
N PRO C 380 -28.66 11.89 36.93
CA PRO C 380 -29.71 11.52 37.84
C PRO C 380 -29.99 10.03 37.78
N GLN C 381 -29.68 9.41 36.64
CA GLN C 381 -29.87 7.97 36.47
C GLN C 381 -28.84 7.27 37.37
N ALA C 382 -27.57 7.71 37.26
CA ALA C 382 -26.50 7.14 38.09
C ALA C 382 -26.80 7.38 39.58
N LEU C 383 -27.43 8.50 39.89
CA LEU C 383 -27.78 8.83 41.28
C LEU C 383 -28.80 7.83 41.81
N ARG C 384 -29.74 7.51 40.97
CA ARG C 384 -30.74 6.53 41.35
C ARG C 384 -30.00 5.21 41.54
N VAL C 385 -28.98 4.99 40.72
CA VAL C 385 -28.22 3.76 40.87
C VAL C 385 -27.51 3.73 42.22
N ILE C 386 -26.92 4.85 42.59
CA ILE C 386 -26.22 4.97 43.86
C ILE C 386 -27.11 4.75 45.08
N ASP C 387 -28.28 5.35 45.03
CA ASP C 387 -29.20 5.20 46.14
C ASP C 387 -29.54 3.72 46.36
N ALA C 388 -29.81 3.00 45.26
CA ALA C 388 -30.15 1.57 45.30
C ALA C 388 -29.05 0.75 45.96
N VAL C 389 -27.81 0.98 45.54
CA VAL C 389 -26.68 0.30 46.11
C VAL C 389 -26.48 0.67 47.58
N ARG C 390 -26.57 1.97 47.84
CA ARG C 390 -26.37 2.49 49.20
C ARG C 390 -27.36 1.82 50.11
N GLU C 391 -28.58 1.87 49.61
CA GLU C 391 -29.70 1.29 50.30
C GLU C 391 -29.44 -0.17 50.64
N TRP C 392 -28.96 -0.93 49.67
CA TRP C 392 -28.69 -2.34 49.91
C TRP C 392 -27.62 -2.55 50.95
N ALA C 393 -26.51 -1.87 50.75
CA ALA C 393 -25.36 -1.97 51.61
C ALA C 393 -25.68 -1.65 53.05
N GLU C 394 -26.69 -0.79 53.24
CA GLU C 394 -27.11 -0.41 54.57
C GLU C 394 -27.86 -1.58 55.19
N ARG C 395 -28.82 -2.11 54.43
CA ARG C 395 -29.64 -3.24 54.81
C ARG C 395 -28.79 -4.48 55.03
N VAL C 396 -28.10 -4.88 53.95
CA VAL C 396 -27.22 -6.04 53.98
C VAL C 396 -25.85 -5.63 54.51
N PRO D 28 -19.34 5.04 -22.87
CA PRO D 28 -19.58 4.28 -21.66
C PRO D 28 -19.21 2.81 -21.86
N ARG D 29 -18.29 2.38 -21.02
CA ARG D 29 -17.79 1.02 -21.03
C ARG D 29 -18.86 0.07 -20.59
N VAL D 30 -18.70 -1.21 -20.95
CA VAL D 30 -19.65 -2.21 -20.51
C VAL D 30 -19.12 -2.73 -19.16
N PRO D 31 -19.89 -2.53 -18.09
CA PRO D 31 -19.45 -2.96 -16.77
C PRO D 31 -19.56 -4.45 -16.61
N PHE D 32 -18.67 -4.99 -15.78
CA PHE D 32 -18.63 -6.41 -15.50
C PHE D 32 -19.83 -6.84 -14.68
N LEU D 33 -20.15 -6.00 -13.71
CA LEU D 33 -21.26 -6.26 -12.80
C LEU D 33 -21.53 -5.04 -11.94
N ASP D 34 -22.53 -4.27 -12.34
CA ASP D 34 -22.95 -3.06 -11.64
C ASP D 34 -23.65 -3.29 -10.31
N LEU D 35 -22.91 -3.15 -9.22
CA LEU D 35 -23.50 -3.31 -7.92
C LEU D 35 -24.44 -2.17 -7.59
N LYS D 36 -24.05 -0.98 -7.99
CA LYS D 36 -24.88 0.17 -7.69
C LYS D 36 -26.29 -0.01 -8.21
N ALA D 37 -26.36 -0.57 -9.41
CA ALA D 37 -27.64 -0.81 -10.07
C ALA D 37 -28.64 -1.64 -9.26
N ALA D 38 -28.13 -2.61 -8.47
CA ALA D 38 -28.98 -3.47 -7.64
C ALA D 38 -29.57 -2.73 -6.45
N TYR D 39 -28.87 -1.66 -6.02
CA TYR D 39 -29.33 -0.83 -4.93
C TYR D 39 -30.39 0.11 -5.52
N GLU D 40 -30.05 0.67 -6.65
CA GLU D 40 -30.93 1.59 -7.34
C GLU D 40 -32.27 0.95 -7.60
N GLU D 41 -32.22 -0.23 -8.17
CA GLU D 41 -33.47 -0.88 -8.46
C GLU D 41 -34.37 -1.00 -7.25
N LEU D 42 -33.81 -1.13 -6.06
CA LEU D 42 -34.66 -1.28 -4.89
C LEU D 42 -34.32 -0.27 -3.83
N ARG D 43 -33.91 0.89 -4.31
CA ARG D 43 -33.52 1.99 -3.44
C ARG D 43 -34.42 2.25 -2.24
N ALA D 44 -35.69 2.53 -2.49
CA ALA D 44 -36.62 2.81 -1.41
C ALA D 44 -36.74 1.72 -0.35
N GLU D 45 -36.95 0.49 -0.84
CA GLU D 45 -37.10 -0.67 0.04
C GLU D 45 -35.86 -0.86 0.88
N THR D 46 -34.72 -0.77 0.21
CA THR D 46 -33.42 -0.91 0.84
C THR D 46 -33.25 0.12 1.92
N ASP D 47 -33.43 1.37 1.54
CA ASP D 47 -33.30 2.45 2.49
C ASP D 47 -34.19 2.22 3.68
N ALA D 48 -35.43 1.86 3.39
CA ALA D 48 -36.37 1.61 4.48
C ALA D 48 -35.93 0.51 5.43
N ALA D 49 -35.50 -0.60 4.85
CA ALA D 49 -35.04 -1.76 5.60
C ALA D 49 -33.95 -1.38 6.60
N ILE D 50 -32.96 -0.66 6.10
CA ILE D 50 -31.83 -0.17 6.88
C ILE D 50 -32.30 0.81 7.94
N ALA D 51 -33.27 1.62 7.53
CA ALA D 51 -33.82 2.59 8.45
C ALA D 51 -34.47 1.88 9.65
N ARG D 52 -35.07 0.74 9.37
CA ARG D 52 -35.74 -0.06 10.39
C ARG D 52 -34.77 -0.58 11.44
N VAL D 53 -33.73 -1.22 10.95
CA VAL D 53 -32.70 -1.78 11.79
C VAL D 53 -32.10 -0.69 12.68
N LEU D 54 -31.76 0.45 12.06
CA LEU D 54 -31.19 1.58 12.83
C LEU D 54 -32.07 1.95 14.03
N ASP D 55 -33.34 2.25 13.75
CA ASP D 55 -34.24 2.63 14.83
C ASP D 55 -34.54 1.47 15.75
N SER D 56 -34.24 0.26 15.32
CA SER D 56 -34.54 -0.89 16.15
C SER D 56 -33.70 -0.98 17.40
N GLY D 57 -32.48 -0.46 17.34
CA GLY D 57 -31.61 -0.52 18.50
C GLY D 57 -31.06 -1.93 18.74
N ARG D 58 -31.29 -2.84 17.78
CA ARG D 58 -30.79 -4.21 17.90
C ARG D 58 -30.08 -4.50 16.61
N TYR D 59 -28.75 -4.59 16.71
CA TYR D 59 -27.86 -4.75 15.58
C TYR D 59 -27.29 -6.11 15.26
N LEU D 60 -27.25 -7.01 16.24
CA LEU D 60 -26.74 -8.35 16.02
C LEU D 60 -27.68 -9.41 16.57
N LEU D 61 -27.71 -10.59 15.93
CA LEU D 61 -28.55 -11.68 16.40
C LEU D 61 -29.97 -11.26 16.80
N GLY D 62 -30.69 -10.65 15.85
CA GLY D 62 -32.04 -10.18 16.07
C GLY D 62 -33.06 -10.82 15.12
N PRO D 63 -34.16 -10.11 14.95
CA PRO D 63 -35.26 -10.56 14.12
C PRO D 63 -34.96 -10.59 12.63
N GLU D 64 -34.13 -9.67 12.14
CA GLU D 64 -33.80 -9.66 10.72
C GLU D 64 -33.07 -10.93 10.35
N LEU D 65 -32.07 -11.26 11.19
CA LEU D 65 -31.28 -12.47 11.00
C LEU D 65 -32.21 -13.67 11.00
N GLU D 66 -33.02 -13.72 12.04
CA GLU D 66 -34.00 -14.78 12.25
C GLU D 66 -34.91 -14.93 11.05
N GLY D 67 -35.45 -13.81 10.58
CA GLY D 67 -36.35 -13.83 9.43
C GLY D 67 -35.66 -14.22 8.12
N PHE D 68 -34.43 -13.71 7.94
CA PHE D 68 -33.70 -14.03 6.73
C PHE D 68 -33.41 -15.51 6.72
N GLU D 69 -32.99 -15.99 7.87
CA GLU D 69 -32.68 -17.38 8.00
C GLU D 69 -33.85 -18.31 7.67
N ALA D 70 -35.02 -17.96 8.17
CA ALA D 70 -36.19 -18.78 7.90
C ALA D 70 -36.55 -18.76 6.41
N GLU D 71 -36.59 -17.55 5.84
CA GLU D 71 -36.89 -17.33 4.44
C GLU D 71 -35.88 -17.97 3.51
N PHE D 72 -34.60 -17.88 3.89
CA PHE D 72 -33.56 -18.47 3.08
C PHE D 72 -33.62 -19.98 3.10
N ALA D 73 -33.84 -20.52 4.30
CA ALA D 73 -33.98 -21.97 4.49
C ALA D 73 -35.13 -22.49 3.62
N ALA D 74 -36.24 -21.76 3.67
CA ALA D 74 -37.40 -22.14 2.89
C ALA D 74 -37.09 -22.02 1.40
N TYR D 75 -36.46 -20.91 0.99
CA TYR D 75 -36.13 -20.74 -0.42
C TYR D 75 -35.32 -21.93 -0.96
N CYS D 76 -34.38 -22.38 -0.12
CA CYS D 76 -33.49 -23.48 -0.42
C CYS D 76 -34.08 -24.89 -0.27
N GLU D 77 -35.32 -24.98 0.19
CA GLU D 77 -35.97 -26.28 0.36
C GLU D 77 -35.41 -27.13 1.48
N THR D 78 -35.06 -26.48 2.58
CA THR D 78 -34.53 -27.24 3.70
C THR D 78 -35.03 -26.73 5.04
N ASP D 79 -34.56 -27.34 6.11
CA ASP D 79 -35.01 -26.99 7.44
C ASP D 79 -34.28 -25.90 8.16
N HIS D 80 -32.98 -25.73 7.91
CA HIS D 80 -32.29 -24.68 8.63
C HIS D 80 -31.32 -23.82 7.84
N ALA D 81 -31.14 -22.59 8.31
CA ALA D 81 -30.21 -21.64 7.72
C ALA D 81 -29.48 -20.99 8.86
N VAL D 82 -28.15 -20.99 8.80
CA VAL D 82 -27.35 -20.38 9.83
C VAL D 82 -26.52 -19.26 9.23
N GLY D 83 -26.92 -18.01 9.43
CA GLY D 83 -26.18 -16.90 8.87
C GLY D 83 -24.82 -16.70 9.54
N VAL D 84 -23.80 -16.42 8.74
CA VAL D 84 -22.46 -16.21 9.27
C VAL D 84 -21.82 -14.98 8.62
N ASN D 85 -20.56 -14.72 8.94
CA ASN D 85 -19.87 -13.57 8.38
C ASN D 85 -19.47 -13.67 6.92
N SER D 86 -19.21 -14.89 6.45
CA SER D 86 -18.79 -15.02 5.08
C SER D 86 -18.93 -16.43 4.55
N GLY D 87 -18.71 -16.56 3.24
CA GLY D 87 -18.79 -17.85 2.59
C GLY D 87 -17.66 -18.73 3.13
N MET D 88 -16.48 -18.10 3.38
CA MET D 88 -15.29 -18.75 3.91
C MET D 88 -15.64 -19.39 5.25
N ASP D 89 -16.26 -18.60 6.11
CA ASP D 89 -16.63 -19.11 7.42
C ASP D 89 -17.69 -20.18 7.34
N ALA D 90 -18.61 -20.01 6.39
CA ALA D 90 -19.67 -20.97 6.25
C ALA D 90 -19.08 -22.35 5.98
N LEU D 91 -18.16 -22.38 5.04
CA LEU D 91 -17.51 -23.64 4.69
C LEU D 91 -16.74 -24.19 5.86
N GLN D 92 -15.95 -23.31 6.46
CA GLN D 92 -15.12 -23.68 7.58
C GLN D 92 -15.86 -24.25 8.77
N LEU D 93 -16.92 -23.55 9.17
CA LEU D 93 -17.72 -24.00 10.27
C LEU D 93 -18.49 -25.24 9.91
N ALA D 94 -18.91 -25.36 8.65
CA ALA D 94 -19.66 -26.54 8.28
C ALA D 94 -18.79 -27.77 8.47
N LEU D 95 -17.54 -27.68 8.05
CA LEU D 95 -16.60 -28.79 8.18
C LEU D 95 -16.32 -29.08 9.65
N ARG D 96 -16.12 -28.00 10.36
CA ARG D 96 -15.83 -28.10 11.78
C ARG D 96 -17.00 -28.76 12.49
N GLY D 97 -18.20 -28.30 12.20
CA GLY D 97 -19.35 -28.87 12.87
C GLY D 97 -19.52 -30.34 12.54
N LEU D 98 -18.97 -30.76 11.39
CA LEU D 98 -19.05 -32.15 10.96
C LEU D 98 -17.91 -32.97 11.54
N GLY D 99 -17.08 -32.33 12.33
CA GLY D 99 -15.97 -33.02 12.97
C GLY D 99 -14.71 -33.16 12.12
N ILE D 100 -14.66 -32.45 11.00
CA ILE D 100 -13.49 -32.53 10.14
C ILE D 100 -12.33 -31.75 10.74
N GLY D 101 -11.17 -32.40 10.83
CA GLY D 101 -10.02 -31.72 11.40
C GLY D 101 -8.72 -32.35 10.92
N PRO D 102 -7.71 -32.18 11.73
CA PRO D 102 -6.40 -32.70 11.40
C PRO D 102 -6.39 -34.19 11.14
N GLY D 103 -5.64 -34.57 10.11
CA GLY D 103 -5.51 -35.96 9.76
C GLY D 103 -6.59 -36.39 8.79
N ASP D 104 -7.57 -35.51 8.65
CA ASP D 104 -8.66 -35.80 7.74
C ASP D 104 -8.36 -35.24 6.37
N GLU D 105 -9.00 -35.84 5.40
CA GLU D 105 -8.84 -35.43 4.03
C GLU D 105 -10.20 -35.03 3.50
N VAL D 106 -10.24 -33.91 2.81
CA VAL D 106 -11.49 -33.46 2.23
C VAL D 106 -11.24 -33.33 0.75
N ILE D 107 -12.02 -34.02 -0.07
CA ILE D 107 -11.79 -33.89 -1.49
C ILE D 107 -12.23 -32.53 -2.00
N VAL D 108 -11.32 -31.80 -2.62
CA VAL D 108 -11.69 -30.52 -3.18
C VAL D 108 -11.42 -30.53 -4.68
N PRO D 109 -12.04 -29.58 -5.37
CA PRO D 109 -11.85 -29.52 -6.81
C PRO D 109 -10.53 -28.88 -7.13
N SER D 110 -9.86 -29.34 -8.19
CA SER D 110 -8.61 -28.70 -8.57
C SER D 110 -8.94 -27.36 -9.24
N HIS D 111 -10.16 -27.26 -9.80
CA HIS D 111 -10.64 -26.05 -10.47
C HIS D 111 -11.68 -25.32 -9.62
N THR D 112 -11.26 -24.26 -8.94
CA THR D 112 -12.17 -23.52 -8.07
C THR D 112 -11.52 -22.27 -7.50
N TYR D 113 -12.29 -21.57 -6.69
CA TYR D 113 -11.75 -20.37 -6.03
C TYR D 113 -10.95 -20.86 -4.83
N ILE D 114 -9.79 -20.24 -4.59
CA ILE D 114 -8.92 -20.63 -3.48
C ILE D 114 -9.61 -20.79 -2.10
N ALA D 115 -10.62 -19.98 -1.82
CA ALA D 115 -11.31 -20.06 -0.53
C ALA D 115 -11.79 -21.48 -0.25
N SER D 116 -12.10 -22.24 -1.32
CA SER D 116 -12.55 -23.62 -1.15
C SER D 116 -11.50 -24.46 -0.46
N TRP D 117 -10.24 -24.22 -0.80
CA TRP D 117 -9.20 -25.01 -0.13
C TRP D 117 -8.88 -24.46 1.26
N LEU D 118 -8.81 -23.13 1.33
CA LEU D 118 -8.46 -22.44 2.56
C LEU D 118 -9.36 -22.85 3.71
N ALA D 119 -10.64 -22.94 3.39
CA ALA D 119 -11.61 -23.33 4.40
C ALA D 119 -11.25 -24.71 4.96
N VAL D 120 -10.83 -25.63 4.07
CA VAL D 120 -10.45 -26.97 4.52
C VAL D 120 -9.17 -26.88 5.35
N SER D 121 -8.16 -26.16 4.82
CA SER D 121 -6.89 -25.96 5.48
C SER D 121 -7.07 -25.32 6.85
N ALA D 122 -7.98 -24.36 6.92
CA ALA D 122 -8.23 -23.69 8.17
C ALA D 122 -8.69 -24.66 9.28
N THR D 123 -9.27 -25.80 8.92
CA THR D 123 -9.73 -26.74 9.93
C THR D 123 -8.63 -27.67 10.45
N GLY D 124 -7.53 -27.71 9.72
CA GLY D 124 -6.45 -28.60 10.09
C GLY D 124 -6.47 -29.81 9.18
N ALA D 125 -7.63 -30.06 8.56
CA ALA D 125 -7.79 -31.17 7.62
C ALA D 125 -6.98 -30.91 6.35
N THR D 126 -6.88 -31.90 5.47
CA THR D 126 -6.11 -31.75 4.24
C THR D 126 -6.91 -31.80 2.93
N PRO D 127 -6.77 -30.78 2.09
CA PRO D 127 -7.48 -30.77 0.83
C PRO D 127 -6.79 -31.63 -0.21
N VAL D 128 -7.57 -32.43 -0.92
CA VAL D 128 -7.10 -33.32 -1.95
C VAL D 128 -7.83 -32.92 -3.22
N PRO D 129 -7.11 -32.31 -4.15
CA PRO D 129 -7.69 -31.83 -5.39
C PRO D 129 -8.09 -32.90 -6.38
N VAL D 130 -9.30 -32.73 -6.93
CA VAL D 130 -9.86 -33.64 -7.92
C VAL D 130 -10.26 -32.82 -9.15
N GLU D 131 -9.86 -33.29 -10.36
CA GLU D 131 -10.14 -32.63 -11.62
C GLU D 131 -11.61 -32.47 -11.99
N PRO D 132 -11.83 -31.45 -12.82
CA PRO D 132 -13.18 -31.18 -13.27
C PRO D 132 -13.50 -32.14 -14.43
N HIS D 133 -14.78 -32.22 -14.76
CA HIS D 133 -15.27 -33.03 -15.85
C HIS D 133 -14.72 -32.41 -17.14
N GLU D 134 -14.52 -33.18 -18.21
CA GLU D 134 -13.99 -32.69 -19.47
C GLU D 134 -14.87 -31.65 -20.15
N ASP D 135 -16.13 -31.61 -19.78
CA ASP D 135 -17.04 -30.66 -20.38
C ASP D 135 -17.68 -29.71 -19.37
N HIS D 136 -17.52 -29.99 -18.08
CA HIS D 136 -18.16 -29.18 -17.06
C HIS D 136 -17.15 -28.66 -16.05
N PRO D 137 -17.38 -27.44 -15.57
CA PRO D 137 -16.46 -26.86 -14.62
C PRO D 137 -16.51 -27.50 -13.25
N THR D 138 -17.34 -28.53 -13.08
CA THR D 138 -17.48 -29.17 -11.79
C THR D 138 -16.70 -30.46 -11.67
N LEU D 139 -16.44 -30.85 -10.40
CA LEU D 139 -15.71 -32.04 -9.97
C LEU D 139 -16.06 -33.30 -10.77
N ASP D 140 -15.08 -34.01 -11.33
CA ASP D 140 -15.43 -35.22 -12.07
C ASP D 140 -15.65 -36.40 -11.11
N PRO D 141 -16.90 -36.84 -10.95
CA PRO D 141 -17.19 -37.93 -10.04
C PRO D 141 -16.33 -39.17 -10.31
N LEU D 142 -16.04 -39.41 -11.57
CA LEU D 142 -15.23 -40.57 -11.88
C LEU D 142 -13.84 -40.42 -11.28
N LEU D 143 -13.36 -39.18 -11.14
CA LEU D 143 -12.05 -39.00 -10.58
C LEU D 143 -12.08 -38.92 -9.06
N VAL D 144 -13.20 -38.50 -8.54
CA VAL D 144 -13.35 -38.39 -7.11
C VAL D 144 -13.14 -39.77 -6.53
N GLU D 145 -13.84 -40.70 -7.16
CA GLU D 145 -13.80 -42.09 -6.78
C GLU D 145 -12.40 -42.56 -6.48
N LYS D 146 -11.50 -42.29 -7.41
CA LYS D 146 -10.11 -42.69 -7.29
C LYS D 146 -9.36 -42.02 -6.15
N ALA D 147 -9.70 -40.77 -5.87
CA ALA D 147 -9.05 -39.96 -4.86
C ALA D 147 -9.37 -40.32 -3.41
N ILE D 148 -10.33 -41.20 -3.22
CA ILE D 148 -10.72 -41.60 -1.89
C ILE D 148 -9.65 -42.35 -1.12
N THR D 149 -9.63 -42.17 0.18
CA THR D 149 -8.63 -42.84 1.00
C THR D 149 -9.21 -43.11 2.38
N PRO D 150 -8.47 -43.82 3.21
CA PRO D 150 -9.02 -44.08 4.52
C PRO D 150 -9.24 -42.79 5.28
N ARG D 151 -8.42 -41.81 4.97
CA ARG D 151 -8.46 -40.49 5.58
C ARG D 151 -9.63 -39.66 5.09
N THR D 152 -10.04 -39.86 3.85
CA THR D 152 -11.15 -39.10 3.30
C THR D 152 -12.29 -39.08 4.27
N ARG D 153 -12.73 -37.86 4.58
CA ARG D 153 -13.81 -37.60 5.52
C ARG D 153 -15.01 -36.93 4.84
N ALA D 154 -14.70 -36.15 3.79
CA ALA D 154 -15.72 -35.41 3.05
C ALA D 154 -15.33 -35.06 1.63
N LEU D 155 -16.37 -34.70 0.90
CA LEU D 155 -16.32 -34.25 -0.46
C LEU D 155 -16.77 -32.80 -0.41
N LEU D 156 -16.06 -31.92 -1.10
CA LEU D 156 -16.39 -30.50 -1.13
C LEU D 156 -16.53 -30.06 -2.57
N PRO D 157 -17.65 -30.42 -3.19
CA PRO D 157 -17.91 -30.06 -4.57
C PRO D 157 -18.23 -28.58 -4.63
N VAL D 158 -17.90 -27.93 -5.73
CA VAL D 158 -18.19 -26.51 -5.87
C VAL D 158 -19.11 -26.34 -7.06
N HIS D 159 -20.26 -25.70 -6.86
CA HIS D 159 -21.21 -25.49 -7.95
C HIS D 159 -20.76 -24.24 -8.71
N LEU D 160 -19.60 -24.40 -9.30
CA LEU D 160 -18.92 -23.33 -10.01
C LEU D 160 -19.68 -22.57 -11.09
N TYR D 161 -19.51 -21.24 -11.05
CA TYR D 161 -20.13 -20.33 -12.00
C TYR D 161 -21.66 -20.35 -11.98
N GLY D 162 -22.24 -21.11 -11.03
CA GLY D 162 -23.69 -21.19 -10.96
C GLY D 162 -24.19 -22.51 -11.55
N HIS D 163 -23.24 -23.42 -11.83
CA HIS D 163 -23.55 -24.74 -12.38
C HIS D 163 -23.40 -25.84 -11.36
N PRO D 164 -24.49 -26.55 -11.11
CA PRO D 164 -24.44 -27.61 -10.12
C PRO D 164 -23.61 -28.80 -10.55
N ALA D 165 -22.92 -29.35 -9.59
CA ALA D 165 -22.11 -30.52 -9.85
C ALA D 165 -23.06 -31.73 -9.91
N ASP D 166 -22.56 -32.88 -10.36
CA ASP D 166 -23.41 -34.09 -10.42
C ASP D 166 -23.71 -34.69 -9.02
N MET D 167 -24.67 -34.09 -8.31
CA MET D 167 -24.99 -34.51 -6.94
C MET D 167 -25.33 -35.97 -6.72
N ASP D 168 -26.04 -36.56 -7.67
CA ASP D 168 -26.42 -37.94 -7.52
C ASP D 168 -25.22 -38.86 -7.48
N ALA D 169 -24.27 -38.56 -8.35
CA ALA D 169 -23.06 -39.34 -8.45
C ALA D 169 -22.19 -39.15 -7.24
N LEU D 170 -22.15 -37.92 -6.77
CA LEU D 170 -21.34 -37.64 -5.62
C LEU D 170 -21.99 -38.19 -4.37
N ARG D 171 -23.30 -38.04 -4.26
CA ARG D 171 -23.97 -38.59 -3.10
C ARG D 171 -23.83 -40.11 -3.03
N GLU D 172 -23.89 -40.75 -4.19
CA GLU D 172 -23.73 -42.19 -4.21
C GLU D 172 -22.32 -42.56 -3.72
N LEU D 173 -21.29 -41.84 -4.17
CA LEU D 173 -19.93 -42.10 -3.73
C LEU D 173 -19.79 -41.85 -2.22
N ALA D 174 -20.38 -40.74 -1.81
CA ALA D 174 -20.32 -40.35 -0.42
C ALA D 174 -20.93 -41.42 0.47
N ASP D 175 -22.06 -41.95 0.04
CA ASP D 175 -22.75 -42.99 0.79
C ASP D 175 -21.89 -44.22 0.89
N ARG D 176 -21.44 -44.63 -0.27
CA ARG D 176 -20.64 -45.80 -0.31
C ARG D 176 -19.50 -45.73 0.65
N HIS D 177 -18.81 -44.61 0.68
CA HIS D 177 -17.67 -44.51 1.56
C HIS D 177 -17.87 -43.85 2.90
N GLY D 178 -19.11 -43.62 3.30
CA GLY D 178 -19.39 -42.97 4.58
C GLY D 178 -18.77 -41.57 4.70
N LEU D 179 -18.91 -40.74 3.68
CA LEU D 179 -18.34 -39.41 3.76
C LEU D 179 -19.39 -38.35 3.83
N HIS D 180 -18.99 -37.18 4.31
CA HIS D 180 -19.94 -36.09 4.33
C HIS D 180 -19.75 -35.31 3.06
N ILE D 181 -20.71 -34.47 2.74
CA ILE D 181 -20.58 -33.63 1.56
C ILE D 181 -20.95 -32.23 1.96
N VAL D 182 -19.98 -31.32 1.86
CA VAL D 182 -20.20 -29.90 2.16
C VAL D 182 -20.12 -29.18 0.83
N GLU D 183 -21.23 -28.66 0.36
CA GLU D 183 -21.17 -27.99 -0.94
C GLU D 183 -20.76 -26.54 -0.89
N ASP D 184 -19.99 -26.13 -1.87
CA ASP D 184 -19.62 -24.74 -1.94
C ASP D 184 -20.64 -24.16 -2.93
N ALA D 185 -21.71 -23.54 -2.40
CA ALA D 185 -22.76 -22.98 -3.25
C ALA D 185 -22.73 -21.44 -3.37
N ALA D 186 -21.58 -20.87 -3.07
CA ALA D 186 -21.35 -19.44 -3.09
C ALA D 186 -21.69 -18.79 -4.42
N GLN D 187 -21.59 -19.53 -5.51
CA GLN D 187 -21.89 -18.98 -6.83
C GLN D 187 -23.15 -19.61 -7.40
N ALA D 188 -23.98 -20.22 -6.53
CA ALA D 188 -25.16 -20.91 -7.03
C ALA D 188 -26.48 -20.71 -6.32
N HIS D 189 -26.68 -19.57 -5.68
CA HIS D 189 -27.95 -19.35 -5.00
C HIS D 189 -29.13 -19.55 -5.93
N GLY D 190 -30.06 -20.41 -5.53
CA GLY D 190 -31.26 -20.65 -6.31
C GLY D 190 -31.09 -21.63 -7.45
N ALA D 191 -29.90 -22.19 -7.64
CA ALA D 191 -29.78 -23.14 -8.72
C ALA D 191 -30.51 -24.44 -8.38
N ARG D 192 -30.84 -25.23 -9.40
CA ARG D 192 -31.52 -26.48 -9.15
C ARG D 192 -30.81 -27.64 -9.80
N TYR D 193 -30.86 -28.77 -9.12
CA TYR D 193 -30.26 -29.97 -9.62
C TYR D 193 -31.37 -30.99 -9.63
N ARG D 194 -31.73 -31.40 -10.83
CA ARG D 194 -32.80 -32.35 -10.98
C ARG D 194 -34.04 -31.84 -10.30
N GLY D 195 -34.35 -30.57 -10.44
CA GLY D 195 -35.55 -30.01 -9.84
C GLY D 195 -35.41 -29.46 -8.43
N ARG D 196 -34.47 -29.99 -7.67
CA ARG D 196 -34.33 -29.49 -6.33
C ARG D 196 -33.33 -28.36 -6.20
N ARG D 197 -33.63 -27.45 -5.29
CA ARG D 197 -32.76 -26.31 -5.07
C ARG D 197 -31.45 -26.74 -4.50
N ILE D 198 -30.41 -26.05 -4.86
CA ILE D 198 -29.13 -26.38 -4.26
C ILE D 198 -29.29 -26.07 -2.77
N GLY D 199 -28.93 -27.01 -1.90
CA GLY D 199 -29.09 -26.73 -0.47
C GLY D 199 -30.31 -27.45 0.10
N ALA D 200 -31.12 -28.00 -0.80
CA ALA D 200 -32.33 -28.74 -0.44
C ALA D 200 -32.14 -29.98 0.43
N GLY D 201 -33.17 -30.22 1.24
CA GLY D 201 -33.29 -31.36 2.14
C GLY D 201 -32.15 -31.69 3.08
N SER D 202 -31.51 -32.82 2.83
CA SER D 202 -30.43 -33.28 3.69
C SER D 202 -29.06 -32.73 3.31
N SER D 203 -29.04 -31.77 2.40
CA SER D 203 -27.77 -31.21 2.01
C SER D 203 -27.21 -30.34 3.13
N VAL D 204 -25.92 -30.08 2.99
CA VAL D 204 -25.13 -29.21 3.84
C VAL D 204 -24.48 -28.31 2.81
N ALA D 205 -24.94 -27.06 2.70
CA ALA D 205 -24.36 -26.16 1.70
C ALA D 205 -24.03 -24.77 2.23
N ALA D 206 -22.86 -24.30 1.83
CA ALA D 206 -22.35 -23.00 2.21
C ALA D 206 -22.48 -21.97 1.09
N PHE D 207 -22.98 -20.80 1.49
CA PHE D 207 -23.20 -19.69 0.61
C PHE D 207 -22.48 -18.42 1.07
N SER D 208 -22.20 -17.56 0.11
CA SER D 208 -21.57 -16.29 0.37
C SER D 208 -22.59 -15.25 -0.02
N PHE D 209 -22.64 -14.14 0.73
CA PHE D 209 -23.52 -13.01 0.46
C PHE D 209 -22.70 -11.76 0.13
N TYR D 210 -21.45 -12.01 -0.22
CA TYR D 210 -20.52 -10.97 -0.61
C TYR D 210 -21.28 -10.13 -1.66
N PRO D 211 -21.06 -8.82 -1.68
CA PRO D 211 -21.82 -7.98 -2.61
C PRO D 211 -21.98 -8.42 -4.05
N GLY D 212 -20.92 -8.98 -4.62
CA GLY D 212 -20.93 -9.41 -6.01
C GLY D 212 -21.47 -10.81 -6.30
N1 LLP D 213 -16.08 -20.13 -2.70
C2 LLP D 213 -16.57 -19.64 -3.81
C2' LLP D 213 -16.75 -20.58 -5.01
C3 LLP D 213 -16.93 -18.30 -3.90
O3 LLP D 213 -17.43 -17.79 -5.04
C4 LLP D 213 -16.77 -17.47 -2.79
C4' LLP D 213 -17.16 -16.05 -2.87
C5 LLP D 213 -16.22 -18.03 -1.62
C6 LLP D 213 -15.88 -19.37 -1.62
C5' LLP D 213 -15.96 -17.19 -0.38
OP4 LLP D 213 -17.13 -16.52 0.03
P LLP D 213 -16.71 -15.15 0.78
OP1 LLP D 213 -18.03 -14.47 1.38
OP2 LLP D 213 -16.01 -14.15 -0.24
OP3 LLP D 213 -15.71 -15.47 1.98
N LLP D 213 -22.04 -11.47 -5.28
CA LLP D 213 -22.61 -12.78 -5.52
CB LLP D 213 -22.66 -13.60 -4.23
CG LLP D 213 -21.28 -13.76 -3.57
CD LLP D 213 -20.22 -14.50 -4.39
CE LLP D 213 -18.85 -14.44 -3.73
NZ LLP D 213 -18.00 -15.64 -3.92
C LLP D 213 -24.01 -12.61 -6.09
O LLP D 213 -24.53 -11.51 -6.11
N ASN D 214 -24.62 -13.72 -6.54
CA ASN D 214 -25.95 -13.63 -7.09
C ASN D 214 -26.93 -13.07 -6.09
N LEU D 215 -26.73 -13.46 -4.84
CA LEU D 215 -27.53 -12.93 -3.74
C LEU D 215 -26.51 -12.19 -2.86
N GLY D 216 -26.48 -10.86 -2.89
CA GLY D 216 -25.48 -10.12 -2.11
C GLY D 216 -26.02 -8.96 -1.27
N CYS D 217 -25.21 -8.50 -0.34
CA CYS D 217 -25.61 -7.41 0.51
C CYS D 217 -24.65 -6.24 0.36
N PHE D 218 -24.46 -5.46 1.43
CA PHE D 218 -23.55 -4.31 1.38
C PHE D 218 -22.33 -4.49 2.26
N GLY D 219 -21.88 -5.74 2.40
CA GLY D 219 -20.72 -6.08 3.20
C GLY D 219 -20.47 -7.58 3.11
N ASP D 220 -19.70 -8.11 4.02
CA ASP D 220 -19.49 -9.53 3.97
C ASP D 220 -20.68 -10.23 4.60
N GLY D 221 -20.91 -11.48 4.21
CA GLY D 221 -21.99 -12.29 4.76
C GLY D 221 -22.00 -13.72 4.22
N GLY D 222 -22.64 -14.63 4.96
CA GLY D 222 -22.71 -16.00 4.49
C GLY D 222 -23.76 -16.78 5.28
N ALA D 223 -23.91 -18.04 4.87
CA ALA D 223 -24.84 -18.95 5.53
C ALA D 223 -24.58 -20.39 5.19
N VAL D 224 -24.94 -21.23 6.14
CA VAL D 224 -24.85 -22.64 5.95
C VAL D 224 -26.30 -23.08 6.01
N VAL D 225 -26.70 -23.96 5.11
CA VAL D 225 -28.07 -24.49 5.14
C VAL D 225 -27.97 -25.99 5.29
N THR D 226 -28.89 -26.54 6.07
CA THR D 226 -28.87 -27.97 6.31
C THR D 226 -30.21 -28.44 6.84
N GLY D 227 -30.43 -29.75 6.68
CA GLY D 227 -31.66 -30.38 7.13
C GLY D 227 -31.48 -30.95 8.53
N ASP D 228 -30.23 -30.94 8.98
CA ASP D 228 -29.86 -31.46 10.28
C ASP D 228 -29.95 -30.46 11.41
N PRO D 229 -30.83 -30.76 12.37
CA PRO D 229 -31.07 -29.96 13.55
C PRO D 229 -29.86 -29.88 14.49
N GLU D 230 -29.11 -30.97 14.58
CA GLU D 230 -27.94 -31.01 15.44
C GLU D 230 -26.83 -30.11 14.91
N LEU D 231 -26.58 -30.22 13.61
CA LEU D 231 -25.57 -29.42 12.95
C LEU D 231 -25.93 -27.94 13.06
N ALA D 232 -27.16 -27.66 12.73
CA ALA D 232 -27.61 -26.30 12.81
C ALA D 232 -27.29 -25.70 14.19
N GLU D 233 -27.55 -26.49 15.24
CA GLU D 233 -27.33 -26.07 16.62
C GLU D 233 -25.86 -25.85 16.92
N ARG D 234 -25.01 -26.74 16.40
CA ARG D 234 -23.59 -26.60 16.63
C ARG D 234 -23.10 -25.33 15.95
N LEU D 235 -23.67 -25.08 14.78
CA LEU D 235 -23.28 -23.92 14.01
C LEU D 235 -23.60 -22.64 14.75
N ARG D 236 -24.83 -22.52 15.24
CA ARG D 236 -25.24 -21.34 15.98
C ARG D 236 -24.30 -21.07 17.14
N MET D 237 -23.81 -22.15 17.74
CA MET D 237 -22.88 -22.01 18.86
C MET D 237 -21.49 -21.61 18.36
N LEU D 238 -21.01 -22.33 17.36
CA LEU D 238 -19.70 -22.05 16.80
C LEU D 238 -19.54 -20.59 16.36
N ARG D 239 -20.57 -20.03 15.77
CA ARG D 239 -20.52 -18.66 15.28
C ARG D 239 -20.67 -17.64 16.39
N ASN D 240 -20.96 -18.10 17.59
CA ASN D 240 -21.19 -17.19 18.69
C ASN D 240 -20.36 -17.53 19.91
N TYR D 241 -19.07 -17.70 19.71
CA TYR D 241 -18.23 -17.98 20.83
C TYR D 241 -18.56 -19.23 21.56
N GLY D 242 -19.17 -20.18 20.88
CA GLY D 242 -19.53 -21.45 21.51
C GLY D 242 -20.58 -21.31 22.59
N SER D 243 -21.37 -20.26 22.48
CA SER D 243 -22.42 -19.97 23.44
C SER D 243 -23.80 -19.96 22.84
N ARG D 244 -24.76 -20.47 23.62
CA ARG D 244 -26.15 -20.46 23.23
C ARG D 244 -26.94 -19.81 24.37
N GLN D 245 -26.18 -19.18 25.26
CA GLN D 245 -26.73 -18.50 26.40
C GLN D 245 -25.71 -17.62 27.11
N LYS D 246 -26.18 -16.46 27.51
CA LYS D 246 -25.36 -15.50 28.18
C LYS D 246 -24.57 -16.07 29.37
N TYR D 247 -23.28 -15.74 29.37
CA TYR D 247 -22.34 -16.17 30.37
C TYR D 247 -21.93 -17.60 30.22
N SER D 248 -22.53 -18.26 29.26
CA SER D 248 -22.18 -19.65 29.09
C SER D 248 -21.40 -19.87 27.82
N HIS D 249 -20.35 -20.68 27.91
CA HIS D 249 -19.50 -21.04 26.78
C HIS D 249 -19.23 -22.54 26.84
N GLU D 250 -20.09 -23.33 26.20
CA GLU D 250 -20.00 -24.78 26.18
C GLU D 250 -18.81 -25.33 25.40
N THR D 251 -18.41 -24.65 24.34
CA THR D 251 -17.29 -25.14 23.57
C THR D 251 -16.53 -23.96 23.05
N LYS D 252 -15.39 -24.23 22.43
CA LYS D 252 -14.63 -23.16 21.86
C LYS D 252 -15.35 -22.70 20.60
N GLY D 253 -15.49 -21.40 20.43
CA GLY D 253 -16.17 -20.87 19.28
C GLY D 253 -15.50 -19.63 18.71
N THR D 254 -16.14 -19.08 17.70
CA THR D 254 -15.64 -17.89 17.07
C THR D 254 -16.74 -16.88 16.96
N ASN D 255 -16.39 -15.81 16.25
CA ASN D 255 -17.31 -14.74 16.01
C ASN D 255 -17.49 -14.71 14.53
N SER D 256 -18.62 -15.20 14.07
CA SER D 256 -18.89 -15.19 12.65
C SER D 256 -20.37 -14.94 12.47
N ARG D 257 -20.74 -13.69 12.41
CA ARG D 257 -22.15 -13.44 12.32
C ARG D 257 -22.57 -12.58 11.16
N LEU D 258 -23.86 -12.68 10.84
CA LEU D 258 -24.47 -11.90 9.78
C LEU D 258 -25.25 -10.78 10.48
N ASP D 259 -24.85 -9.49 10.26
CA ASP D 259 -25.47 -8.31 10.88
C ASP D 259 -26.95 -8.12 10.52
N GLU D 260 -27.71 -7.52 11.44
CA GLU D 260 -29.14 -7.26 11.22
C GLU D 260 -29.33 -6.42 9.98
N MET D 261 -28.46 -5.43 9.82
CA MET D 261 -28.52 -4.53 8.66
C MET D 261 -28.45 -5.29 7.34
N GLN D 262 -27.44 -6.15 7.22
CA GLN D 262 -27.24 -6.93 6.02
C GLN D 262 -28.35 -7.96 5.86
N ALA D 263 -28.78 -8.52 7.00
CA ALA D 263 -29.86 -9.51 6.96
C ALA D 263 -31.10 -8.88 6.36
N ALA D 264 -31.39 -7.68 6.82
CA ALA D 264 -32.56 -6.94 6.37
C ALA D 264 -32.53 -6.68 4.87
N VAL D 265 -31.36 -6.37 4.37
CA VAL D 265 -31.23 -6.12 2.94
C VAL D 265 -31.39 -7.38 2.12
N LEU D 266 -30.82 -8.43 2.67
CA LEU D 266 -30.86 -9.70 2.00
C LEU D 266 -32.28 -10.22 1.87
N ARG D 267 -33.11 -9.92 2.86
CA ARG D 267 -34.47 -10.41 2.76
C ARG D 267 -35.17 -9.86 1.51
N ILE D 268 -34.85 -8.60 1.21
CA ILE D 268 -35.38 -7.95 0.02
C ILE D 268 -34.76 -8.60 -1.22
N ARG D 269 -33.44 -8.64 -1.26
CA ARG D 269 -32.77 -9.26 -2.39
C ARG D 269 -33.33 -10.64 -2.67
N LEU D 270 -33.51 -11.43 -1.61
CA LEU D 270 -34.04 -12.78 -1.73
C LEU D 270 -35.33 -12.80 -2.55
N ALA D 271 -36.26 -11.92 -2.18
CA ALA D 271 -37.55 -11.79 -2.85
C ALA D 271 -37.35 -11.56 -4.32
N HIS D 272 -36.20 -11.05 -4.73
CA HIS D 272 -35.98 -10.81 -6.14
C HIS D 272 -35.02 -11.78 -6.84
N LEU D 273 -34.49 -12.71 -6.06
CA LEU D 273 -33.52 -13.66 -6.57
C LEU D 273 -33.89 -14.44 -7.81
N ASP D 274 -35.01 -15.14 -7.78
CA ASP D 274 -35.38 -15.89 -8.96
C ASP D 274 -35.53 -14.98 -10.16
N SER D 275 -36.06 -13.82 -9.92
CA SER D 275 -36.24 -12.89 -11.00
C SER D 275 -34.89 -12.51 -11.56
N TRP D 276 -34.03 -12.11 -10.65
CA TRP D 276 -32.71 -11.68 -11.08
C TRP D 276 -31.98 -12.78 -11.82
N ASN D 277 -32.05 -13.99 -11.25
CA ASN D 277 -31.42 -15.14 -11.86
C ASN D 277 -31.97 -15.32 -13.26
N GLY D 278 -33.28 -15.11 -13.37
CA GLY D 278 -33.95 -15.21 -14.66
C GLY D 278 -33.31 -14.28 -15.69
N ARG D 279 -33.01 -13.06 -15.27
CA ARG D 279 -32.39 -12.15 -16.21
C ARG D 279 -31.08 -12.70 -16.67
N ARG D 280 -30.31 -13.27 -15.73
CA ARG D 280 -29.01 -13.85 -16.05
C ARG D 280 -29.14 -14.97 -17.11
N SER D 281 -30.17 -15.81 -16.97
CA SER D 281 -30.39 -16.93 -17.88
C SER D 281 -30.67 -16.44 -19.28
N ALA D 282 -31.45 -15.35 -19.33
CA ALA D 282 -31.80 -14.73 -20.60
C ALA D 282 -30.53 -14.24 -21.29
N LEU D 283 -29.63 -13.62 -20.51
CA LEU D 283 -28.37 -13.14 -21.06
C LEU D 283 -27.50 -14.30 -21.52
N ALA D 284 -27.46 -15.31 -20.68
CA ALA D 284 -26.70 -16.51 -20.99
C ALA D 284 -27.22 -17.02 -22.34
N ALA D 285 -28.55 -17.10 -22.49
CA ALA D 285 -29.13 -17.56 -23.75
C ALA D 285 -28.64 -16.75 -24.93
N GLU D 286 -28.68 -15.43 -24.79
CA GLU D 286 -28.24 -14.54 -25.85
C GLU D 286 -26.79 -14.83 -26.21
N TYR D 287 -25.98 -15.00 -25.16
CA TYR D 287 -24.60 -15.27 -25.42
C TYR D 287 -24.35 -16.56 -26.21
N LEU D 288 -25.02 -17.60 -25.78
CA LEU D 288 -24.86 -18.90 -26.38
C LEU D 288 -25.25 -18.93 -27.85
N SER D 289 -26.32 -18.22 -28.13
CA SER D 289 -26.78 -18.15 -29.48
C SER D 289 -25.86 -17.26 -30.28
N GLY D 290 -25.63 -16.09 -29.72
CA GLY D 290 -24.82 -15.13 -30.41
C GLY D 290 -23.37 -15.53 -30.58
N LEU D 291 -22.86 -16.39 -29.71
CA LEU D 291 -21.45 -16.79 -29.81
C LEU D 291 -21.27 -18.16 -30.43
N ALA D 292 -22.39 -18.72 -30.87
CA ALA D 292 -22.37 -20.05 -31.47
C ALA D 292 -21.51 -20.18 -32.73
N GLY D 293 -20.84 -21.35 -32.85
CA GLY D 293 -20.00 -21.71 -33.98
C GLY D 293 -18.85 -20.78 -34.31
N LEU D 294 -18.31 -20.11 -33.31
CA LEU D 294 -17.18 -19.22 -33.51
C LEU D 294 -15.89 -19.96 -33.29
N PRO D 295 -14.95 -19.70 -34.18
CA PRO D 295 -13.64 -20.32 -34.11
C PRO D 295 -12.91 -19.94 -32.83
N GLY D 296 -12.35 -20.96 -32.19
CA GLY D 296 -11.57 -20.81 -30.98
C GLY D 296 -12.31 -20.35 -29.74
N ILE D 297 -13.63 -20.23 -29.82
CA ILE D 297 -14.40 -19.80 -28.68
C ILE D 297 -15.21 -20.94 -28.04
N GLY D 298 -14.72 -21.49 -26.92
CA GLY D 298 -15.37 -22.59 -26.19
C GLY D 298 -16.43 -22.04 -25.23
N LEU D 299 -17.66 -22.52 -25.40
CA LEU D 299 -18.83 -22.10 -24.65
C LEU D 299 -19.14 -23.00 -23.48
N PRO D 300 -19.86 -22.45 -22.51
CA PRO D 300 -20.26 -23.17 -21.31
C PRO D 300 -21.33 -24.17 -21.64
N VAL D 301 -21.16 -25.37 -21.09
CA VAL D 301 -22.09 -26.46 -21.30
C VAL D 301 -23.02 -26.63 -20.11
N THR D 302 -24.32 -26.67 -20.37
CA THR D 302 -25.22 -26.85 -19.25
C THR D 302 -25.46 -28.32 -19.06
N ALA D 303 -25.18 -28.80 -17.87
CA ALA D 303 -25.39 -30.21 -17.60
C ALA D 303 -26.87 -30.55 -17.60
N PRO D 304 -27.18 -31.74 -18.09
CA PRO D 304 -28.55 -32.19 -18.16
C PRO D 304 -29.17 -32.26 -16.78
N ASP D 305 -30.45 -31.89 -16.71
CA ASP D 305 -31.16 -31.94 -15.46
C ASP D 305 -30.71 -30.91 -14.42
N THR D 306 -30.28 -29.75 -14.88
CA THR D 306 -29.86 -28.71 -13.95
C THR D 306 -30.39 -27.39 -14.45
N ASP D 307 -30.57 -26.47 -13.52
CA ASP D 307 -31.00 -25.13 -13.83
C ASP D 307 -29.95 -24.20 -13.26
N PRO D 308 -28.94 -23.91 -14.04
CA PRO D 308 -27.85 -23.04 -13.58
C PRO D 308 -28.33 -21.61 -13.33
N VAL D 309 -27.60 -20.86 -12.51
CA VAL D 309 -27.94 -19.49 -12.22
C VAL D 309 -26.97 -18.46 -12.77
N TRP D 310 -26.00 -18.94 -13.53
CA TRP D 310 -25.07 -18.07 -14.20
C TRP D 310 -24.44 -16.92 -13.43
N HIS D 311 -23.79 -17.24 -12.32
CA HIS D 311 -23.10 -16.25 -11.52
C HIS D 311 -22.03 -15.64 -12.42
N LEU D 312 -21.44 -16.51 -13.25
CA LEU D 312 -20.41 -16.10 -14.22
C LEU D 312 -20.64 -16.73 -15.61
N PHE D 313 -20.47 -15.93 -16.68
CA PHE D 313 -20.61 -16.44 -18.04
C PHE D 313 -19.20 -16.61 -18.57
N THR D 314 -18.74 -17.86 -18.64
CA THR D 314 -17.38 -18.08 -19.05
C THR D 314 -17.21 -18.74 -20.40
N VAL D 315 -16.19 -18.24 -21.10
CA VAL D 315 -15.76 -18.71 -22.40
C VAL D 315 -14.29 -19.08 -22.30
N ARG D 316 -13.87 -20.04 -23.12
CA ARG D 316 -12.49 -20.47 -23.11
C ARG D 316 -11.84 -20.29 -24.47
N THR D 317 -10.57 -19.91 -24.45
CA THR D 317 -9.89 -19.76 -25.72
C THR D 317 -8.41 -19.82 -25.54
N GLU D 318 -7.71 -20.14 -26.61
CA GLU D 318 -6.27 -20.11 -26.54
C GLU D 318 -6.06 -18.66 -26.95
N ARG D 319 -5.16 -17.95 -26.32
CA ARG D 319 -4.94 -16.54 -26.60
C ARG D 319 -5.96 -15.73 -25.79
N ARG D 320 -6.17 -16.18 -24.56
CA ARG D 320 -7.10 -15.52 -23.68
C ARG D 320 -6.72 -14.08 -23.36
N ASP D 321 -5.46 -13.88 -22.98
CA ASP D 321 -5.03 -12.52 -22.64
C ASP D 321 -5.23 -11.56 -23.78
N GLU D 322 -5.11 -12.09 -25.00
CA GLU D 322 -5.30 -11.30 -26.19
C GLU D 322 -6.77 -10.91 -26.36
N LEU D 323 -7.67 -11.84 -26.07
CA LEU D 323 -9.09 -11.57 -26.21
C LEU D 323 -9.51 -10.50 -25.22
N ARG D 324 -8.94 -10.63 -24.02
CA ARG D 324 -9.17 -9.71 -22.91
C ARG D 324 -8.81 -8.27 -23.31
N SER D 325 -7.61 -8.12 -23.90
CA SER D 325 -7.17 -6.81 -24.37
C SER D 325 -8.11 -6.28 -25.46
N HIS D 326 -8.47 -7.15 -26.38
CA HIS D 326 -9.35 -6.72 -27.44
C HIS D 326 -10.63 -6.14 -26.87
N LEU D 327 -11.26 -6.89 -25.98
CA LEU D 327 -12.48 -6.41 -25.38
C LEU D 327 -12.22 -5.14 -24.57
N ASP D 328 -11.08 -5.09 -23.85
CA ASP D 328 -10.73 -3.93 -23.05
C ASP D 328 -10.71 -2.74 -23.98
N ALA D 329 -9.93 -2.90 -25.07
CA ALA D 329 -9.77 -1.90 -26.11
C ALA D 329 -11.12 -1.52 -26.70
N ARG D 330 -12.07 -2.44 -26.61
CA ARG D 330 -13.41 -2.22 -27.13
C ARG D 330 -14.35 -1.65 -26.07
N GLY D 331 -13.79 -1.28 -24.91
CA GLY D 331 -14.63 -0.73 -23.85
C GLY D 331 -15.46 -1.76 -23.09
N ILE D 332 -14.99 -3.00 -23.07
CA ILE D 332 -15.70 -4.05 -22.38
C ILE D 332 -14.85 -4.60 -21.22
N ASP D 333 -15.43 -4.48 -20.02
CA ASP D 333 -14.80 -4.96 -18.81
C ASP D 333 -14.98 -6.47 -18.71
N THR D 334 -13.90 -7.18 -18.37
CA THR D 334 -13.95 -8.62 -18.19
C THR D 334 -13.16 -8.95 -16.94
N LEU D 335 -13.25 -10.20 -16.52
CA LEU D 335 -12.54 -10.70 -15.36
C LEU D 335 -12.17 -12.14 -15.69
N THR D 336 -11.16 -12.65 -14.99
CA THR D 336 -10.70 -14.00 -15.18
C THR D 336 -10.86 -14.75 -13.89
N HIS D 337 -11.66 -15.81 -13.96
CA HIS D 337 -11.95 -16.66 -12.83
C HIS D 337 -11.54 -18.08 -13.13
N TYR D 338 -10.31 -18.48 -12.82
CA TYR D 338 -9.25 -17.69 -12.17
C TYR D 338 -7.96 -17.88 -12.97
N PRO D 339 -7.12 -16.85 -12.96
CA PRO D 339 -5.88 -16.89 -13.70
C PRO D 339 -4.84 -17.85 -13.11
N VAL D 340 -4.90 -18.14 -11.82
CA VAL D 340 -3.94 -19.07 -11.24
C VAL D 340 -4.65 -20.30 -10.65
N PRO D 341 -4.28 -21.50 -11.11
CA PRO D 341 -4.92 -22.69 -10.56
C PRO D 341 -4.46 -22.80 -9.12
N VAL D 342 -5.41 -23.00 -8.22
CA VAL D 342 -5.09 -23.08 -6.81
C VAL D 342 -3.76 -23.78 -6.51
N HIS D 343 -3.56 -24.95 -7.12
CA HIS D 343 -2.35 -25.74 -6.90
C HIS D 343 -1.09 -24.97 -7.15
N LEU D 344 -1.21 -24.03 -8.07
CA LEU D 344 -0.07 -23.22 -8.41
C LEU D 344 0.05 -21.91 -7.63
N SER D 345 -0.85 -21.65 -6.69
CA SER D 345 -0.70 -20.39 -5.98
C SER D 345 0.38 -20.49 -4.89
N PRO D 346 1.08 -19.39 -4.67
CA PRO D 346 2.12 -19.35 -3.69
C PRO D 346 1.61 -19.76 -2.34
N ALA D 347 0.35 -19.51 -2.12
CA ALA D 347 -0.24 -19.85 -0.84
C ALA D 347 -0.25 -21.34 -0.56
N TYR D 348 -0.17 -22.17 -1.62
CA TYR D 348 -0.18 -23.62 -1.43
C TYR D 348 1.14 -24.22 -1.90
N ALA D 349 2.12 -23.33 -2.02
CA ALA D 349 3.44 -23.72 -2.46
C ALA D 349 4.04 -24.81 -1.60
N GLY D 350 4.63 -25.76 -2.31
CA GLY D 350 5.27 -26.93 -1.72
C GLY D 350 4.30 -27.76 -0.91
N GLU D 351 3.03 -27.73 -1.29
CA GLU D 351 2.01 -28.47 -0.57
C GLU D 351 1.08 -29.22 -1.49
N ALA D 352 0.94 -28.73 -2.71
CA ALA D 352 0.04 -29.32 -3.68
C ALA D 352 0.77 -30.01 -4.82
N PRO D 353 0.01 -30.70 -5.68
CA PRO D 353 0.60 -31.37 -6.80
C PRO D 353 1.34 -30.41 -7.70
N PRO D 354 2.47 -30.89 -8.19
CA PRO D 354 3.33 -30.15 -9.07
C PRO D 354 2.65 -29.75 -10.36
N GLU D 355 3.16 -28.70 -10.98
CA GLU D 355 2.61 -28.25 -12.22
C GLU D 355 2.64 -29.37 -13.22
N GLY D 356 1.57 -29.49 -13.99
CA GLY D 356 1.48 -30.54 -14.97
C GLY D 356 0.68 -31.70 -14.44
N SER D 357 0.55 -31.81 -13.12
CA SER D 357 -0.23 -32.91 -12.57
C SER D 357 -1.74 -32.66 -12.59
N LEU D 358 -2.13 -31.40 -12.75
CA LEU D 358 -3.53 -31.03 -12.79
C LEU D 358 -3.83 -30.25 -14.08
N PRO D 359 -3.54 -30.90 -15.19
CA PRO D 359 -3.72 -30.32 -16.51
C PRO D 359 -5.07 -29.67 -16.76
N ARG D 360 -6.15 -30.27 -16.30
CA ARG D 360 -7.46 -29.66 -16.54
C ARG D 360 -7.60 -28.29 -15.87
N ALA D 361 -7.18 -28.21 -14.60
CA ALA D 361 -7.26 -26.96 -13.86
C ALA D 361 -6.27 -25.99 -14.47
N GLU D 362 -5.15 -26.56 -14.92
CA GLU D 362 -4.12 -25.77 -15.53
C GLU D 362 -4.60 -25.18 -16.84
N SER D 363 -5.26 -25.99 -17.65
CA SER D 363 -5.77 -25.48 -18.91
C SER D 363 -6.89 -24.44 -18.79
N PHE D 364 -7.77 -24.66 -17.81
CA PHE D 364 -8.89 -23.74 -17.53
C PHE D 364 -8.32 -22.38 -17.14
N ALA D 365 -7.30 -22.42 -16.26
CA ALA D 365 -6.65 -21.21 -15.77
C ALA D 365 -6.10 -20.37 -16.90
N ARG D 366 -5.50 -21.05 -17.88
CA ARG D 366 -4.94 -20.29 -18.99
C ARG D 366 -5.90 -19.88 -20.12
N GLN D 367 -7.10 -20.46 -20.19
CA GLN D 367 -7.97 -20.11 -21.29
C GLN D 367 -9.26 -19.43 -20.95
N VAL D 368 -9.61 -19.48 -19.69
CA VAL D 368 -10.89 -18.93 -19.30
C VAL D 368 -10.97 -17.42 -19.18
N LEU D 369 -12.15 -16.92 -19.52
CA LEU D 369 -12.46 -15.51 -19.43
C LEU D 369 -13.94 -15.35 -19.10
N SER D 370 -14.27 -14.38 -18.24
CA SER D 370 -15.66 -14.15 -17.90
C SER D 370 -16.20 -12.92 -18.64
N LEU D 371 -17.41 -13.01 -19.25
CA LEU D 371 -18.03 -11.88 -19.95
C LEU D 371 -19.05 -11.19 -19.04
N PRO D 372 -19.25 -9.88 -19.22
CA PRO D 372 -20.23 -9.19 -18.39
C PRO D 372 -21.54 -9.93 -18.38
N ILE D 373 -22.14 -9.99 -17.20
CA ILE D 373 -23.43 -10.66 -17.00
C ILE D 373 -23.94 -10.22 -15.65
N GLY D 374 -25.26 -10.05 -15.53
CA GLY D 374 -25.86 -9.62 -14.29
C GLY D 374 -27.30 -9.21 -14.50
N PRO D 375 -28.10 -9.17 -13.43
CA PRO D 375 -29.48 -8.80 -13.58
C PRO D 375 -29.64 -7.33 -13.95
N HIS D 376 -28.55 -6.62 -14.19
CA HIS D 376 -28.62 -5.19 -14.54
C HIS D 376 -27.92 -4.86 -15.86
N LEU D 377 -27.54 -5.91 -16.58
CA LEU D 377 -26.90 -5.78 -17.88
C LEU D 377 -27.98 -5.81 -18.95
N GLU D 378 -27.99 -4.84 -19.84
CA GLU D 378 -29.01 -4.81 -20.87
C GLU D 378 -28.61 -5.44 -22.18
N ARG D 379 -29.65 -5.83 -22.92
CA ARG D 379 -29.47 -6.47 -24.21
C ARG D 379 -28.38 -5.80 -25.08
N PRO D 380 -28.54 -4.51 -25.28
CA PRO D 380 -27.61 -3.79 -26.11
C PRO D 380 -26.16 -3.97 -25.67
N GLN D 381 -25.94 -3.96 -24.37
CA GLN D 381 -24.58 -4.11 -23.85
C GLN D 381 -24.05 -5.50 -24.18
N ALA D 382 -24.93 -6.46 -24.02
CA ALA D 382 -24.57 -7.81 -24.30
C ALA D 382 -24.24 -7.95 -25.76
N LEU D 383 -25.15 -7.42 -26.57
CA LEU D 383 -24.94 -7.51 -28.00
C LEU D 383 -23.60 -6.92 -28.38
N ARG D 384 -23.28 -5.82 -27.71
CA ARG D 384 -22.02 -5.13 -27.92
C ARG D 384 -20.87 -6.10 -27.60
N VAL D 385 -21.00 -6.83 -26.49
CA VAL D 385 -19.96 -7.79 -26.10
C VAL D 385 -19.79 -8.84 -27.20
N ILE D 386 -20.95 -9.34 -27.69
CA ILE D 386 -20.97 -10.36 -28.75
C ILE D 386 -20.21 -9.89 -29.99
N ASP D 387 -20.56 -8.67 -30.40
CA ASP D 387 -19.94 -8.06 -31.54
C ASP D 387 -18.44 -8.12 -31.37
N ALA D 388 -17.95 -7.61 -30.22
CA ALA D 388 -16.51 -7.60 -30.02
C ALA D 388 -15.90 -8.98 -29.95
N VAL D 389 -16.67 -9.94 -29.42
CA VAL D 389 -16.14 -11.29 -29.33
C VAL D 389 -16.01 -11.91 -30.72
N ARG D 390 -17.09 -11.72 -31.50
CA ARG D 390 -17.21 -12.20 -32.88
C ARG D 390 -16.05 -11.68 -33.72
N GLU D 391 -15.92 -10.36 -33.69
CA GLU D 391 -14.90 -9.69 -34.44
C GLU D 391 -13.51 -10.22 -34.10
N TRP D 392 -13.25 -10.48 -32.84
CA TRP D 392 -11.93 -10.98 -32.55
C TRP D 392 -11.75 -12.39 -33.07
N ALA D 393 -12.81 -13.16 -32.92
CA ALA D 393 -12.79 -14.54 -33.34
C ALA D 393 -12.60 -14.74 -34.83
N GLU D 394 -13.25 -13.88 -35.61
CA GLU D 394 -13.15 -13.94 -37.06
C GLU D 394 -11.96 -13.18 -37.62
N ARG D 395 -11.55 -12.14 -36.89
CA ARG D 395 -10.43 -11.29 -37.25
C ARG D 395 -9.21 -11.76 -36.49
CL CL E . 4.83 17.98 -0.44
CL CL F . 14.27 9.13 8.93
NA NA G . 12.44 15.78 -11.23
C1 EDO H . 12.25 20.79 -32.82
O1 EDO H . 10.96 20.76 -33.29
C2 EDO H . 13.14 21.51 -33.86
O2 EDO H . 13.00 20.90 -35.07
C1 EDO I . -7.42 -0.30 -23.30
O1 EDO I . -6.64 -1.21 -23.94
C2 EDO I . -6.52 0.78 -22.58
O2 EDO I . -5.20 0.47 -22.74
C1 EDO J . 10.62 -8.93 -35.17
O1 EDO J . 9.77 -8.62 -34.16
C2 EDO J . 12.08 -8.65 -34.71
O2 EDO J . 12.47 -9.64 -33.87
C1 EDO K . 5.46 15.94 -27.76
O1 EDO K . 4.39 15.78 -28.58
C2 EDO K . 4.99 15.78 -26.28
O2 EDO K . 4.80 14.46 -26.01
C1 EDO L . 11.41 9.07 6.11
O1 EDO L . 11.60 10.10 6.98
C2 EDO L . 11.64 9.58 4.65
O2 EDO L . 12.89 9.24 4.24
C1 EDO M . 17.28 11.94 -23.00
O1 EDO M . 15.96 11.74 -23.29
C2 EDO M . 17.41 12.94 -21.81
O2 EDO M . 17.02 12.31 -20.66
C1 EDO N . 0.79 28.35 -13.93
O1 EDO N . 1.03 29.70 -13.95
C2 EDO N . -0.55 28.07 -14.69
O2 EDO N . -1.34 27.28 -13.89
CL CL O . 13.17 20.91 -23.24
CL CL P . 23.14 9.80 -28.67
C1 EDO Q . 1.90 19.91 9.09
O1 EDO Q . 2.06 20.36 10.36
C2 EDO Q . 2.84 20.72 8.14
O2 EDO Q . 2.77 22.05 8.46
C1 EDO R . 8.95 26.58 3.54
O1 EDO R . 9.12 27.82 4.09
C2 EDO R . 9.41 26.60 2.05
O2 EDO R . 10.76 26.61 2.00
C1 EDO S . 19.13 12.98 -30.31
O1 EDO S . 18.48 14.11 -29.93
C2 EDO S . 19.27 12.03 -29.09
O2 EDO S . 20.57 11.66 -28.95
CL CL T . -17.69 -3.62 -3.18
CL CL U . -8.00 -15.92 -7.44
NA NA V . -19.19 -8.41 9.07
C1 EDO W . -21.44 -3.37 27.15
O1 EDO W . -20.50 -3.86 27.99
C2 EDO W . -22.83 -4.02 27.47
O2 EDO W . -23.09 -4.99 26.55
C1 EDO X . 2.28 3.76 24.99
O1 EDO X . 3.19 3.54 25.98
C2 EDO X . 0.85 3.45 25.54
O2 EDO X . 0.78 2.13 25.90
C1 EDO Y . -31.08 4.90 4.78
O1 EDO Y . -31.67 4.64 5.97
C2 EDO Y . -29.85 5.83 5.00
O2 EDO Y . -29.84 6.27 6.29
C1 EDO Z . -30.03 11.10 5.01
O1 EDO Z . -28.69 11.07 4.86
C2 EDO Z . -30.64 9.83 4.32
O2 EDO Z . -31.27 9.07 5.26
C1 EDO AA . -11.51 -13.11 -9.30
O1 EDO AA . -12.45 -12.13 -9.43
C2 EDO AA . -11.14 -13.26 -7.80
O2 EDO AA . -9.82 -13.55 -7.73
CL CL BA . -27.14 -5.37 19.26
CL CL CA . -19.01 -14.59 29.67
C1 EDO DA . -16.51 -2.78 -13.37
O1 EDO DA . -16.28 -3.61 -14.42
C2 EDO DA . -17.46 -3.50 -12.38
O2 EDO DA . -18.67 -3.64 -12.96
C1 EDO EA . -25.58 -7.60 -7.87
O1 EDO EA . -26.15 -8.33 -8.86
C2 EDO EA . -25.18 -8.54 -6.69
O2 EDO EA . -26.28 -9.20 -6.23
C1 EDO FA . -20.19 -32.91 -14.52
O1 EDO FA . -20.12 -33.97 -13.67
C2 EDO FA . -21.49 -33.04 -15.35
O2 EDO FA . -22.53 -33.24 -14.49
C1 EDO GA . -20.67 -1.00 -8.08
O1 EDO GA . -21.11 0.29 -8.02
C2 EDO GA . -20.49 -1.38 -9.58
O2 EDO GA . -20.21 -2.71 -9.67
C1 EDO HA . -37.28 -21.16 -9.93
O1 EDO HA . -37.12 -22.03 -8.90
C2 EDO HA . -36.25 -21.51 -11.06
O2 EDO HA . -35.51 -22.60 -10.73
C1 EDO IA . -14.65 -15.02 -6.99
O1 EDO IA . -15.12 -16.28 -6.89
C2 EDO IA . -14.15 -14.54 -5.58
O2 EDO IA . -14.87 -13.46 -5.18
#